data_6L3R
#
_entry.id   6L3R
#
_cell.length_a   106.860
_cell.length_b   108.400
_cell.length_c   130.100
_cell.angle_alpha   90.000
_cell.angle_beta   90.000
_cell.angle_gamma   90.000
#
_symmetry.space_group_name_H-M   'P 21 21 21'
#
loop_
_entity.id
_entity.type
_entity.pdbx_description
1 polymer 'Ribonucleoside-diphosphate reductase large subunit'
2 non-polymer "THYMIDINE-5'-TRIPHOSPHATE"
3 non-polymer 'MAGNESIUM ION'
4 non-polymer 4-bromo-N-((1S,2R)-2-(naphthalen-1-yl)-1-(5-oxo-4,5-dihydro-1,3,4-oxadiazol-2-yl)propyl)benzenesulfonamide
5 non-polymer 'ACETATE ION'
6 non-polymer 'SULFATE ION'
7 water water
#
_entity_poly.entity_id   1
_entity_poly.type   'polypeptide(L)'
_entity_poly.pdbx_seq_one_letter_code
;GAILAARIAVSNLHKETKKVFSDVMEDLYNYINPHNGKHSPMVAKSTLDIVLANKDRLNSAIIYDRDFSYNYFGFKTLER
SYLLKINGKVAERPQHMLMRVSVGIHKEDIDAAIETYNLLSERWFTHASPTLFNAGTNRPQLSSCFLLSMKDDSIEGIYD
TLKQCALISKSAGGIGVAVSCIRATGSYIAGTNGNSNGLVPMLRVYNNTARYVDQGGNKRPGAFAIYLEPWHLDIFEFLD
LKKNTGKEEQRARDLFFALWIPDLFMKRVETNQDWSLMCPNECPGLDEVWGEEFEKLYASYEKQGRVRKVVKAQQLWYAI
IESQTETGTPYMLYKDSCNRKSNQQNLGTIKCSNLCTEIVEYTSKDEVAVCNLASLALNMYVTSEHTYDFKKLAEVTKVV
VRNLNKIIDINYYPVPEACLSNKRHRPIGIGVQGLADAFILMRYPFESAEAQLLNKQIFETIYYGALEASCDLAKEQGPY
ETYEGSPVSKGILQYDMWNVTPTDLWDWKVLKEKIAKYGIRNSLLIAPMPTASTAQILGNNESIEPYTSNIYTRRVLSGE
FQIVNPHLLKDLTERGLWHEEMKNQIIACNGSIQSIPEIPDDLKQLYKTVWEISQKTVLKMAAERGAFIDQSQSLNIHIA
EPNYGKLTSMHFYGWKQGLKTGMYYLRTR
;
_entity_poly.pdbx_strand_id   A,E
#
loop_
_chem_comp.id
_chem_comp.type
_chem_comp.name
_chem_comp.formula
ACT non-polymer 'ACETATE ION' 'C2 H3 O2 -1'
E4X non-polymer 4-bromo-N-((1S,2R)-2-(naphthalen-1-yl)-1-(5-oxo-4,5-dihydro-1,3,4-oxadiazol-2-yl)propyl)benzenesulfonamide 'C21 H18 Br N3 O4 S'
MG non-polymer 'MAGNESIUM ION' 'Mg 2'
SO4 non-polymer 'SULFATE ION' 'O4 S -2'
TTP non-polymer THYMIDINE-5'-TRIPHOSPHATE 'C10 H17 N2 O14 P3'
#
# COMPACT_ATOMS: atom_id res chain seq x y z
N ALA A 2 -1.49 -4.45 -47.03
CA ALA A 2 -2.41 -4.17 -45.86
C ALA A 2 -3.79 -3.61 -46.20
N ILE A 3 -3.94 -3.02 -47.38
CA ILE A 3 -5.20 -2.44 -47.78
C ILE A 3 -6.23 -3.55 -48.06
N LEU A 4 -5.79 -4.64 -48.71
CA LEU A 4 -6.69 -5.74 -49.03
C LEU A 4 -6.98 -6.50 -47.75
N ALA A 5 -5.93 -6.74 -46.96
CA ALA A 5 -6.06 -7.38 -45.63
C ALA A 5 -7.20 -6.80 -44.74
N ALA A 6 -7.25 -5.48 -44.72
CA ALA A 6 -8.20 -4.73 -43.90
C ALA A 6 -9.60 -5.01 -44.38
N ARG A 7 -9.83 -4.87 -45.69
CA ARG A 7 -11.14 -5.19 -46.27
C ARG A 7 -11.58 -6.63 -45.93
N ILE A 8 -10.69 -7.60 -46.06
CA ILE A 8 -11.05 -9.02 -45.84
C ILE A 8 -11.47 -9.20 -44.38
N ALA A 9 -10.64 -8.67 -43.47
CA ALA A 9 -10.93 -8.68 -42.03
C ALA A 9 -12.27 -8.01 -41.62
N VAL A 10 -12.63 -6.88 -42.24
CA VAL A 10 -13.93 -6.27 -41.99
C VAL A 10 -15.05 -7.16 -42.56
N SER A 11 -14.80 -7.67 -43.76
CA SER A 11 -15.76 -8.54 -44.43
C SER A 11 -16.00 -9.81 -43.57
N ASN A 12 -14.93 -10.44 -43.12
CA ASN A 12 -14.96 -11.54 -42.12
C ASN A 12 -15.75 -11.22 -40.85
N LEU A 13 -15.52 -10.04 -40.28
CA LEU A 13 -16.26 -9.66 -39.09
C LEU A 13 -17.72 -9.50 -39.38
N HIS A 14 -18.05 -8.93 -40.53
CA HIS A 14 -19.46 -8.77 -40.91
C HIS A 14 -20.14 -10.15 -41.05
N LYS A 15 -19.41 -11.04 -41.70
CA LYS A 15 -19.81 -12.48 -41.87
C LYS A 15 -20.08 -13.09 -40.52
N GLU A 16 -19.24 -12.75 -39.53
CA GLU A 16 -19.29 -13.33 -38.20
C GLU A 16 -19.99 -12.53 -37.15
N THR A 17 -20.87 -11.62 -37.53
CA THR A 17 -21.63 -10.86 -36.55
C THR A 17 -23.01 -10.62 -37.06
N LYS A 18 -23.91 -10.32 -36.15
CA LYS A 18 -25.25 -9.95 -36.59
C LYS A 18 -25.25 -8.57 -37.27
N LYS A 19 -26.21 -8.37 -38.16
CA LYS A 19 -26.32 -7.13 -38.86
C LYS A 19 -27.06 -6.10 -38.02
N VAL A 20 -28.14 -6.49 -37.37
CA VAL A 20 -29.05 -5.52 -36.77
C VAL A 20 -28.61 -5.09 -35.39
N PHE A 21 -28.51 -3.77 -35.21
CA PHE A 21 -27.91 -3.20 -34.03
C PHE A 21 -28.72 -3.59 -32.80
N SER A 22 -30.04 -3.34 -32.82
CA SER A 22 -30.90 -3.69 -31.67
C SER A 22 -30.84 -5.19 -31.29
N ASP A 23 -30.58 -6.07 -32.28
CA ASP A 23 -30.42 -7.51 -32.04
C ASP A 23 -29.18 -7.69 -31.17
N VAL A 24 -28.04 -7.14 -31.65
CA VAL A 24 -26.76 -7.23 -30.91
C VAL A 24 -26.86 -6.67 -29.50
N MET A 25 -27.58 -5.56 -29.33
CA MET A 25 -27.80 -5.00 -28.03
C MET A 25 -28.60 -5.95 -27.10
N GLU A 26 -29.63 -6.59 -27.64
CA GLU A 26 -30.37 -7.65 -26.90
C GLU A 26 -29.48 -8.83 -26.49
N ASP A 27 -28.67 -9.36 -27.40
CA ASP A 27 -27.72 -10.43 -27.03
C ASP A 27 -26.77 -10.01 -25.95
N LEU A 28 -26.25 -8.78 -26.06
CA LEU A 28 -25.31 -8.29 -25.02
C LEU A 28 -26.01 -8.18 -23.70
N TYR A 29 -27.25 -7.68 -23.72
CA TYR A 29 -27.98 -7.52 -22.48
C TYR A 29 -28.42 -8.85 -21.84
N ASN A 30 -28.75 -9.83 -22.67
CA ASN A 30 -29.22 -11.16 -22.18
C ASN A 30 -28.11 -12.09 -21.76
N TYR A 31 -26.87 -11.71 -22.03
CA TYR A 31 -25.72 -12.56 -21.76
C TYR A 31 -25.77 -13.28 -20.44
N ILE A 32 -25.44 -14.57 -20.53
CA ILE A 32 -25.37 -15.44 -19.37
C ILE A 32 -23.96 -15.99 -19.29
N ASN A 33 -23.37 -15.85 -18.11
CA ASN A 33 -22.02 -16.33 -17.84
C ASN A 33 -22.05 -17.87 -17.97
N PRO A 34 -21.22 -18.44 -18.88
CA PRO A 34 -21.17 -19.91 -19.12
C PRO A 34 -20.61 -20.75 -17.95
N HIS A 35 -19.83 -20.11 -17.07
CA HIS A 35 -19.29 -20.75 -15.87
C HIS A 35 -20.35 -20.75 -14.77
N ASN A 36 -20.92 -19.58 -14.55
CA ASN A 36 -21.85 -19.34 -13.45
C ASN A 36 -23.31 -19.74 -13.70
N GLY A 37 -23.71 -19.77 -14.97
CA GLY A 37 -25.13 -19.66 -15.32
C GLY A 37 -25.75 -18.35 -14.85
N LYS A 38 -24.90 -17.34 -14.60
CA LYS A 38 -25.28 -16.02 -14.05
C LYS A 38 -25.60 -15.03 -15.14
N HIS A 39 -26.70 -14.31 -14.95
CA HIS A 39 -27.11 -13.27 -15.86
C HIS A 39 -26.32 -11.97 -15.62
N SER A 40 -25.27 -11.76 -16.41
CA SER A 40 -24.45 -10.53 -16.38
C SER A 40 -24.58 -9.63 -17.67
N PRO A 41 -25.57 -8.72 -17.70
CA PRO A 41 -25.77 -7.87 -18.88
C PRO A 41 -24.54 -7.06 -19.24
N MET A 42 -24.14 -7.08 -20.51
CA MET A 42 -22.96 -6.32 -20.97
C MET A 42 -23.34 -4.91 -21.49
N VAL A 43 -24.62 -4.61 -21.47
CA VAL A 43 -25.15 -3.32 -21.79
C VAL A 43 -26.19 -3.00 -20.72
N ALA A 44 -26.41 -1.72 -20.41
CA ALA A 44 -27.34 -1.33 -19.34
C ALA A 44 -28.77 -1.54 -19.81
N LYS A 45 -29.66 -1.91 -18.89
CA LYS A 45 -31.07 -2.03 -19.24
C LYS A 45 -31.67 -0.72 -19.76
N SER A 46 -31.36 0.41 -19.11
CA SER A 46 -31.87 1.74 -19.54
C SER A 46 -31.52 2.03 -20.99
N THR A 47 -30.32 1.60 -21.40
CA THR A 47 -29.88 1.78 -22.77
C THR A 47 -30.61 0.84 -23.71
N LEU A 48 -30.78 -0.41 -23.33
CA LEU A 48 -31.50 -1.34 -24.18
C LEU A 48 -32.90 -0.84 -24.35
N ASP A 49 -33.57 -0.54 -23.24
CA ASP A 49 -34.93 0.03 -23.28
C ASP A 49 -35.06 1.09 -24.30
N ILE A 50 -34.16 2.07 -24.23
CA ILE A 50 -34.17 3.19 -25.21
C ILE A 50 -33.92 2.69 -26.64
N VAL A 51 -32.97 1.77 -26.83
CA VAL A 51 -32.73 1.26 -28.21
C VAL A 51 -33.95 0.49 -28.78
N LEU A 52 -34.53 -0.42 -27.98
CA LEU A 52 -35.73 -1.16 -28.42
C LEU A 52 -36.92 -0.26 -28.66
N ALA A 53 -37.09 0.80 -27.86
CA ALA A 53 -38.17 1.77 -28.05
C ALA A 53 -38.04 2.62 -29.33
N ASN A 54 -36.83 2.78 -29.88
CA ASN A 54 -36.60 3.58 -31.10
C ASN A 54 -35.84 2.77 -32.14
N LYS A 55 -36.10 1.47 -32.19
CA LYS A 55 -35.23 0.53 -32.90
C LYS A 55 -35.16 0.73 -34.40
N ASP A 56 -36.22 1.25 -34.99
CA ASP A 56 -36.28 1.38 -36.43
C ASP A 56 -35.41 2.53 -36.98
N ARG A 57 -35.51 3.66 -36.29
CA ARG A 57 -34.69 4.82 -36.59
C ARG A 57 -33.22 4.49 -36.35
N LEU A 58 -32.91 4.01 -35.13
CA LEU A 58 -31.55 3.64 -34.73
C LEU A 58 -30.94 2.60 -35.63
N ASN A 59 -31.66 1.51 -35.88
CA ASN A 59 -31.16 0.43 -36.75
C ASN A 59 -30.91 0.89 -38.15
N SER A 60 -31.81 1.70 -38.66
CA SER A 60 -31.68 2.15 -40.04
C SER A 60 -30.74 3.37 -40.23
N ALA A 61 -30.29 4.03 -39.15
CA ALA A 61 -29.30 5.10 -39.27
C ALA A 61 -27.87 4.55 -39.57
N ILE A 62 -27.58 3.35 -39.14
CA ILE A 62 -26.23 2.86 -39.12
C ILE A 62 -25.79 2.51 -40.52
N ILE A 63 -24.58 2.93 -40.92
CA ILE A 63 -24.07 2.68 -42.24
C ILE A 63 -22.90 1.75 -42.13
N TYR A 64 -23.15 0.47 -42.43
CA TYR A 64 -22.19 -0.60 -42.21
C TYR A 64 -20.97 -0.54 -43.10
N ASP A 65 -21.08 0.13 -44.24
CA ASP A 65 -19.93 0.38 -45.10
C ASP A 65 -18.85 1.24 -44.46
N ARG A 66 -19.22 2.01 -43.46
CA ARG A 66 -18.25 2.83 -42.72
C ARG A 66 -17.23 1.97 -41.99
N ASP A 67 -17.57 0.71 -41.66
CA ASP A 67 -16.63 -0.23 -41.10
C ASP A 67 -15.43 -0.44 -41.99
N PHE A 68 -15.60 -0.34 -43.31
CA PHE A 68 -14.48 -0.53 -44.23
C PHE A 68 -13.51 0.68 -44.23
N SER A 69 -13.88 1.75 -43.56
CA SER A 69 -12.99 2.93 -43.46
C SER A 69 -11.71 2.70 -42.67
N TYR A 70 -11.72 1.73 -41.76
CA TYR A 70 -10.60 1.55 -40.84
C TYR A 70 -9.44 0.81 -41.51
N ASN A 71 -8.23 1.31 -41.31
CA ASN A 71 -7.02 0.65 -41.83
C ASN A 71 -6.80 -0.65 -41.05
N TYR A 72 -5.78 -1.39 -41.44
CA TYR A 72 -5.64 -2.77 -40.96
C TYR A 72 -5.41 -2.82 -39.42
N PHE A 73 -4.45 -2.04 -38.96
CA PHE A 73 -4.02 -2.12 -37.58
C PHE A 73 -5.02 -1.39 -36.68
N GLY A 74 -5.61 -0.32 -37.20
CA GLY A 74 -6.65 0.34 -36.46
C GLY A 74 -7.86 -0.54 -36.23
N PHE A 75 -8.24 -1.31 -37.25
CA PHE A 75 -9.37 -2.23 -37.13
C PHE A 75 -9.05 -3.36 -36.12
N LYS A 76 -7.83 -3.90 -36.18
CA LYS A 76 -7.41 -4.99 -35.28
C LYS A 76 -7.42 -4.47 -33.86
N THR A 77 -7.01 -3.22 -33.66
CA THR A 77 -7.07 -2.65 -32.33
C THR A 77 -8.54 -2.58 -31.87
N LEU A 78 -9.46 -2.24 -32.75
CA LEU A 78 -10.90 -2.18 -32.37
C LEU A 78 -11.39 -3.59 -31.96
N GLU A 79 -11.07 -4.57 -32.79
CA GLU A 79 -11.41 -5.99 -32.48
C GLU A 79 -10.78 -6.41 -31.15
N ARG A 80 -9.54 -5.99 -30.92
CA ARG A 80 -8.83 -6.39 -29.72
C ARG A 80 -9.40 -5.83 -28.43
N SER A 81 -9.79 -4.57 -28.42
CA SER A 81 -10.27 -3.96 -27.14
C SER A 81 -11.50 -3.12 -27.17
N TYR A 82 -12.02 -2.75 -28.33
CA TYR A 82 -13.15 -1.80 -28.36
C TYR A 82 -14.51 -2.37 -28.68
N LEU A 83 -14.57 -3.62 -29.11
CA LEU A 83 -15.80 -4.26 -29.51
C LEU A 83 -16.20 -5.34 -28.50
N LEU A 84 -17.39 -5.21 -27.96
CA LEU A 84 -17.84 -6.15 -26.94
C LEU A 84 -17.93 -7.59 -27.52
N LYS A 85 -17.43 -8.53 -26.71
CA LYS A 85 -17.35 -9.94 -27.01
C LYS A 85 -18.35 -10.75 -26.18
N ILE A 86 -18.88 -11.83 -26.77
CA ILE A 86 -19.65 -12.85 -26.06
C ILE A 86 -18.85 -14.13 -26.13
N ASN A 87 -18.40 -14.59 -24.97
CA ASN A 87 -17.59 -15.80 -24.85
C ASN A 87 -16.42 -15.80 -25.80
N GLY A 88 -15.74 -14.65 -25.84
CA GLY A 88 -14.51 -14.54 -26.59
C GLY A 88 -14.67 -14.28 -28.07
N LYS A 89 -15.93 -14.21 -28.52
CA LYS A 89 -16.24 -13.87 -29.90
C LYS A 89 -16.90 -12.50 -30.00
N VAL A 90 -16.34 -11.66 -30.87
CA VAL A 90 -16.81 -10.27 -31.02
C VAL A 90 -18.27 -10.29 -31.41
N ALA A 91 -19.12 -9.58 -30.71
CA ALA A 91 -20.51 -9.40 -31.17
C ALA A 91 -20.76 -8.06 -31.85
N GLU A 92 -20.06 -7.01 -31.46
CA GLU A 92 -20.29 -5.68 -32.01
C GLU A 92 -19.43 -5.41 -33.23
N ARG A 93 -20.07 -4.94 -34.28
CA ARG A 93 -19.39 -4.22 -35.34
C ARG A 93 -18.96 -2.82 -34.82
N PRO A 94 -17.86 -2.27 -35.37
CA PRO A 94 -17.58 -0.90 -34.98
C PRO A 94 -18.78 0.01 -35.01
N GLN A 95 -19.62 -0.07 -36.04
CA GLN A 95 -20.81 0.74 -36.08
C GLN A 95 -21.70 0.53 -34.93
N HIS A 96 -21.84 -0.71 -34.48
CA HIS A 96 -22.64 -1.03 -33.27
C HIS A 96 -22.13 -0.33 -32.01
N MET A 97 -20.84 -0.49 -31.77
CA MET A 97 -20.17 0.19 -30.65
C MET A 97 -20.40 1.73 -30.74
N LEU A 98 -20.24 2.30 -31.94
CA LEU A 98 -20.41 3.76 -32.04
C LEU A 98 -21.83 4.21 -31.67
N MET A 99 -22.83 3.44 -32.08
CA MET A 99 -24.19 3.82 -31.78
C MET A 99 -24.46 3.53 -30.30
N ARG A 100 -23.91 2.45 -29.78
CA ARG A 100 -24.00 2.17 -28.37
C ARG A 100 -23.46 3.35 -27.60
N VAL A 101 -22.29 3.85 -28.03
CA VAL A 101 -21.75 5.06 -27.41
C VAL A 101 -22.66 6.24 -27.55
N SER A 102 -23.23 6.47 -28.74
CA SER A 102 -24.05 7.63 -28.96
C SER A 102 -25.31 7.66 -28.14
N VAL A 103 -25.94 6.50 -28.02
CA VAL A 103 -27.15 6.36 -27.17
C VAL A 103 -26.79 6.38 -25.73
N GLY A 104 -25.67 5.73 -25.40
CA GLY A 104 -25.09 5.82 -24.06
C GLY A 104 -24.90 7.23 -23.47
N ILE A 105 -24.63 8.19 -24.35
CA ILE A 105 -24.40 9.57 -23.96
C ILE A 105 -25.66 10.38 -24.08
N HIS A 106 -26.46 10.15 -25.14
CA HIS A 106 -27.59 10.99 -25.38
C HIS A 106 -28.95 10.44 -24.87
N LYS A 107 -29.02 9.16 -24.52
CA LYS A 107 -30.28 8.60 -23.92
C LYS A 107 -31.52 8.84 -24.86
N GLU A 108 -32.57 9.53 -24.36
CA GLU A 108 -33.85 9.82 -25.08
C GLU A 108 -33.69 10.68 -26.28
N ASP A 109 -32.64 11.49 -26.31
CA ASP A 109 -32.47 12.39 -27.41
C ASP A 109 -31.83 11.62 -28.57
N ILE A 110 -32.75 11.06 -29.36
CA ILE A 110 -32.44 10.29 -30.54
C ILE A 110 -31.90 11.18 -31.66
N ASP A 111 -32.43 12.39 -31.80
CA ASP A 111 -31.82 13.35 -32.70
C ASP A 111 -30.30 13.54 -32.43
N ALA A 112 -29.97 13.71 -31.16
CA ALA A 112 -28.61 13.94 -30.71
C ALA A 112 -27.75 12.73 -30.94
N ALA A 113 -28.32 11.54 -30.69
CA ALA A 113 -27.57 10.31 -30.79
C ALA A 113 -27.13 10.06 -32.20
N ILE A 114 -28.04 10.28 -33.12
CA ILE A 114 -27.73 10.10 -34.53
C ILE A 114 -26.73 11.10 -35.06
N GLU A 115 -26.86 12.37 -34.68
CA GLU A 115 -25.83 13.38 -35.02
C GLU A 115 -24.45 12.97 -34.52
N THR A 116 -24.37 12.52 -33.26
CA THR A 116 -23.13 12.02 -32.74
C THR A 116 -22.69 10.77 -33.43
N TYR A 117 -23.61 9.83 -33.66
CA TYR A 117 -23.23 8.63 -34.40
C TYR A 117 -22.59 8.96 -35.77
N ASN A 118 -23.18 9.91 -36.49
CA ASN A 118 -22.60 10.25 -37.81
C ASN A 118 -21.23 10.90 -37.79
N LEU A 119 -21.03 11.81 -36.84
CA LEU A 119 -19.71 12.44 -36.65
C LEU A 119 -18.61 11.46 -36.31
N LEU A 120 -18.97 10.55 -35.39
CA LEU A 120 -18.05 9.57 -34.92
C LEU A 120 -17.71 8.53 -36.01
N SER A 121 -18.75 7.99 -36.65
CA SER A 121 -18.55 6.99 -37.72
C SER A 121 -17.92 7.57 -39.00
N GLU A 122 -18.19 8.84 -39.28
CA GLU A 122 -17.43 9.50 -40.36
C GLU A 122 -16.01 9.94 -39.93
N ARG A 123 -15.68 9.85 -38.63
CA ARG A 123 -14.33 10.11 -38.13
C ARG A 123 -13.92 11.61 -38.08
N TRP A 124 -14.89 12.48 -37.79
CA TRP A 124 -14.69 13.91 -37.57
C TRP A 124 -14.05 14.15 -36.22
N PHE A 125 -14.26 13.23 -35.29
CA PHE A 125 -13.80 13.33 -33.94
C PHE A 125 -13.96 12.01 -33.29
N THR A 126 -13.34 11.85 -32.12
CA THR A 126 -13.55 10.64 -31.36
C THR A 126 -13.63 10.93 -29.91
N HIS A 127 -14.53 10.19 -29.22
CA HIS A 127 -14.51 10.07 -27.77
C HIS A 127 -13.30 9.29 -27.23
N ALA A 128 -12.95 9.52 -25.97
CA ALA A 128 -11.86 8.84 -25.34
C ALA A 128 -12.14 7.34 -25.13
N SER A 129 -11.07 6.55 -25.07
CA SER A 129 -11.18 5.12 -24.93
C SER A 129 -12.17 4.67 -23.85
N PRO A 130 -12.11 5.22 -22.63
CA PRO A 130 -13.04 4.75 -21.60
C PRO A 130 -14.48 5.01 -21.91
N THR A 131 -14.74 6.09 -22.62
CA THR A 131 -16.07 6.42 -23.06
C THR A 131 -16.51 5.36 -24.08
N LEU A 132 -15.63 5.05 -25.00
CA LEU A 132 -15.93 4.05 -26.03
C LEU A 132 -16.11 2.65 -25.39
N PHE A 133 -15.38 2.36 -24.31
CA PHE A 133 -15.48 1.07 -23.63
C PHE A 133 -16.82 0.97 -22.92
N ASN A 134 -17.10 1.99 -22.14
CA ASN A 134 -18.11 1.94 -21.10
C ASN A 134 -19.41 2.62 -21.35
N ALA A 135 -19.51 3.48 -22.37
CA ALA A 135 -20.77 4.13 -22.61
C ALA A 135 -21.88 3.08 -22.90
N GLY A 136 -23.08 3.33 -22.37
CA GLY A 136 -24.18 2.36 -22.49
C GLY A 136 -24.10 1.07 -21.67
N THR A 137 -23.11 0.94 -20.80
CA THR A 137 -22.95 -0.24 -19.95
C THR A 137 -23.35 0.14 -18.54
N ASN A 138 -23.53 -0.84 -17.67
CA ASN A 138 -23.74 -0.60 -16.22
C ASN A 138 -22.60 0.14 -15.53
N ARG A 139 -22.99 1.01 -14.62
CA ARG A 139 -22.02 1.87 -13.87
C ARG A 139 -20.87 2.39 -14.79
N PRO A 140 -21.22 3.14 -15.83
CA PRO A 140 -20.27 3.57 -16.86
C PRO A 140 -19.17 4.59 -16.46
N GLN A 141 -17.91 4.18 -16.54
CA GLN A 141 -16.80 5.05 -16.17
C GLN A 141 -16.24 5.63 -17.48
N LEU A 142 -16.74 6.80 -17.81
CA LEU A 142 -16.52 7.42 -19.09
C LEU A 142 -15.31 8.35 -19.11
N SER A 143 -14.82 8.77 -17.95
CA SER A 143 -13.71 9.72 -17.85
C SER A 143 -12.33 9.07 -17.91
N SER A 144 -11.36 9.76 -18.49
CA SER A 144 -10.02 9.21 -18.76
C SER A 144 -9.07 9.16 -17.55
N CYS A 145 -8.98 10.25 -16.80
CA CYS A 145 -7.95 10.37 -15.81
C CYS A 145 -8.31 11.35 -14.69
N PHE A 146 -7.51 11.33 -13.63
CA PHE A 146 -7.89 11.96 -12.41
C PHE A 146 -6.67 12.66 -11.81
N LEU A 147 -6.89 13.70 -11.05
CA LEU A 147 -5.83 14.35 -10.28
C LEU A 147 -6.18 14.37 -8.83
N LEU A 148 -5.14 14.22 -8.03
CA LEU A 148 -5.37 14.31 -6.58
C LEU A 148 -4.24 14.90 -5.80
N SER A 149 -4.61 15.48 -4.68
CA SER A 149 -3.66 15.93 -3.66
C SER A 149 -3.65 14.96 -2.49
N MET A 150 -2.53 14.86 -1.81
CA MET A 150 -2.49 14.05 -0.55
C MET A 150 -3.50 14.62 0.44
N LYS A 151 -4.33 13.77 1.03
CA LYS A 151 -5.35 14.21 2.00
C LYS A 151 -4.75 14.94 3.21
N ASP A 152 -3.57 14.49 3.65
CA ASP A 152 -2.97 14.95 4.91
C ASP A 152 -1.59 14.35 5.05
N ASP A 153 -0.71 15.01 5.80
CA ASP A 153 0.65 14.58 6.07
C ASP A 153 0.60 13.70 7.33
N SER A 154 -0.07 12.57 7.19
CA SER A 154 -0.18 11.58 8.26
C SER A 154 -0.32 10.21 7.60
N ILE A 155 -0.03 9.17 8.38
CA ILE A 155 -0.20 7.76 7.94
C ILE A 155 -1.66 7.57 7.52
N GLU A 156 -2.57 8.09 8.32
CA GLU A 156 -3.98 8.10 7.98
C GLU A 156 -4.24 8.69 6.59
N GLY A 157 -3.67 9.86 6.33
CA GLY A 157 -3.89 10.54 5.08
C GLY A 157 -3.23 9.86 3.91
N ILE A 158 -1.99 9.43 4.11
CA ILE A 158 -1.28 8.71 3.07
C ILE A 158 -2.02 7.47 2.63
N TYR A 159 -2.54 6.70 3.59
CA TYR A 159 -3.26 5.48 3.26
C TYR A 159 -4.69 5.68 2.76
N ASP A 160 -5.37 6.73 3.21
CA ASP A 160 -6.64 7.08 2.60
C ASP A 160 -6.48 7.48 1.14
N THR A 161 -5.49 8.32 0.88
CA THR A 161 -5.17 8.69 -0.50
C THR A 161 -4.77 7.45 -1.32
N LEU A 162 -4.02 6.54 -0.71
CA LEU A 162 -3.59 5.30 -1.42
C LEU A 162 -4.82 4.47 -1.82
N LYS A 163 -5.79 4.38 -0.91
CA LYS A 163 -6.99 3.69 -1.20
C LYS A 163 -7.69 4.36 -2.37
N GLN A 164 -7.72 5.69 -2.42
CA GLN A 164 -8.32 6.41 -3.60
C GLN A 164 -7.68 6.04 -4.89
N CYS A 165 -6.35 6.01 -4.93
CA CYS A 165 -5.65 5.63 -6.12
C CYS A 165 -6.00 4.23 -6.52
N ALA A 166 -6.06 3.31 -5.54
CA ALA A 166 -6.50 1.93 -5.79
C ALA A 166 -7.87 1.85 -6.43
N LEU A 167 -8.87 2.48 -5.82
CA LEU A 167 -10.19 2.47 -6.35
C LEU A 167 -10.25 3.10 -7.76
N ILE A 168 -9.52 4.18 -7.96
CA ILE A 168 -9.55 4.85 -9.25
C ILE A 168 -8.84 4.03 -10.29
N SER A 169 -7.68 3.47 -9.95
CA SER A 169 -7.00 2.64 -10.90
C SER A 169 -7.90 1.47 -11.35
N LYS A 170 -8.53 0.82 -10.39
CA LYS A 170 -9.48 -0.24 -10.69
C LYS A 170 -10.52 0.14 -11.77
N SER A 171 -11.06 1.34 -11.66
CA SER A 171 -12.03 1.86 -12.61
C SER A 171 -11.39 2.38 -13.90
N ALA A 172 -10.13 2.05 -14.19
CA ALA A 172 -9.37 2.42 -15.38
C ALA A 172 -9.02 3.91 -15.53
N GLY A 173 -8.76 4.62 -14.44
CA GLY A 173 -8.27 6.00 -14.58
C GLY A 173 -6.77 6.06 -14.34
N GLY A 174 -6.06 6.77 -15.20
CA GLY A 174 -4.73 7.25 -14.91
C GLY A 174 -4.82 8.34 -13.84
N ILE A 175 -3.73 8.56 -13.14
CA ILE A 175 -3.74 9.47 -11.99
C ILE A 175 -2.52 10.40 -11.99
N GLY A 176 -2.71 11.64 -11.58
CA GLY A 176 -1.58 12.54 -11.23
C GLY A 176 -1.74 12.80 -9.75
N VAL A 177 -0.65 12.69 -8.99
CA VAL A 177 -0.71 12.90 -7.51
C VAL A 177 0.34 13.88 -7.04
N ALA A 178 -0.13 14.87 -6.30
CA ALA A 178 0.75 15.90 -5.71
C ALA A 178 1.17 15.45 -4.31
N VAL A 179 2.49 15.29 -4.14
CA VAL A 179 3.01 14.74 -2.88
C VAL A 179 3.88 15.72 -2.08
N SER A 180 4.03 16.96 -2.51
CA SER A 180 4.97 17.85 -1.82
C SER A 180 4.65 18.16 -0.32
N CYS A 181 3.39 18.04 0.12
CA CYS A 181 3.05 18.28 1.50
C CYS A 181 3.50 17.16 2.49
N ILE A 182 4.08 16.07 1.99
CA ILE A 182 4.46 14.96 2.82
C ILE A 182 5.88 15.24 3.36
N ARG A 183 6.09 15.11 4.67
CA ARG A 183 7.38 15.58 5.23
C ARG A 183 8.51 14.70 4.78
N ALA A 184 9.70 15.24 4.84
CA ALA A 184 10.86 14.64 4.24
C ALA A 184 11.68 13.79 5.20
N THR A 185 12.69 13.15 4.62
CA THR A 185 13.63 12.33 5.35
C THR A 185 14.19 13.06 6.56
N GLY A 186 14.25 12.36 7.69
CA GLY A 186 14.80 12.93 8.94
C GLY A 186 13.88 13.81 9.78
N SER A 187 12.70 14.19 9.28
CA SER A 187 11.86 15.13 9.99
C SER A 187 11.15 14.52 11.18
N TYR A 188 10.99 15.33 12.23
CA TYR A 188 10.50 14.84 13.50
C TYR A 188 9.05 14.39 13.34
N ILE A 189 8.67 13.32 14.06
CA ILE A 189 7.30 12.85 14.15
C ILE A 189 6.91 12.88 15.62
N ALA A 190 6.08 13.85 16.01
CA ALA A 190 5.73 14.09 17.42
C ALA A 190 4.96 12.94 18.07
N GLY A 191 4.11 12.26 17.32
CA GLY A 191 3.29 11.17 17.87
C GLY A 191 4.00 9.86 18.20
N THR A 192 5.11 9.58 17.52
CA THR A 192 5.92 8.38 17.82
C THR A 192 7.24 8.74 18.51
N ASN A 193 7.52 10.03 18.73
CA ASN A 193 8.89 10.50 19.03
C ASN A 193 9.97 9.93 18.06
N GLY A 194 9.61 9.81 16.78
CA GLY A 194 10.47 9.20 15.76
C GLY A 194 10.89 10.21 14.72
N ASN A 195 11.53 9.69 13.65
CA ASN A 195 11.86 10.48 12.42
C ASN A 195 11.40 9.80 11.14
N SER A 196 10.84 10.61 10.24
CA SER A 196 10.29 10.11 8.96
C SER A 196 11.45 9.63 8.10
N ASN A 197 11.17 8.64 7.25
CA ASN A 197 12.13 8.22 6.18
C ASN A 197 11.81 8.97 4.88
N GLY A 198 10.75 9.77 4.87
CA GLY A 198 10.48 10.64 3.72
C GLY A 198 9.82 9.95 2.57
N LEU A 199 10.06 10.49 1.39
CA LEU A 199 9.16 10.20 0.27
C LEU A 199 9.30 8.83 -0.35
N VAL A 200 10.53 8.39 -0.45
CA VAL A 200 10.88 7.22 -1.20
C VAL A 200 10.15 5.98 -0.72
N PRO A 201 10.29 5.60 0.57
CA PRO A 201 9.60 4.42 0.99
C PRO A 201 8.05 4.57 0.85
N MET A 202 7.53 5.81 0.97
CA MET A 202 6.08 6.01 0.78
C MET A 202 5.70 5.72 -0.70
N LEU A 203 6.53 6.22 -1.59
CA LEU A 203 6.28 6.05 -3.02
C LEU A 203 6.40 4.56 -3.44
N ARG A 204 7.26 3.78 -2.72
CA ARG A 204 7.42 2.35 -3.01
C ARG A 204 6.13 1.63 -2.72
N VAL A 205 5.32 2.14 -1.80
CA VAL A 205 3.97 1.57 -1.56
C VAL A 205 3.00 1.89 -2.72
N TYR A 206 3.05 3.13 -3.20
CA TYR A 206 2.31 3.60 -4.41
C TYR A 206 2.77 2.79 -5.62
N ASN A 207 4.07 2.59 -5.76
CA ASN A 207 4.60 1.81 -6.86
C ASN A 207 4.01 0.37 -6.92
N ASN A 208 4.02 -0.31 -5.79
CA ASN A 208 3.45 -1.63 -5.73
C ASN A 208 1.95 -1.62 -5.81
N THR A 209 1.28 -0.58 -5.35
CA THR A 209 -0.17 -0.48 -5.56
C THR A 209 -0.51 -0.32 -7.08
N ALA A 210 0.35 0.39 -7.80
CA ALA A 210 0.20 0.54 -9.26
C ALA A 210 0.42 -0.79 -9.98
N ARG A 211 1.45 -1.56 -9.58
CA ARG A 211 1.61 -2.94 -10.10
C ARG A 211 0.43 -3.85 -9.78
N TYR A 212 -0.10 -3.74 -8.56
CA TYR A 212 -1.21 -4.59 -8.12
C TYR A 212 -2.55 -4.38 -8.84
N VAL A 213 -3.02 -3.14 -8.93
CA VAL A 213 -4.34 -2.86 -9.47
C VAL A 213 -4.24 -2.41 -10.92
N ASP A 214 -4.81 -3.21 -11.81
CA ASP A 214 -4.80 -2.88 -13.23
C ASP A 214 -5.84 -1.81 -13.52
N GLN A 215 -5.58 -1.04 -14.59
CA GLN A 215 -6.61 -0.21 -15.22
C GLN A 215 -7.67 -1.10 -15.88
N GLY A 216 -8.86 -1.16 -15.28
CA GLY A 216 -9.97 -2.03 -15.78
C GLY A 216 -9.67 -3.53 -15.83
N PRO A 221 -1.35 -2.18 -15.99
CA PRO A 221 -0.87 -1.67 -14.69
C PRO A 221 -1.34 -0.24 -14.42
N GLY A 222 -1.48 0.09 -13.14
CA GLY A 222 -1.91 1.39 -12.73
C GLY A 222 -0.87 2.39 -13.25
N ALA A 223 -1.34 3.54 -13.71
CA ALA A 223 -0.45 4.59 -14.21
C ALA A 223 -0.64 5.82 -13.29
N PHE A 224 0.35 6.04 -12.40
CA PHE A 224 0.30 7.16 -11.42
C PHE A 224 1.49 8.06 -11.74
N ALA A 225 1.22 9.33 -12.07
CA ALA A 225 2.30 10.29 -12.20
C ALA A 225 2.47 11.01 -10.91
N ILE A 226 3.67 11.04 -10.40
CA ILE A 226 3.90 11.69 -9.09
C ILE A 226 4.49 13.06 -9.27
N TYR A 227 3.82 14.07 -8.74
CA TYR A 227 4.26 15.45 -8.86
C TYR A 227 4.96 15.98 -7.63
N LEU A 228 6.18 16.51 -7.82
CA LEU A 228 6.95 17.14 -6.69
C LEU A 228 7.47 18.50 -7.07
N GLU A 229 7.36 19.45 -6.14
CA GLU A 229 7.98 20.77 -6.27
C GLU A 229 9.42 20.70 -5.80
N PRO A 230 10.31 21.36 -6.54
CA PRO A 230 11.78 21.16 -6.40
C PRO A 230 12.48 21.79 -5.14
N TRP A 231 11.72 22.53 -4.33
CA TRP A 231 12.12 22.95 -2.99
C TRP A 231 12.08 21.84 -1.94
N HIS A 232 11.42 20.72 -2.21
CA HIS A 232 11.25 19.64 -1.27
C HIS A 232 12.59 18.96 -1.04
N LEU A 233 12.88 18.70 0.22
CA LEU A 233 14.16 18.15 0.65
C LEU A 233 14.57 16.81 0.01
N ASP A 234 13.58 15.98 -0.33
CA ASP A 234 13.84 14.71 -1.01
C ASP A 234 13.94 14.77 -2.56
N ILE A 235 14.09 15.99 -3.10
CA ILE A 235 14.07 16.21 -4.52
C ILE A 235 15.18 15.42 -5.23
N PHE A 236 16.36 15.33 -4.65
CA PHE A 236 17.46 14.60 -5.34
C PHE A 236 17.17 13.10 -5.44
N GLU A 237 16.53 12.54 -4.38
CA GLU A 237 16.18 11.11 -4.37
C GLU A 237 15.05 10.84 -5.35
N PHE A 238 13.98 11.66 -5.27
CA PHE A 238 12.91 11.65 -6.26
C PHE A 238 13.41 11.47 -7.71
N LEU A 239 14.42 12.24 -8.05
CA LEU A 239 15.01 12.19 -9.38
C LEU A 239 15.70 10.88 -9.75
N ASP A 240 15.97 10.01 -8.78
CA ASP A 240 16.57 8.70 -9.08
C ASP A 240 15.61 7.55 -9.18
N LEU A 241 14.33 7.79 -8.84
CA LEU A 241 13.43 6.72 -8.59
C LEU A 241 13.14 5.85 -9.80
N LYS A 242 13.18 6.43 -10.99
CA LYS A 242 12.93 5.71 -12.19
C LYS A 242 14.20 5.05 -12.78
N LYS A 243 15.37 5.28 -12.22
CA LYS A 243 16.59 4.82 -12.91
C LYS A 243 16.74 3.30 -12.80
N ASN A 244 17.32 2.72 -13.83
CA ASN A 244 17.43 1.24 -13.94
C ASN A 244 18.51 0.64 -13.07
N THR A 245 19.46 1.47 -12.66
CA THR A 245 20.48 1.05 -11.72
C THR A 245 19.96 1.05 -10.26
N GLY A 246 20.82 0.61 -9.35
CA GLY A 246 20.63 0.85 -7.93
C GLY A 246 19.87 -0.16 -7.09
N LYS A 247 19.77 0.18 -5.83
CA LYS A 247 19.11 -0.67 -4.86
C LYS A 247 17.58 -0.58 -5.11
N GLU A 248 16.85 -1.71 -5.03
CA GLU A 248 15.35 -1.73 -5.11
C GLU A 248 14.64 -0.78 -4.13
N GLU A 249 15.26 -0.57 -2.98
CA GLU A 249 14.67 0.27 -1.89
C GLU A 249 14.83 1.76 -2.16
N GLN A 250 15.63 2.10 -3.15
CA GLN A 250 15.75 3.49 -3.60
C GLN A 250 15.07 3.68 -4.96
N ARG A 251 14.25 2.69 -5.37
CA ARG A 251 13.56 2.72 -6.64
C ARG A 251 12.03 2.57 -6.56
N ALA A 252 11.37 3.26 -7.49
CA ALA A 252 9.92 3.17 -7.74
C ALA A 252 9.73 3.18 -9.25
N ARG A 253 10.18 2.12 -9.92
CA ARG A 253 10.26 2.13 -11.40
C ARG A 253 8.99 1.99 -12.21
N ASP A 254 7.86 1.68 -11.58
CA ASP A 254 6.62 1.56 -12.29
C ASP A 254 5.82 2.86 -12.18
N LEU A 255 6.28 3.83 -11.41
CA LEU A 255 5.56 5.15 -11.36
C LEU A 255 6.07 6.04 -12.48
N PHE A 256 5.38 7.14 -12.70
CA PHE A 256 5.87 8.20 -13.61
C PHE A 256 6.11 9.47 -12.81
N PHE A 257 7.01 10.32 -13.31
CA PHE A 257 7.55 11.46 -12.50
C PHE A 257 7.48 12.81 -13.20
N ALA A 258 7.08 13.81 -12.44
CA ALA A 258 6.83 15.17 -12.94
C ALA A 258 7.26 16.18 -11.89
N LEU A 259 7.81 17.29 -12.35
CA LEU A 259 8.15 18.40 -11.48
C LEU A 259 7.16 19.53 -11.65
N TRP A 260 6.84 20.20 -10.56
CA TRP A 260 5.83 21.27 -10.56
C TRP A 260 6.66 22.51 -10.22
N ILE A 261 7.16 23.20 -11.27
CA ILE A 261 8.32 24.10 -11.09
C ILE A 261 7.96 25.58 -10.90
N PRO A 262 8.38 26.18 -9.79
CA PRO A 262 8.16 27.60 -9.61
C PRO A 262 9.14 28.41 -10.39
N ASP A 263 8.71 29.59 -10.81
CA ASP A 263 9.54 30.59 -11.54
C ASP A 263 10.86 30.87 -10.81
N LEU A 264 10.74 30.94 -9.48
CA LEU A 264 11.87 31.26 -8.69
C LEU A 264 13.03 30.29 -8.90
N PHE A 265 12.73 28.99 -8.98
CA PHE A 265 13.75 28.01 -9.27
C PHE A 265 14.46 28.31 -10.55
N MET A 266 13.69 28.50 -11.62
CA MET A 266 14.30 28.78 -12.90
C MET A 266 15.19 30.05 -12.91
N LYS A 267 14.70 31.13 -12.30
CA LYS A 267 15.51 32.39 -12.11
C LYS A 267 16.80 32.16 -11.36
N ARG A 268 16.73 31.36 -10.30
CA ARG A 268 17.94 31.11 -9.51
C ARG A 268 18.91 30.21 -10.25
N VAL A 269 18.39 29.32 -11.12
CA VAL A 269 19.29 28.48 -11.92
C VAL A 269 20.02 29.39 -12.92
N GLU A 270 19.25 30.24 -13.60
CA GLU A 270 19.77 31.16 -14.62
C GLU A 270 20.82 32.12 -14.05
N THR A 271 20.60 32.68 -12.86
CA THR A 271 21.55 33.62 -12.25
C THR A 271 22.55 32.93 -11.30
N ASN A 272 22.57 31.61 -11.27
CA ASN A 272 23.47 30.82 -10.48
C ASN A 272 23.44 31.13 -8.99
N GLN A 273 22.25 31.27 -8.39
CA GLN A 273 22.12 31.54 -6.99
C GLN A 273 21.94 30.22 -6.20
N ASP A 274 21.90 30.35 -4.88
CA ASP A 274 21.66 29.21 -4.02
C ASP A 274 20.18 28.85 -3.96
N TRP A 275 19.91 27.60 -3.61
CA TRP A 275 18.55 27.10 -3.61
C TRP A 275 18.33 26.39 -2.29
N SER A 276 17.33 26.83 -1.52
CA SER A 276 17.02 26.20 -0.25
C SER A 276 16.05 25.00 -0.38
N LEU A 277 16.47 23.85 0.12
CA LEU A 277 15.57 22.71 0.31
C LEU A 277 14.86 22.77 1.62
N MET A 278 13.54 22.58 1.58
CA MET A 278 12.72 22.71 2.80
C MET A 278 11.89 21.48 3.11
N CYS A 279 11.56 21.33 4.39
CA CYS A 279 10.70 20.28 4.83
C CYS A 279 9.33 20.91 5.04
N PRO A 280 8.25 20.29 4.47
CA PRO A 280 6.93 20.91 4.46
C PRO A 280 6.20 20.98 5.77
N ASN A 281 6.53 20.11 6.73
CA ASN A 281 6.02 20.21 8.08
C ASN A 281 6.61 21.45 8.81
N GLU A 282 7.89 21.69 8.56
CA GLU A 282 8.59 22.88 8.99
C GLU A 282 8.27 24.14 8.19
N CYS A 283 7.95 24.03 6.89
CA CYS A 283 7.71 25.15 6.00
C CYS A 283 6.39 24.94 5.29
N PRO A 284 5.29 25.12 6.01
CA PRO A 284 3.98 24.81 5.49
C PRO A 284 3.42 25.78 4.44
N GLY A 285 2.59 25.26 3.52
CA GLY A 285 1.77 26.08 2.65
C GLY A 285 2.45 26.47 1.35
N LEU A 286 3.68 26.01 1.08
CA LEU A 286 4.37 26.37 -0.17
C LEU A 286 3.63 25.90 -1.40
N ASP A 287 3.01 24.75 -1.27
CA ASP A 287 2.23 24.20 -2.36
C ASP A 287 0.86 24.84 -2.51
N GLU A 288 0.49 25.72 -1.59
CA GLU A 288 -0.84 26.37 -1.63
C GLU A 288 -0.78 27.86 -1.99
N VAL A 289 0.40 28.29 -2.42
CA VAL A 289 0.57 29.61 -3.07
C VAL A 289 1.41 29.45 -4.33
N TRP A 290 1.34 30.42 -5.21
CA TRP A 290 2.19 30.45 -6.41
C TRP A 290 2.57 31.92 -6.65
N GLY A 291 3.46 32.09 -7.65
CA GLY A 291 3.88 33.40 -8.13
C GLY A 291 4.53 34.23 -7.03
N GLU A 292 4.11 35.49 -6.96
CA GLU A 292 4.65 36.40 -5.95
C GLU A 292 4.40 35.97 -4.53
N GLU A 293 3.21 35.50 -4.23
CA GLU A 293 2.88 35.05 -2.87
C GLU A 293 3.76 33.81 -2.47
N PHE A 294 3.97 32.91 -3.40
CA PHE A 294 4.96 31.81 -3.19
C PHE A 294 6.34 32.38 -2.90
N GLU A 295 6.77 33.34 -3.73
CA GLU A 295 8.12 33.94 -3.58
C GLU A 295 8.37 34.59 -2.24
N LYS A 296 7.39 35.36 -1.76
CA LYS A 296 7.44 35.93 -0.46
C LYS A 296 7.47 34.94 0.66
N LEU A 297 6.58 33.95 0.61
CA LEU A 297 6.61 32.90 1.61
C LEU A 297 7.96 32.17 1.65
N TYR A 298 8.41 31.66 0.52
CA TYR A 298 9.67 30.95 0.43
C TYR A 298 10.82 31.76 0.94
N ALA A 299 10.94 33.03 0.53
CA ALA A 299 12.05 33.85 1.01
C ALA A 299 11.95 34.14 2.50
N SER A 300 10.72 34.34 2.99
CA SER A 300 10.51 34.50 4.39
C SER A 300 11.03 33.29 5.23
N TYR A 301 10.74 32.07 4.82
CA TYR A 301 11.29 30.89 5.52
C TYR A 301 12.79 30.83 5.39
N GLU A 302 13.35 31.29 4.31
CA GLU A 302 14.84 31.32 4.22
C GLU A 302 15.42 32.30 5.29
N LYS A 303 14.76 33.45 5.45
CA LYS A 303 15.19 34.51 6.39
C LYS A 303 14.94 34.08 7.86
N GLN A 304 13.94 33.24 8.03
CA GLN A 304 13.67 32.62 9.28
C GLN A 304 14.57 31.46 9.59
N GLY A 305 15.46 31.05 8.67
CA GLY A 305 16.28 29.87 8.92
C GLY A 305 15.59 28.53 8.89
N ARG A 306 14.37 28.46 8.33
CA ARG A 306 13.59 27.23 8.26
C ARG A 306 13.96 26.46 6.98
N VAL A 307 15.21 25.98 6.96
CA VAL A 307 15.82 25.41 5.78
C VAL A 307 16.62 24.23 6.27
N ARG A 308 16.54 23.10 5.61
CA ARG A 308 17.33 21.94 6.00
C ARG A 308 18.64 21.80 5.21
N LYS A 309 18.64 22.21 3.96
CA LYS A 309 19.84 22.10 3.15
C LYS A 309 19.85 23.21 2.11
N VAL A 310 21.04 23.63 1.73
CA VAL A 310 21.24 24.62 0.69
C VAL A 310 22.12 23.98 -0.35
N VAL A 311 21.70 24.06 -1.61
CA VAL A 311 22.55 23.65 -2.73
C VAL A 311 22.64 24.81 -3.74
N LYS A 312 23.56 24.70 -4.67
CA LYS A 312 23.53 25.55 -5.82
C LYS A 312 22.28 25.15 -6.62
N ALA A 313 21.44 26.10 -7.03
CA ALA A 313 20.35 25.85 -7.97
C ALA A 313 20.81 25.04 -9.16
N GLN A 314 21.98 25.37 -9.71
CA GLN A 314 22.58 24.58 -10.76
C GLN A 314 22.90 23.13 -10.49
N GLN A 315 23.18 22.75 -9.26
CA GLN A 315 23.48 21.34 -8.99
C GLN A 315 22.12 20.54 -9.09
N LEU A 316 21.01 21.11 -8.59
CA LEU A 316 19.75 20.46 -8.72
C LEU A 316 19.35 20.45 -10.23
N TRP A 317 19.58 21.56 -10.94
CA TRP A 317 19.36 21.63 -12.39
C TRP A 317 20.07 20.47 -13.12
N TYR A 318 21.32 20.25 -12.77
CA TYR A 318 22.10 19.18 -13.36
C TYR A 318 21.48 17.82 -13.10
N ALA A 319 21.00 17.61 -11.87
CA ALA A 319 20.36 16.35 -11.51
C ALA A 319 19.10 16.09 -12.36
N ILE A 320 18.36 17.16 -12.67
CA ILE A 320 17.08 17.04 -13.42
C ILE A 320 17.35 16.57 -14.84
N ILE A 321 18.28 17.26 -15.46
CA ILE A 321 18.66 17.05 -16.84
C ILE A 321 19.26 15.67 -17.01
N GLU A 322 20.05 15.26 -16.02
CA GLU A 322 20.72 13.96 -16.10
C GLU A 322 19.73 12.82 -15.95
N SER A 323 18.70 13.04 -15.13
CA SER A 323 17.59 12.10 -15.01
C SER A 323 16.82 11.99 -16.31
N GLN A 324 16.62 13.12 -16.98
CA GLN A 324 15.97 13.10 -18.27
C GLN A 324 16.88 12.44 -19.31
N THR A 325 18.17 12.70 -19.26
CA THR A 325 19.11 12.02 -20.16
C THR A 325 18.96 10.51 -19.95
N GLU A 326 18.94 10.06 -18.70
CA GLU A 326 18.78 8.63 -18.39
C GLU A 326 17.39 8.02 -18.67
N THR A 327 16.31 8.70 -18.31
CA THR A 327 14.98 8.06 -18.37
C THR A 327 13.95 8.72 -19.29
N GLY A 328 14.24 9.90 -19.82
CA GLY A 328 13.21 10.73 -20.46
C GLY A 328 12.27 11.54 -19.56
N THR A 329 12.49 11.51 -18.22
CA THR A 329 11.63 12.11 -17.18
C THR A 329 12.57 12.70 -16.09
N PRO A 330 12.09 13.56 -15.19
CA PRO A 330 10.69 13.96 -15.05
C PRO A 330 10.13 14.91 -16.10
N TYR A 331 8.80 14.90 -16.18
CA TYR A 331 8.05 15.82 -16.99
C TYR A 331 8.29 17.20 -16.39
N MET A 332 8.14 18.25 -17.20
CA MET A 332 8.46 19.60 -16.73
C MET A 332 7.20 20.45 -16.84
N LEU A 333 6.63 20.80 -15.68
CA LEU A 333 5.50 21.74 -15.61
C LEU A 333 5.89 23.00 -14.91
N TYR A 334 5.49 24.14 -15.43
CA TYR A 334 5.72 25.44 -14.76
C TYR A 334 4.53 25.89 -13.98
N LYS A 335 4.61 25.66 -12.68
CA LYS A 335 3.56 25.89 -11.71
C LYS A 335 2.93 27.27 -11.82
N ASP A 336 3.77 28.29 -11.95
CA ASP A 336 3.30 29.70 -11.94
C ASP A 336 2.59 30.03 -13.26
N SER A 337 3.12 29.49 -14.34
CA SER A 337 2.43 29.62 -15.66
C SER A 337 1.03 28.91 -15.59
N CYS A 338 0.97 27.71 -15.03
CA CYS A 338 -0.28 26.95 -14.92
C CYS A 338 -1.30 27.67 -14.03
N ASN A 339 -0.86 28.25 -12.93
CA ASN A 339 -1.75 28.98 -12.03
C ASN A 339 -2.12 30.36 -12.53
N ARG A 340 -1.16 31.08 -13.04
CA ARG A 340 -1.39 32.44 -13.51
C ARG A 340 -2.35 32.47 -14.68
N LYS A 341 -2.39 31.39 -15.48
CA LYS A 341 -3.23 31.37 -16.71
C LYS A 341 -4.30 30.33 -16.63
N SER A 342 -4.85 30.09 -15.42
CA SER A 342 -5.95 29.13 -15.26
C SER A 342 -7.22 29.85 -14.91
N ASN A 343 -8.26 29.52 -15.62
CA ASN A 343 -9.60 29.97 -15.27
C ASN A 343 -10.09 29.45 -13.91
N GLN A 344 -9.44 28.40 -13.39
CA GLN A 344 -9.78 27.87 -12.07
C GLN A 344 -9.06 28.53 -10.89
N GLN A 345 -8.27 29.58 -11.16
CA GLN A 345 -7.42 30.19 -10.18
C GLN A 345 -8.21 30.81 -9.02
N ASN A 346 -9.49 31.10 -9.20
CA ASN A 346 -10.33 31.58 -8.07
C ASN A 346 -10.53 30.50 -6.99
N LEU A 347 -10.32 29.22 -7.33
CA LEU A 347 -10.50 28.12 -6.37
C LEU A 347 -9.38 28.03 -5.34
N GLY A 348 -8.21 28.55 -5.66
CA GLY A 348 -7.04 28.31 -4.82
C GLY A 348 -5.92 27.86 -5.77
N THR A 349 -4.76 27.61 -5.19
CA THR A 349 -3.60 27.11 -5.93
C THR A 349 -3.75 25.66 -6.42
N ILE A 350 -3.45 25.50 -7.71
CA ILE A 350 -3.46 24.23 -8.40
C ILE A 350 -2.10 23.57 -8.15
N LYS A 351 -2.17 22.34 -7.58
CA LYS A 351 -1.04 21.65 -7.01
C LYS A 351 -0.33 20.68 -7.95
N CYS A 352 -0.97 20.32 -9.04
CA CYS A 352 -0.40 19.39 -10.01
C CYS A 352 -1.21 19.39 -11.30
N SER A 353 -0.61 18.70 -12.27
CA SER A 353 -1.31 18.25 -13.48
C SER A 353 -1.67 16.73 -13.37
N ASN A 354 -1.93 16.10 -14.50
CA ASN A 354 -2.37 14.73 -14.54
C ASN A 354 -1.33 13.78 -15.07
N LEU A 355 -1.75 12.56 -15.37
CA LEU A 355 -0.84 11.57 -15.93
C LEU A 355 -0.15 12.05 -17.21
N CYS A 356 -0.88 12.67 -18.14
CA CYS A 356 -0.31 13.00 -19.42
C CYS A 356 0.09 14.48 -19.60
N THR A 357 0.02 15.27 -18.55
CA THR A 357 0.54 16.66 -18.47
C THR A 357 -0.25 17.71 -19.27
N GLU A 358 -1.47 17.36 -19.70
CA GLU A 358 -2.33 18.32 -20.43
C GLU A 358 -3.45 18.86 -19.55
N ILE A 359 -3.66 18.29 -18.41
CA ILE A 359 -4.78 18.76 -17.53
C ILE A 359 -4.26 19.60 -16.39
N VAL A 360 -4.88 20.75 -16.18
CA VAL A 360 -4.50 21.68 -15.13
C VAL A 360 -5.79 22.08 -14.34
N GLU A 361 -6.08 21.32 -13.28
CA GLU A 361 -7.34 21.47 -12.56
C GLU A 361 -7.03 21.40 -11.08
N TYR A 362 -7.87 22.07 -10.30
CA TYR A 362 -7.69 22.22 -8.90
C TYR A 362 -8.00 20.94 -8.16
N THR A 363 -7.20 20.64 -7.15
CA THR A 363 -7.44 19.46 -6.30
C THR A 363 -7.27 19.83 -4.86
N SER A 364 -8.16 19.32 -3.99
CA SER A 364 -8.05 19.50 -2.53
C SER A 364 -8.31 18.17 -1.83
N LYS A 365 -8.23 18.22 -0.51
CA LYS A 365 -8.60 17.04 0.27
C LYS A 365 -10.06 16.64 -0.05
N ASP A 366 -10.90 17.60 -0.39
CA ASP A 366 -12.30 17.33 -0.74
C ASP A 366 -12.60 17.10 -2.22
N GLU A 367 -11.63 17.40 -3.07
CA GLU A 367 -11.85 17.34 -4.49
C GLU A 367 -10.77 16.55 -5.22
N VAL A 368 -11.19 15.55 -5.99
CA VAL A 368 -10.33 14.83 -6.94
C VAL A 368 -10.79 15.29 -8.31
N ALA A 369 -9.88 15.88 -9.07
CA ALA A 369 -10.26 16.45 -10.36
C ALA A 369 -10.30 15.31 -11.35
N VAL A 370 -11.10 15.53 -12.38
CA VAL A 370 -11.41 14.58 -13.39
C VAL A 370 -11.22 15.21 -14.78
N CYS A 371 -10.74 14.37 -15.68
CA CYS A 371 -10.43 14.67 -17.06
C CYS A 371 -11.42 13.98 -17.99
N ASN A 372 -12.26 14.80 -18.59
CA ASN A 372 -13.30 14.38 -19.52
C ASN A 372 -12.87 14.79 -20.93
N LEU A 373 -12.43 13.82 -21.74
CA LEU A 373 -11.65 14.02 -22.93
C LEU A 373 -12.29 13.53 -24.27
N ALA A 374 -12.01 14.26 -25.37
CA ALA A 374 -12.26 13.84 -26.76
C ALA A 374 -11.26 14.53 -27.68
N SER A 375 -11.10 14.05 -28.92
CA SER A 375 -10.19 14.72 -29.84
C SER A 375 -10.84 14.95 -31.19
N LEU A 376 -10.49 16.09 -31.80
CA LEU A 376 -10.94 16.39 -33.17
C LEU A 376 -9.88 15.92 -34.17
N ALA A 377 -10.34 15.29 -35.24
CA ALA A 377 -9.46 14.79 -36.28
C ALA A 377 -9.23 15.91 -37.33
N LEU A 378 -8.15 16.67 -37.08
CA LEU A 378 -7.93 17.91 -37.82
C LEU A 378 -7.79 17.76 -39.32
N ASN A 379 -7.39 16.56 -39.75
CA ASN A 379 -7.30 16.19 -41.15
C ASN A 379 -8.63 16.28 -41.91
N MET A 380 -9.73 16.03 -41.23
CA MET A 380 -11.04 16.01 -41.86
C MET A 380 -11.59 17.34 -42.34
N TYR A 381 -10.98 18.44 -41.89
CA TYR A 381 -11.51 19.80 -42.10
C TYR A 381 -10.83 20.49 -43.29
N VAL A 382 -9.90 19.79 -43.95
CA VAL A 382 -9.27 20.33 -45.10
C VAL A 382 -10.12 20.04 -46.38
N THR A 383 -10.33 21.03 -47.22
CA THR A 383 -11.13 20.85 -48.43
C THR A 383 -10.22 20.38 -49.60
N SER A 384 -10.86 19.92 -50.69
CA SER A 384 -10.14 19.60 -51.95
C SER A 384 -9.45 20.84 -52.51
N GLU A 385 -9.97 21.99 -52.12
CA GLU A 385 -9.42 23.28 -52.48
C GLU A 385 -8.09 23.63 -51.73
N HIS A 386 -7.63 22.80 -50.80
CA HIS A 386 -6.53 23.13 -49.92
C HIS A 386 -6.85 24.38 -49.13
N THR A 387 -8.10 24.49 -48.69
CA THR A 387 -8.47 25.51 -47.69
C THR A 387 -8.95 24.82 -46.41
N TYR A 388 -8.88 25.49 -45.27
CA TYR A 388 -9.25 24.87 -44.04
C TYR A 388 -10.69 25.32 -43.69
N ASP A 389 -11.56 24.36 -43.45
CA ASP A 389 -12.97 24.68 -43.12
C ASP A 389 -13.09 24.98 -41.62
N PHE A 390 -12.68 26.18 -41.22
CA PHE A 390 -12.72 26.58 -39.83
C PHE A 390 -14.20 26.56 -39.32
N LYS A 391 -15.12 26.90 -40.18
CA LYS A 391 -16.56 26.96 -39.77
C LYS A 391 -17.01 25.56 -39.35
N LYS A 392 -16.67 24.55 -40.14
CA LYS A 392 -17.03 23.20 -39.81
C LYS A 392 -16.35 22.71 -38.54
N LEU A 393 -15.07 23.01 -38.40
CA LEU A 393 -14.34 22.69 -37.20
C LEU A 393 -15.02 23.24 -35.96
N ALA A 394 -15.45 24.50 -36.02
CA ALA A 394 -16.19 25.10 -34.88
C ALA A 394 -17.51 24.38 -34.61
N GLU A 395 -18.24 24.06 -35.66
CA GLU A 395 -19.52 23.36 -35.54
C GLU A 395 -19.34 21.97 -34.84
N VAL A 396 -18.31 21.22 -35.24
CA VAL A 396 -18.07 19.92 -34.65
C VAL A 396 -17.65 20.08 -33.21
N THR A 397 -16.84 21.10 -32.92
CA THR A 397 -16.37 21.38 -31.60
C THR A 397 -17.60 21.60 -30.64
N LYS A 398 -18.63 22.25 -31.12
CA LYS A 398 -19.84 22.49 -30.28
C LYS A 398 -20.48 21.17 -29.93
N VAL A 399 -20.58 20.25 -30.89
CA VAL A 399 -21.12 18.94 -30.61
C VAL A 399 -20.37 18.25 -29.50
N VAL A 400 -19.06 18.30 -29.58
CA VAL A 400 -18.22 17.69 -28.58
C VAL A 400 -18.37 18.29 -27.19
N VAL A 401 -18.45 19.62 -27.09
CA VAL A 401 -18.70 20.25 -25.79
C VAL A 401 -20.01 19.69 -25.15
N ARG A 402 -21.09 19.66 -25.91
CA ARG A 402 -22.40 19.17 -25.36
C ARG A 402 -22.26 17.67 -24.94
N ASN A 403 -21.54 16.87 -25.72
CA ASN A 403 -21.33 15.47 -25.41
C ASN A 403 -20.55 15.30 -24.12
N LEU A 404 -19.46 16.05 -23.96
CA LEU A 404 -18.65 15.93 -22.75
C LEU A 404 -19.36 16.46 -21.53
N ASN A 405 -20.03 17.56 -21.71
CA ASN A 405 -20.94 18.05 -20.70
C ASN A 405 -21.99 17.02 -20.28
N LYS A 406 -22.57 16.26 -21.18
CA LYS A 406 -23.45 15.18 -20.74
C LYS A 406 -22.72 14.07 -19.99
N ILE A 407 -21.50 13.76 -20.42
CA ILE A 407 -20.72 12.74 -19.78
C ILE A 407 -20.49 13.03 -18.29
N ILE A 408 -20.27 14.32 -17.92
CA ILE A 408 -20.06 14.73 -16.53
C ILE A 408 -21.25 14.26 -15.66
N ASP A 409 -22.46 14.39 -16.17
CA ASP A 409 -23.66 14.04 -15.37
C ASP A 409 -24.02 12.53 -15.36
N ILE A 410 -23.57 11.82 -16.38
CA ILE A 410 -23.77 10.39 -16.59
C ILE A 410 -22.75 9.53 -15.85
N ASN A 411 -21.54 10.08 -15.63
CA ASN A 411 -20.36 9.29 -15.27
C ASN A 411 -20.60 8.62 -13.93
N TYR A 412 -20.06 7.42 -13.82
CA TYR A 412 -19.98 6.72 -12.57
C TYR A 412 -18.58 6.98 -11.95
N TYR A 413 -18.55 7.73 -10.88
CA TYR A 413 -17.31 8.21 -10.30
C TYR A 413 -16.77 7.17 -9.32
N PRO A 414 -15.48 6.87 -9.39
CA PRO A 414 -14.94 5.87 -8.50
C PRO A 414 -14.86 6.35 -7.07
N VAL A 415 -14.72 7.66 -6.83
CA VAL A 415 -14.72 8.17 -5.46
C VAL A 415 -15.60 9.42 -5.44
N PRO A 416 -16.25 9.71 -4.31
CA PRO A 416 -17.21 10.83 -4.25
C PRO A 416 -16.55 12.21 -4.42
N GLU A 417 -15.26 12.31 -4.12
CA GLU A 417 -14.51 13.53 -4.32
C GLU A 417 -14.43 13.96 -5.79
N ALA A 418 -14.41 12.96 -6.68
CA ALA A 418 -14.36 13.15 -8.14
C ALA A 418 -15.67 13.66 -8.62
N CYS A 419 -16.74 13.08 -8.10
CA CYS A 419 -18.09 13.54 -8.46
C CYS A 419 -18.26 14.99 -8.08
N LEU A 420 -17.86 15.33 -6.85
CA LEU A 420 -18.00 16.74 -6.33
C LEU A 420 -17.21 17.78 -7.14
N SER A 421 -15.97 17.45 -7.48
CA SER A 421 -15.14 18.31 -8.27
C SER A 421 -15.75 18.55 -9.66
N ASN A 422 -16.05 17.47 -10.42
CA ASN A 422 -16.63 17.59 -11.74
C ASN A 422 -17.95 18.35 -11.72
N LYS A 423 -18.81 18.03 -10.74
CA LYS A 423 -20.07 18.78 -10.55
C LYS A 423 -19.94 20.26 -10.26
N ARG A 424 -18.95 20.67 -9.45
CA ARG A 424 -18.79 22.08 -9.12
C ARG A 424 -18.21 22.92 -10.24
N HIS A 425 -17.19 22.38 -10.94
CA HIS A 425 -16.41 23.13 -11.92
C HIS A 425 -16.67 22.75 -13.36
N ARG A 426 -17.22 21.59 -13.63
CA ARG A 426 -17.55 21.10 -14.97
C ARG A 426 -16.45 21.28 -16.04
N PRO A 427 -15.21 21.01 -15.68
CA PRO A 427 -14.10 21.15 -16.72
C PRO A 427 -14.21 20.11 -17.78
N ILE A 428 -13.90 20.45 -19.03
CA ILE A 428 -13.69 19.43 -20.05
C ILE A 428 -12.36 19.63 -20.75
N GLY A 429 -11.95 18.60 -21.53
CA GLY A 429 -10.65 18.68 -22.25
C GLY A 429 -10.81 18.21 -23.68
N ILE A 430 -11.09 19.13 -24.58
CA ILE A 430 -11.16 18.81 -26.03
C ILE A 430 -9.73 18.93 -26.62
N GLY A 431 -9.23 17.87 -27.21
CA GLY A 431 -7.92 17.92 -27.88
C GLY A 431 -8.01 17.63 -29.38
N VAL A 432 -6.88 17.25 -29.98
CA VAL A 432 -6.84 17.07 -31.38
C VAL A 432 -5.94 15.89 -31.73
N GLN A 433 -6.06 15.48 -32.97
CA GLN A 433 -5.14 14.58 -33.58
C GLN A 433 -5.08 14.98 -35.04
N GLY A 434 -4.08 14.48 -35.75
CA GLY A 434 -3.90 14.78 -37.14
C GLY A 434 -3.39 16.18 -37.50
N LEU A 435 -2.78 16.88 -36.54
CA LEU A 435 -2.26 18.22 -36.83
C LEU A 435 -1.27 18.13 -38.01
N ALA A 436 -0.35 17.16 -37.91
CA ALA A 436 0.67 16.96 -38.96
C ALA A 436 -0.01 16.62 -40.28
N ASP A 437 -1.14 15.86 -40.24
CA ASP A 437 -1.85 15.49 -41.46
C ASP A 437 -2.55 16.70 -42.08
N ALA A 438 -3.18 17.51 -41.24
CA ALA A 438 -3.75 18.72 -41.74
C ALA A 438 -2.69 19.55 -42.53
N PHE A 439 -1.53 19.76 -41.95
CA PHE A 439 -0.49 20.54 -42.66
C PHE A 439 -0.12 19.89 -44.02
N ILE A 440 0.06 18.57 -44.01
CA ILE A 440 0.43 17.79 -45.21
C ILE A 440 -0.62 17.94 -46.28
N LEU A 441 -1.89 17.80 -45.88
CA LEU A 441 -3.03 17.98 -46.78
C LEU A 441 -3.18 19.39 -47.31
N MET A 442 -2.86 20.37 -46.49
CA MET A 442 -2.82 21.77 -46.96
C MET A 442 -1.53 22.09 -47.78
N ARG A 443 -0.60 21.16 -47.89
CA ARG A 443 0.69 21.36 -48.57
C ARG A 443 1.63 22.30 -47.85
N TYR A 444 1.49 22.40 -46.51
CA TYR A 444 2.34 23.27 -45.73
C TYR A 444 3.36 22.46 -44.92
N PRO A 445 4.66 22.77 -45.06
CA PRO A 445 5.62 22.17 -44.17
C PRO A 445 5.36 22.57 -42.74
N PHE A 446 5.65 21.67 -41.80
CA PHE A 446 5.30 21.97 -40.39
C PHE A 446 5.87 23.28 -39.87
N GLU A 447 7.12 23.56 -40.25
CA GLU A 447 7.75 24.78 -39.79
C GLU A 447 7.46 26.03 -40.61
N SER A 448 6.71 25.91 -41.69
CA SER A 448 6.50 27.04 -42.59
C SER A 448 5.65 28.13 -41.92
N ALA A 449 5.71 29.34 -42.46
CA ALA A 449 4.86 30.40 -41.94
C ALA A 449 3.37 30.11 -42.11
N GLU A 450 3.01 29.45 -43.21
CA GLU A 450 1.67 29.06 -43.48
C GLU A 450 1.13 28.07 -42.44
N ALA A 451 1.94 27.09 -42.08
CA ALA A 451 1.62 26.17 -40.95
C ALA A 451 1.46 26.88 -39.64
N GLN A 452 2.28 27.90 -39.46
CA GLN A 452 2.30 28.64 -38.20
C GLN A 452 1.04 29.42 -38.01
N LEU A 453 0.58 30.10 -39.07
CA LEU A 453 -0.72 30.78 -39.04
C LEU A 453 -1.91 29.82 -38.86
N LEU A 454 -1.90 28.73 -39.58
CA LEU A 454 -2.92 27.71 -39.47
C LEU A 454 -2.95 27.03 -38.08
N ASN A 455 -1.80 26.76 -37.52
CA ASN A 455 -1.74 26.35 -36.12
C ASN A 455 -2.51 27.31 -35.23
N LYS A 456 -2.20 28.59 -35.24
CA LYS A 456 -2.96 29.57 -34.43
C LYS A 456 -4.42 29.50 -34.69
N GLN A 457 -4.79 29.60 -35.97
CA GLN A 457 -6.15 29.64 -36.38
C GLN A 457 -6.98 28.41 -36.09
N ILE A 458 -6.41 27.24 -36.20
CA ILE A 458 -7.11 26.01 -35.76
C ILE A 458 -7.54 26.12 -34.29
N PHE A 459 -6.58 26.53 -33.46
CA PHE A 459 -6.80 26.53 -32.03
C PHE A 459 -7.65 27.72 -31.62
N GLU A 460 -7.54 28.82 -32.39
CA GLU A 460 -8.49 29.93 -32.18
C GLU A 460 -9.93 29.43 -32.43
N THR A 461 -10.11 28.70 -33.53
CA THR A 461 -11.41 28.15 -33.89
C THR A 461 -11.97 27.23 -32.83
N ILE A 462 -11.18 26.27 -32.46
CA ILE A 462 -11.55 25.33 -31.37
C ILE A 462 -12.01 26.08 -30.12
N TYR A 463 -11.19 27.03 -29.62
CA TYR A 463 -11.51 27.76 -28.41
C TYR A 463 -12.84 28.56 -28.58
N TYR A 464 -13.05 29.12 -29.77
CA TYR A 464 -14.19 29.94 -30.06
C TYR A 464 -15.47 29.13 -30.04
N GLY A 465 -15.44 28.08 -30.85
CA GLY A 465 -16.55 27.17 -30.92
C GLY A 465 -16.85 26.53 -29.56
N ALA A 466 -15.80 26.19 -28.82
CA ALA A 466 -16.04 25.58 -27.51
C ALA A 466 -16.72 26.54 -26.57
N LEU A 467 -16.19 27.77 -26.53
CA LEU A 467 -16.77 28.84 -25.71
C LEU A 467 -18.20 29.10 -26.11
N GLU A 468 -18.49 29.13 -27.41
CA GLU A 468 -19.83 29.40 -27.85
C GLU A 468 -20.84 28.32 -27.35
N ALA A 469 -20.49 27.06 -27.53
CA ALA A 469 -21.30 25.97 -27.02
C ALA A 469 -21.44 25.99 -25.49
N SER A 470 -20.35 26.26 -24.78
CA SER A 470 -20.41 26.35 -23.35
C SER A 470 -21.33 27.52 -22.90
N CYS A 471 -21.34 28.61 -23.67
CA CYS A 471 -22.14 29.75 -23.36
C CYS A 471 -23.62 29.43 -23.58
N ASP A 472 -23.93 28.83 -24.72
CA ASP A 472 -25.28 28.32 -24.97
C ASP A 472 -25.72 27.37 -23.89
N LEU A 473 -24.84 26.46 -23.46
CA LEU A 473 -25.17 25.61 -22.31
C LEU A 473 -25.53 26.39 -21.05
N ALA A 474 -24.75 27.44 -20.72
CA ALA A 474 -25.07 28.30 -19.56
C ALA A 474 -26.39 29.06 -19.71
N LYS A 475 -26.70 29.49 -20.94
CA LYS A 475 -27.98 30.13 -21.22
C LYS A 475 -29.09 29.12 -20.94
N GLU A 476 -28.91 27.86 -21.37
CA GLU A 476 -29.87 26.78 -21.14
C GLU A 476 -29.91 26.22 -19.69
N GLN A 477 -28.79 26.16 -18.97
CA GLN A 477 -28.73 25.43 -17.67
C GLN A 477 -28.22 26.27 -16.52
N GLY A 478 -27.80 27.49 -16.76
CA GLY A 478 -27.05 28.21 -15.74
C GLY A 478 -25.53 27.93 -15.80
N PRO A 479 -24.72 28.88 -15.34
CA PRO A 479 -23.29 28.71 -15.26
C PRO A 479 -22.88 27.68 -14.23
N TYR A 480 -21.66 27.15 -14.35
CA TYR A 480 -21.21 26.23 -13.31
C TYR A 480 -21.12 26.98 -11.99
N GLU A 481 -21.19 26.22 -10.92
CA GLU A 481 -21.14 26.69 -9.55
C GLU A 481 -20.11 27.74 -9.13
N THR A 482 -18.84 27.54 -9.49
CA THR A 482 -17.77 28.43 -9.12
C THR A 482 -17.43 29.45 -10.21
N TYR A 483 -18.32 29.66 -11.17
CA TYR A 483 -18.08 30.61 -12.27
C TYR A 483 -17.81 32.09 -11.87
N GLU A 484 -18.58 32.64 -10.96
CA GLU A 484 -18.40 34.07 -10.65
C GLU A 484 -17.14 34.31 -9.85
N GLY A 485 -16.37 35.29 -10.26
CA GLY A 485 -15.11 35.53 -9.64
C GLY A 485 -14.00 34.87 -10.45
N SER A 486 -14.37 34.03 -11.39
CA SER A 486 -13.35 33.54 -12.32
C SER A 486 -12.94 34.62 -13.35
N PRO A 487 -11.70 34.47 -13.94
CA PRO A 487 -11.23 35.34 -14.97
C PRO A 487 -12.23 35.52 -16.13
N VAL A 488 -12.86 34.47 -16.58
CA VAL A 488 -13.79 34.54 -17.68
C VAL A 488 -15.03 35.34 -17.25
N SER A 489 -15.42 35.20 -15.99
CA SER A 489 -16.63 36.01 -15.47
C SER A 489 -16.32 37.51 -15.48
N LYS A 490 -15.03 37.83 -15.48
CA LYS A 490 -14.57 39.19 -15.53
C LYS A 490 -14.22 39.67 -16.91
N GLY A 491 -14.55 38.91 -17.95
CA GLY A 491 -14.18 39.26 -19.30
C GLY A 491 -12.79 38.87 -19.79
N ILE A 492 -12.10 37.99 -19.04
CA ILE A 492 -10.71 37.61 -19.33
C ILE A 492 -10.70 36.18 -19.91
N LEU A 493 -10.44 36.09 -21.19
CA LEU A 493 -10.32 34.80 -21.85
C LEU A 493 -8.83 34.40 -21.88
N GLN A 494 -8.56 33.15 -22.28
CA GLN A 494 -7.22 32.59 -22.18
C GLN A 494 -6.17 33.44 -22.86
N TYR A 495 -6.43 33.90 -24.08
CA TYR A 495 -5.40 34.65 -24.82
C TYR A 495 -5.02 35.97 -24.15
N ASP A 496 -5.98 36.59 -23.44
CA ASP A 496 -5.76 37.80 -22.68
C ASP A 496 -4.74 37.54 -21.62
N MET A 497 -4.78 36.34 -21.03
CA MET A 497 -3.84 36.00 -19.97
C MET A 497 -2.45 35.75 -20.60
N TRP A 498 -2.35 35.50 -21.90
CA TRP A 498 -1.01 35.45 -22.54
C TRP A 498 -0.63 36.81 -23.15
N ASN A 499 -1.47 37.81 -22.94
CA ASN A 499 -1.35 39.08 -23.63
C ASN A 499 -1.29 38.96 -25.17
N VAL A 500 -2.10 38.09 -25.73
CA VAL A 500 -2.08 37.81 -27.16
C VAL A 500 -3.35 38.37 -27.72
N THR A 501 -3.25 39.03 -28.87
CA THR A 501 -4.40 39.47 -29.67
C THR A 501 -4.69 38.44 -30.77
N PRO A 502 -5.90 37.88 -30.77
CA PRO A 502 -6.20 36.85 -31.76
C PRO A 502 -6.23 37.44 -33.16
N THR A 503 -6.12 36.59 -34.17
CA THR A 503 -6.26 37.04 -35.56
C THR A 503 -7.67 37.59 -35.75
N ASP A 504 -7.94 38.13 -36.94
CA ASP A 504 -9.28 38.64 -37.34
C ASP A 504 -10.27 37.54 -37.78
N LEU A 505 -9.84 36.26 -37.75
CA LEU A 505 -10.71 35.20 -38.23
C LEU A 505 -12.10 35.13 -37.52
N TRP A 506 -12.15 35.30 -36.21
CA TRP A 506 -13.40 35.13 -35.47
C TRP A 506 -13.72 36.40 -34.75
N ASP A 507 -14.99 36.61 -34.51
CA ASP A 507 -15.44 37.82 -33.83
C ASP A 507 -15.51 37.64 -32.32
N TRP A 508 -14.38 37.88 -31.64
CA TRP A 508 -14.24 37.70 -30.17
C TRP A 508 -14.99 38.74 -29.38
N LYS A 509 -15.16 39.92 -29.99
CA LYS A 509 -15.89 40.98 -29.30
C LYS A 509 -17.33 40.55 -29.06
N VAL A 510 -17.99 40.02 -30.08
CA VAL A 510 -19.36 39.52 -29.95
C VAL A 510 -19.48 38.30 -29.01
N LEU A 511 -18.51 37.38 -29.08
CA LEU A 511 -18.51 36.24 -28.17
C LEU A 511 -18.42 36.69 -26.72
N LYS A 512 -17.54 37.63 -26.43
CA LYS A 512 -17.37 38.17 -25.08
C LYS A 512 -18.65 38.84 -24.58
N GLU A 513 -19.41 39.49 -25.45
CA GLU A 513 -20.74 40.05 -25.11
C GLU A 513 -21.69 38.95 -24.77
N LYS A 514 -21.75 37.89 -25.57
CA LYS A 514 -22.58 36.75 -25.25
C LYS A 514 -22.23 36.13 -23.87
N ILE A 515 -20.94 36.02 -23.63
CA ILE A 515 -20.45 35.49 -22.34
C ILE A 515 -20.74 36.45 -21.15
N ALA A 516 -20.56 37.76 -21.33
CA ALA A 516 -20.92 38.73 -20.30
C ALA A 516 -22.40 38.58 -19.89
N LYS A 517 -23.27 38.17 -20.81
CA LYS A 517 -24.73 38.09 -20.55
C LYS A 517 -25.16 36.80 -19.89
N TYR A 518 -24.64 35.67 -20.40
CA TYR A 518 -25.07 34.35 -19.95
C TYR A 518 -24.06 33.56 -19.15
N GLY A 519 -22.79 33.97 -19.13
CA GLY A 519 -21.73 33.13 -18.64
C GLY A 519 -21.48 31.86 -19.46
N ILE A 520 -20.76 30.94 -18.86
CA ILE A 520 -20.50 29.65 -19.44
C ILE A 520 -20.65 28.48 -18.47
N ARG A 521 -20.82 27.29 -19.06
CA ARG A 521 -21.15 26.06 -18.32
C ARG A 521 -19.92 25.34 -17.77
N ASN A 522 -18.76 25.51 -18.40
CA ASN A 522 -17.57 24.74 -18.09
C ASN A 522 -16.40 25.63 -17.68
N SER A 523 -15.73 25.34 -16.55
CA SER A 523 -14.65 26.18 -16.12
C SER A 523 -13.46 26.10 -17.08
N LEU A 524 -13.26 24.97 -17.74
CA LEU A 524 -12.13 24.78 -18.71
C LEU A 524 -12.67 23.99 -19.89
N LEU A 525 -12.00 24.08 -21.01
CA LEU A 525 -12.50 23.51 -22.23
C LEU A 525 -11.51 22.70 -23.06
N ILE A 526 -10.27 23.16 -23.12
CA ILE A 526 -9.35 22.63 -24.15
C ILE A 526 -8.12 22.04 -23.55
N ALA A 527 -7.73 20.87 -24.06
CA ALA A 527 -6.57 20.19 -23.59
C ALA A 527 -6.03 19.10 -24.55
N PRO A 528 -5.08 19.46 -25.37
CA PRO A 528 -4.56 18.45 -26.26
C PRO A 528 -3.87 17.31 -25.55
N MET A 529 -4.52 16.16 -25.55
CA MET A 529 -4.03 14.93 -24.93
C MET A 529 -3.20 14.13 -25.94
N PRO A 530 -2.59 13.07 -25.46
CA PRO A 530 -1.66 12.23 -26.31
C PRO A 530 -2.31 11.58 -27.52
N THR A 531 -3.51 11.01 -27.36
CA THR A 531 -4.17 10.29 -28.49
C THR A 531 -3.45 9.04 -29.08
N ALA A 532 -2.67 8.35 -28.28
CA ALA A 532 -1.91 7.21 -28.77
C ALA A 532 -2.79 6.11 -29.40
N SER A 533 -3.85 5.73 -28.70
CA SER A 533 -4.75 4.69 -29.22
C SER A 533 -5.67 5.14 -30.31
N THR A 534 -6.41 6.22 -30.07
CA THR A 534 -7.38 6.68 -31.03
C THR A 534 -6.76 7.12 -32.35
N ALA A 535 -5.64 7.80 -32.30
CA ALA A 535 -4.95 8.21 -33.55
C ALA A 535 -4.64 6.99 -34.38
N GLN A 536 -4.19 5.90 -33.75
CA GLN A 536 -3.92 4.68 -34.55
C GLN A 536 -5.21 4.05 -35.08
N ILE A 537 -6.31 4.10 -34.32
CA ILE A 537 -7.57 3.61 -34.83
C ILE A 537 -7.99 4.42 -36.03
N LEU A 538 -7.86 5.74 -35.94
CA LEU A 538 -8.30 6.61 -36.99
C LEU A 538 -7.31 6.77 -38.12
N GLY A 539 -6.11 6.27 -37.97
CA GLY A 539 -5.06 6.45 -39.00
C GLY A 539 -4.50 7.88 -39.17
N ASN A 540 -4.37 8.64 -38.07
CA ASN A 540 -3.77 9.99 -38.10
C ASN A 540 -2.48 10.03 -37.32
N ASN A 541 -1.61 11.02 -37.55
CA ASN A 541 -0.46 11.24 -36.67
C ASN A 541 -1.02 11.73 -35.32
N GLU A 542 -0.33 11.36 -34.24
CA GLU A 542 -0.80 11.68 -32.93
C GLU A 542 -0.92 13.17 -32.62
N SER A 543 -2.05 13.55 -32.02
CA SER A 543 -2.28 14.87 -31.45
C SER A 543 -1.66 16.04 -32.18
N ILE A 544 -0.72 16.75 -31.52
CA ILE A 544 -0.10 17.94 -32.05
C ILE A 544 1.33 17.65 -32.49
N GLU A 545 1.68 16.36 -32.55
CA GLU A 545 3.04 15.98 -32.88
C GLU A 545 3.40 16.25 -34.32
N PRO A 546 4.65 16.66 -34.59
CA PRO A 546 5.10 16.60 -35.98
C PRO A 546 5.10 15.14 -36.49
N TYR A 547 5.11 15.03 -37.80
CA TYR A 547 5.23 13.83 -38.56
C TYR A 547 6.25 12.86 -37.95
N THR A 548 5.84 11.62 -37.71
CA THR A 548 6.68 10.67 -36.99
C THR A 548 7.75 10.02 -37.92
N SER A 549 7.29 9.54 -39.05
CA SER A 549 8.07 8.75 -39.98
C SER A 549 7.37 8.68 -41.32
N ASN A 550 8.11 8.36 -42.36
CA ASN A 550 7.47 8.05 -43.67
C ASN A 550 7.05 6.57 -43.88
N ILE A 551 7.36 5.70 -42.91
CA ILE A 551 6.91 4.31 -42.93
C ILE A 551 6.58 3.89 -41.53
N TYR A 552 5.62 2.97 -41.44
CA TYR A 552 5.28 2.29 -40.22
C TYR A 552 5.53 0.80 -40.46
N PHE A 561 4.46 -6.65 -42.76
CA PHE A 561 3.84 -5.37 -43.14
C PHE A 561 4.79 -4.18 -42.99
N GLN A 562 5.12 -3.53 -44.11
CA GLN A 562 5.73 -2.18 -44.15
C GLN A 562 4.71 -1.26 -44.86
N ILE A 563 4.09 -0.37 -44.09
CA ILE A 563 3.09 0.57 -44.59
C ILE A 563 3.79 1.93 -44.72
N VAL A 564 3.94 2.33 -45.98
CA VAL A 564 4.41 3.67 -46.35
C VAL A 564 3.30 4.64 -45.99
N ASN A 565 3.65 5.84 -45.57
CA ASN A 565 2.64 6.81 -45.23
C ASN A 565 1.68 7.03 -46.39
N PRO A 566 0.35 6.92 -46.15
CA PRO A 566 -0.58 7.08 -47.25
C PRO A 566 -0.46 8.39 -48.01
N HIS A 567 -0.26 9.51 -47.32
CA HIS A 567 -0.25 10.80 -47.99
C HIS A 567 0.97 10.76 -48.93
N LEU A 568 2.12 10.39 -48.41
CA LEU A 568 3.34 10.38 -49.27
C LEU A 568 3.20 9.46 -50.51
N LEU A 569 2.78 8.24 -50.24
CA LEU A 569 2.49 7.26 -51.29
C LEU A 569 1.53 7.85 -52.34
N LYS A 570 0.45 8.50 -51.88
CA LYS A 570 -0.46 9.14 -52.81
C LYS A 570 0.24 10.20 -53.68
N ASP A 571 0.98 11.09 -53.04
CA ASP A 571 1.68 12.18 -53.74
C ASP A 571 2.71 11.63 -54.71
N LEU A 572 3.48 10.64 -54.31
CA LEU A 572 4.50 10.06 -55.22
C LEU A 572 3.88 9.24 -56.38
N THR A 573 2.82 8.49 -56.06
CA THR A 573 2.06 7.77 -57.08
C THR A 573 1.51 8.73 -58.11
N GLU A 574 0.83 9.78 -57.65
CA GLU A 574 0.24 10.78 -58.56
C GLU A 574 1.20 11.52 -59.47
N ARG A 575 2.44 11.63 -59.04
CA ARG A 575 3.50 12.30 -59.81
C ARG A 575 4.17 11.38 -60.81
N GLY A 576 3.90 10.08 -60.71
CA GLY A 576 4.59 9.06 -61.48
C GLY A 576 5.91 8.63 -60.85
N LEU A 577 6.23 9.17 -59.66
CA LEU A 577 7.53 8.93 -59.03
C LEU A 577 7.59 7.76 -58.12
N TRP A 578 6.49 7.04 -57.89
CA TRP A 578 6.56 5.92 -56.94
C TRP A 578 7.32 4.73 -57.55
N HIS A 579 8.22 4.12 -56.78
CA HIS A 579 8.87 2.84 -57.11
C HIS A 579 8.99 2.00 -55.86
N GLU A 580 8.51 0.76 -55.90
CA GLU A 580 8.45 -0.09 -54.69
C GLU A 580 9.78 -0.22 -53.92
N GLU A 581 10.90 -0.02 -54.64
CA GLU A 581 12.25 0.09 -54.05
C GLU A 581 12.42 1.19 -52.95
N MET A 582 11.69 2.30 -53.12
CA MET A 582 11.78 3.45 -52.20
C MET A 582 11.52 3.06 -50.77
N LYS A 583 10.68 2.04 -50.61
CA LYS A 583 10.30 1.46 -49.31
C LYS A 583 11.52 1.16 -48.43
N ASN A 584 12.47 0.45 -49.02
CA ASN A 584 13.66 -0.03 -48.29
C ASN A 584 14.67 1.08 -48.05
N GLN A 585 14.72 2.04 -48.97
CA GLN A 585 15.59 3.22 -48.84
C GLN A 585 15.09 4.06 -47.64
N ILE A 586 13.77 4.24 -47.56
CA ILE A 586 13.16 4.93 -46.40
C ILE A 586 13.52 4.20 -45.09
N ILE A 587 13.32 2.89 -45.08
CA ILE A 587 13.74 2.04 -43.96
C ILE A 587 15.23 2.25 -43.59
N ALA A 588 16.12 2.21 -44.60
CA ALA A 588 17.56 2.43 -44.39
C ALA A 588 17.85 3.79 -43.78
N CYS A 589 17.01 4.77 -44.12
CA CYS A 589 17.08 6.13 -43.58
C CYS A 589 16.18 6.33 -42.35
N ASN A 590 15.81 5.26 -41.65
CA ASN A 590 15.06 5.34 -40.41
C ASN A 590 13.85 6.28 -40.53
N GLY A 591 13.06 6.14 -41.61
CA GLY A 591 11.84 6.95 -41.83
C GLY A 591 11.93 8.29 -42.57
N SER A 592 13.14 8.69 -42.92
CA SER A 592 13.41 9.92 -43.58
C SER A 592 13.33 9.74 -45.12
N ILE A 593 12.91 10.77 -45.85
CA ILE A 593 13.01 10.79 -47.32
C ILE A 593 13.96 11.85 -47.87
N GLN A 594 14.70 12.49 -46.99
CA GLN A 594 15.52 13.66 -47.34
C GLN A 594 16.70 13.36 -48.32
N SER A 595 17.29 12.19 -48.20
CA SER A 595 18.43 11.84 -49.02
C SER A 595 18.03 10.93 -50.19
N ILE A 596 16.73 10.84 -50.50
CA ILE A 596 16.30 10.08 -51.68
C ILE A 596 16.28 11.01 -52.90
N PRO A 597 17.19 10.78 -53.87
CA PRO A 597 17.46 11.76 -54.94
C PRO A 597 16.28 12.01 -55.88
N GLU A 598 15.48 10.99 -56.11
CA GLU A 598 14.34 11.06 -57.04
C GLU A 598 13.18 11.94 -56.54
N ILE A 599 12.98 11.97 -55.22
CA ILE A 599 11.89 12.78 -54.62
C ILE A 599 12.17 14.28 -54.72
N PRO A 600 11.20 15.07 -55.21
CA PRO A 600 11.42 16.51 -55.37
C PRO A 600 11.46 17.26 -54.04
N ASP A 601 12.14 18.41 -54.01
CA ASP A 601 12.31 19.20 -52.80
C ASP A 601 11.01 19.64 -52.09
N ASP A 602 9.98 20.01 -52.84
CA ASP A 602 8.75 20.47 -52.22
C ASP A 602 8.19 19.34 -51.32
N LEU A 603 8.21 18.09 -51.82
CA LEU A 603 7.80 16.90 -51.06
C LEU A 603 8.69 16.55 -49.85
N LYS A 604 10.00 16.64 -50.04
CA LYS A 604 10.98 16.48 -48.93
C LYS A 604 10.71 17.43 -47.77
N GLN A 605 10.41 18.68 -48.09
CA GLN A 605 10.04 19.67 -47.10
C GLN A 605 8.76 19.34 -46.35
N LEU A 606 7.77 18.87 -47.09
CA LEU A 606 6.48 18.55 -46.53
C LEU A 606 6.54 17.31 -45.59
N TYR A 607 7.43 16.37 -45.91
CA TYR A 607 7.56 15.10 -45.25
C TYR A 607 8.80 14.95 -44.39
N LYS A 608 9.39 16.06 -43.97
CA LYS A 608 10.41 16.01 -42.95
C LYS A 608 9.84 15.33 -41.68
N THR A 609 10.65 14.54 -41.01
CA THR A 609 10.15 13.82 -39.84
C THR A 609 10.37 14.68 -38.61
N VAL A 610 9.84 14.22 -37.50
CA VAL A 610 10.04 14.92 -36.22
C VAL A 610 11.52 15.10 -35.89
N TRP A 611 12.37 14.17 -36.34
CA TRP A 611 13.81 14.29 -36.14
C TRP A 611 14.53 15.31 -37.00
N GLU A 612 13.84 15.90 -37.97
CA GLU A 612 14.40 16.89 -38.90
C GLU A 612 13.74 18.23 -38.75
N ILE A 613 12.94 18.39 -37.69
CA ILE A 613 12.15 19.58 -37.41
C ILE A 613 12.68 20.19 -36.16
N SER A 614 12.88 21.50 -36.21
CA SER A 614 13.39 22.25 -35.06
C SER A 614 12.47 22.22 -33.84
N GLN A 615 13.06 21.89 -32.69
CA GLN A 615 12.29 21.76 -31.49
C GLN A 615 11.95 23.12 -30.91
N LYS A 616 12.77 24.09 -31.28
CA LYS A 616 12.53 25.47 -30.95
C LYS A 616 11.27 25.92 -31.61
N THR A 617 11.13 25.62 -32.87
CA THR A 617 9.88 25.95 -33.58
C THR A 617 8.70 25.13 -33.04
N VAL A 618 8.90 23.87 -32.72
CA VAL A 618 7.90 23.09 -31.98
C VAL A 618 7.43 23.79 -30.67
N LEU A 619 8.38 24.25 -29.86
CA LEU A 619 8.00 24.98 -28.62
C LEU A 619 7.29 26.30 -28.87
N LYS A 620 7.78 27.04 -29.88
CA LYS A 620 7.13 28.28 -30.25
C LYS A 620 5.71 28.06 -30.73
N MET A 621 5.55 27.09 -31.63
CA MET A 621 4.20 26.73 -32.07
C MET A 621 3.28 26.25 -30.94
N ALA A 622 3.84 25.57 -29.94
CA ALA A 622 3.08 25.22 -28.75
C ALA A 622 2.62 26.45 -27.96
N ALA A 623 3.53 27.40 -27.75
CA ALA A 623 3.21 28.64 -27.07
C ALA A 623 2.14 29.41 -27.83
N GLU A 624 2.30 29.46 -29.15
CA GLU A 624 1.37 30.13 -30.00
C GLU A 624 -0.08 29.60 -29.88
N ARG A 625 -0.24 28.30 -30.10
CA ARG A 625 -1.59 27.71 -29.87
C ARG A 625 -2.03 27.76 -28.43
N GLY A 626 -1.04 27.75 -27.55
CA GLY A 626 -1.19 27.70 -26.12
C GLY A 626 -2.07 28.85 -25.61
N ALA A 627 -2.02 30.02 -26.26
CA ALA A 627 -2.88 31.14 -25.91
C ALA A 627 -4.35 30.87 -26.06
N PHE A 628 -4.71 29.83 -26.80
CA PHE A 628 -6.05 29.46 -27.01
C PHE A 628 -6.43 28.12 -26.39
N ILE A 629 -5.66 27.71 -25.38
CA ILE A 629 -5.87 26.41 -24.72
C ILE A 629 -5.84 26.71 -23.26
N ASP A 630 -7.00 26.58 -22.60
CA ASP A 630 -7.16 27.02 -21.25
C ASP A 630 -6.55 26.04 -20.24
N GLN A 631 -6.45 24.77 -20.63
CA GLN A 631 -5.67 23.80 -19.89
C GLN A 631 -4.22 23.79 -20.42
N SER A 632 -3.69 22.62 -20.77
CA SER A 632 -2.27 22.54 -21.25
C SER A 632 -2.20 21.55 -22.40
N GLN A 633 -1.00 21.05 -22.72
CA GLN A 633 -0.80 20.22 -23.85
C GLN A 633 0.29 19.19 -23.57
N SER A 634 0.03 17.95 -23.98
CA SER A 634 0.93 16.85 -23.76
C SER A 634 2.07 17.00 -24.79
N LEU A 635 3.06 17.83 -24.50
CA LEU A 635 4.02 18.21 -25.53
C LEU A 635 5.30 17.41 -25.40
N ASN A 636 5.49 16.44 -26.27
CA ASN A 636 6.74 15.70 -26.31
C ASN A 636 7.83 16.49 -27.00
N ILE A 637 9.09 16.15 -26.71
CA ILE A 637 10.27 16.82 -27.28
C ILE A 637 11.18 15.75 -27.86
N HIS A 638 11.53 15.92 -29.12
CA HIS A 638 12.38 14.93 -29.79
C HIS A 638 13.74 15.51 -30.07
N ILE A 639 14.77 14.95 -29.44
CA ILE A 639 16.16 15.41 -29.63
C ILE A 639 17.00 14.16 -29.85
N ALA A 640 17.34 13.93 -31.10
CA ALA A 640 18.11 12.74 -31.49
C ALA A 640 19.36 12.53 -30.63
N GLU A 641 20.18 13.56 -30.64
CA GLU A 641 21.50 13.53 -30.03
C GLU A 641 21.55 14.56 -28.93
N PRO A 642 21.13 14.16 -27.71
CA PRO A 642 21.01 15.12 -26.60
C PRO A 642 22.35 15.41 -25.91
N ASN A 643 22.39 16.53 -25.20
CA ASN A 643 23.51 16.90 -24.31
C ASN A 643 22.92 17.97 -23.39
N TYR A 644 23.65 18.35 -22.38
CA TYR A 644 23.12 19.21 -21.33
C TYR A 644 22.83 20.61 -21.78
N GLY A 645 23.65 21.12 -22.69
CA GLY A 645 23.38 22.44 -23.26
C GLY A 645 22.07 22.47 -24.04
N LYS A 646 21.85 21.44 -24.83
CA LYS A 646 20.60 21.36 -25.59
C LYS A 646 19.33 21.31 -24.74
N LEU A 647 19.34 20.44 -23.74
CA LEU A 647 18.21 20.30 -22.84
C LEU A 647 18.02 21.57 -22.07
N THR A 648 19.12 22.16 -21.62
CA THR A 648 19.01 23.40 -20.86
C THR A 648 18.38 24.47 -21.71
N SER A 649 18.93 24.64 -22.90
CA SER A 649 18.38 25.61 -23.81
C SER A 649 16.85 25.37 -24.07
N MET A 650 16.46 24.11 -24.22
CA MET A 650 15.11 23.76 -24.61
C MET A 650 14.14 24.12 -23.44
N HIS A 651 14.46 23.69 -22.21
CA HIS A 651 13.64 23.98 -21.07
C HIS A 651 13.49 25.47 -20.85
N PHE A 652 14.63 26.20 -20.85
CA PHE A 652 14.58 27.65 -20.62
C PHE A 652 13.77 28.35 -21.72
N TYR A 653 13.95 27.90 -22.95
CA TYR A 653 13.14 28.45 -24.00
C TYR A 653 11.62 28.26 -23.74
N GLY A 654 11.21 27.05 -23.38
CA GLY A 654 9.78 26.80 -23.17
C GLY A 654 9.23 27.52 -22.00
N TRP A 655 10.02 27.57 -20.92
CA TRP A 655 9.64 28.32 -19.74
C TRP A 655 9.40 29.78 -20.13
N LYS A 656 10.37 30.33 -20.83
CA LYS A 656 10.26 31.75 -21.20
C LYS A 656 9.21 32.03 -22.28
N GLN A 657 8.81 31.00 -23.02
CA GLN A 657 7.65 31.17 -23.94
C GLN A 657 6.32 31.22 -23.19
N GLY A 658 6.33 30.92 -21.89
CA GLY A 658 5.09 30.91 -21.10
C GLY A 658 4.38 29.57 -21.07
N LEU A 659 5.05 28.51 -21.55
CA LEU A 659 4.42 27.19 -21.60
C LEU A 659 4.07 26.68 -20.21
N LYS A 660 2.88 26.11 -20.11
CA LYS A 660 2.44 25.42 -18.91
C LYS A 660 3.19 24.09 -18.76
N THR A 661 3.20 23.32 -19.80
CA THR A 661 3.86 22.06 -19.82
C THR A 661 5.06 22.27 -20.74
N GLY A 662 6.24 22.35 -20.17
CA GLY A 662 7.42 22.60 -20.95
C GLY A 662 7.87 21.40 -21.69
N MET A 663 7.64 20.22 -21.10
CA MET A 663 7.99 18.94 -21.66
C MET A 663 7.20 17.83 -21.03
N TYR A 664 6.62 16.99 -21.89
CA TYR A 664 6.06 15.73 -21.51
C TYR A 664 7.23 14.74 -21.57
N TYR A 665 7.25 13.85 -22.54
CA TYR A 665 8.43 13.00 -22.68
C TYR A 665 9.54 13.62 -23.47
N LEU A 666 10.75 13.31 -23.05
CA LEU A 666 11.91 13.54 -23.89
C LEU A 666 12.19 12.27 -24.67
N ARG A 667 12.17 12.36 -26.00
CA ARG A 667 12.50 11.24 -26.84
C ARG A 667 13.77 11.47 -27.58
N THR A 668 14.49 10.40 -27.79
CA THR A 668 15.80 10.45 -28.40
C THR A 668 15.99 9.25 -29.37
N ARG A 669 17.17 9.21 -29.98
CA ARG A 669 17.63 8.09 -30.86
C ARG A 669 19.09 8.25 -31.31
N ALA B 2 32.65 -8.63 32.98
CA ALA B 2 31.35 -7.90 32.78
C ALA B 2 30.63 -7.44 34.05
N ILE B 3 30.92 -8.07 35.17
CA ILE B 3 30.26 -7.78 36.44
C ILE B 3 30.71 -6.40 36.95
N LEU B 4 32.02 -6.16 36.83
CA LEU B 4 32.63 -4.93 37.29
C LEU B 4 32.09 -3.81 36.44
N ALA B 5 32.07 -4.04 35.12
CA ALA B 5 31.57 -3.07 34.13
C ALA B 5 30.07 -2.69 34.29
N ALA B 6 29.24 -3.66 34.70
CA ALA B 6 27.80 -3.44 34.95
C ALA B 6 27.66 -2.45 36.11
N ARG B 7 28.35 -2.72 37.21
CA ARG B 7 28.39 -1.79 38.36
C ARG B 7 28.85 -0.35 38.02
N ILE B 8 29.92 -0.25 37.24
CA ILE B 8 30.44 1.05 36.85
C ILE B 8 29.37 1.75 35.99
N ALA B 9 28.82 1.03 35.01
CA ALA B 9 27.76 1.57 34.15
C ALA B 9 26.56 2.12 34.99
N VAL B 10 26.13 1.35 36.00
CA VAL B 10 24.98 1.77 36.85
C VAL B 10 25.34 2.94 37.74
N SER B 11 26.56 2.88 38.29
CA SER B 11 27.12 3.96 39.09
C SER B 11 27.15 5.26 38.26
N ASN B 12 27.75 5.21 37.07
CA ASN B 12 27.71 6.41 36.16
C ASN B 12 26.29 6.97 35.85
N LEU B 13 25.35 6.08 35.61
CA LEU B 13 23.97 6.54 35.38
C LEU B 13 23.40 7.25 36.60
N HIS B 14 23.69 6.68 37.78
CA HIS B 14 23.27 7.30 39.05
C HIS B 14 23.87 8.70 39.23
N LYS B 15 25.15 8.86 38.91
CA LYS B 15 25.76 10.23 38.95
C LYS B 15 25.13 11.19 37.93
N GLU B 16 24.64 10.64 36.81
CA GLU B 16 24.10 11.45 35.72
C GLU B 16 22.59 11.58 35.71
N THR B 17 21.91 11.22 36.79
CA THR B 17 20.44 11.35 36.85
C THR B 17 20.04 11.84 38.20
N LYS B 18 18.90 12.52 38.26
CA LYS B 18 18.34 12.91 39.50
C LYS B 18 17.90 11.65 40.23
N LYS B 19 17.87 11.74 41.56
CA LYS B 19 17.43 10.65 42.42
C LYS B 19 15.93 10.62 42.60
N VAL B 20 15.34 11.77 42.86
CA VAL B 20 13.97 11.82 43.35
C VAL B 20 13.03 11.53 42.16
N PHE B 21 12.28 10.45 42.27
CA PHE B 21 11.40 10.01 41.17
C PHE B 21 10.41 11.10 40.76
N SER B 22 9.75 11.72 41.74
CA SER B 22 8.81 12.83 41.43
C SER B 22 9.49 14.00 40.61
N ASP B 23 10.79 14.24 40.84
CA ASP B 23 11.50 15.32 40.14
C ASP B 23 11.68 14.99 38.65
N VAL B 24 12.13 13.76 38.40
CA VAL B 24 12.31 13.26 37.05
C VAL B 24 11.00 13.24 36.29
N MET B 25 9.92 12.90 36.96
CA MET B 25 8.60 12.96 36.34
C MET B 25 8.17 14.41 35.92
N GLU B 26 8.40 15.36 36.81
CA GLU B 26 8.30 16.81 36.51
C GLU B 26 9.12 17.21 35.32
N ASP B 27 10.41 16.89 35.29
CA ASP B 27 11.22 17.18 34.12
C ASP B 27 10.69 16.60 32.81
N LEU B 28 10.23 15.35 32.88
CA LEU B 28 9.74 14.71 31.65
C LEU B 28 8.46 15.41 31.20
N TYR B 29 7.59 15.73 32.14
CA TYR B 29 6.33 16.35 31.81
C TYR B 29 6.56 17.78 31.32
N ASN B 30 7.51 18.50 31.91
CA ASN B 30 7.78 19.91 31.49
C ASN B 30 8.60 20.05 30.19
N TYR B 31 9.03 18.94 29.62
CA TYR B 31 9.95 18.96 28.50
C TYR B 31 9.42 19.87 27.38
N ILE B 32 10.37 20.63 26.86
CA ILE B 32 10.11 21.55 25.80
C ILE B 32 11.06 21.17 24.71
N ASN B 33 10.49 21.06 23.52
CA ASN B 33 11.25 20.70 22.35
C ASN B 33 12.13 21.92 22.02
N PRO B 34 13.47 21.77 22.05
CA PRO B 34 14.33 22.97 21.85
C PRO B 34 14.23 23.54 20.42
N HIS B 35 14.29 22.63 19.43
CA HIS B 35 14.13 22.94 18.00
C HIS B 35 12.79 23.61 17.80
N ASN B 36 11.77 22.99 18.36
CA ASN B 36 10.42 23.49 18.24
C ASN B 36 10.06 24.70 19.13
N GLY B 37 10.51 24.71 20.39
CA GLY B 37 9.99 25.61 21.43
C GLY B 37 8.63 25.20 21.94
N LYS B 38 8.18 24.02 21.51
CA LYS B 38 6.88 23.51 21.88
C LYS B 38 7.01 22.63 23.11
N HIS B 39 6.06 22.82 24.01
CA HIS B 39 5.86 21.96 25.12
C HIS B 39 5.40 20.57 24.68
N SER B 40 6.26 19.56 24.85
CA SER B 40 6.04 18.19 24.40
C SER B 40 6.26 17.20 25.58
N PRO B 41 5.26 17.05 26.44
CA PRO B 41 5.44 16.26 27.64
C PRO B 41 5.80 14.82 27.30
N MET B 42 6.78 14.25 28.00
CA MET B 42 7.15 12.87 27.79
C MET B 42 6.41 11.92 28.72
N VAL B 43 5.58 12.47 29.60
CA VAL B 43 4.73 11.70 30.50
C VAL B 43 3.41 12.42 30.53
N ALA B 44 2.33 11.71 30.76
CA ALA B 44 1.00 12.32 30.85
C ALA B 44 0.82 13.17 32.11
N LYS B 45 0.10 14.25 31.94
CA LYS B 45 -0.30 15.11 33.06
C LYS B 45 -1.05 14.36 34.14
N SER B 46 -1.94 13.44 33.76
CA SER B 46 -2.72 12.67 34.76
C SER B 46 -1.86 11.80 35.61
N THR B 47 -0.85 11.17 35.01
CA THR B 47 0.16 10.40 35.76
C THR B 47 1.00 11.33 36.64
N LEU B 48 1.51 12.42 36.08
CA LEU B 48 2.21 13.40 36.90
C LEU B 48 1.41 13.83 38.12
N ASP B 49 0.16 14.24 37.93
CA ASP B 49 -0.70 14.74 39.04
C ASP B 49 -0.87 13.71 40.14
N ILE B 50 -0.93 12.42 39.75
CA ILE B 50 -1.00 11.38 40.75
C ILE B 50 0.32 11.21 41.48
N VAL B 51 1.43 11.27 40.75
CA VAL B 51 2.71 11.17 41.41
C VAL B 51 2.89 12.34 42.41
N LEU B 52 2.51 13.56 42.03
CA LEU B 52 2.68 14.74 42.91
C LEU B 52 1.78 14.68 44.10
N ALA B 53 0.52 14.29 43.90
CA ALA B 53 -0.40 14.12 45.03
C ALA B 53 0.01 12.99 46.00
N ASN B 54 0.94 12.12 45.61
CA ASN B 54 1.33 10.98 46.47
C ASN B 54 2.83 10.85 46.55
N LYS B 55 3.52 11.97 46.46
CA LYS B 55 4.93 11.99 46.12
C LYS B 55 5.80 11.36 47.17
N ASP B 56 5.44 11.55 48.43
CA ASP B 56 6.29 11.13 49.56
C ASP B 56 6.38 9.64 49.60
N ARG B 57 5.23 9.04 49.55
CA ARG B 57 5.13 7.60 49.59
C ARG B 57 5.80 6.88 48.38
N LEU B 58 5.52 7.40 47.19
CA LEU B 58 6.05 6.88 45.95
C LEU B 58 7.54 7.03 45.86
N ASN B 59 8.05 8.26 46.12
CA ASN B 59 9.49 8.53 46.16
C ASN B 59 10.22 7.62 47.14
N SER B 60 9.63 7.38 48.29
CA SER B 60 10.31 6.60 49.31
C SER B 60 10.17 5.10 49.14
N ALA B 61 9.25 4.63 48.29
CA ALA B 61 9.10 3.19 48.08
C ALA B 61 10.18 2.66 47.13
N ILE B 62 10.97 3.55 46.49
CA ILE B 62 11.91 3.12 45.49
C ILE B 62 13.22 2.77 46.11
N ILE B 63 13.85 1.70 45.61
CA ILE B 63 15.05 1.17 46.15
C ILE B 63 16.09 1.17 45.04
N TYR B 64 16.94 2.20 45.05
CA TYR B 64 17.86 2.45 43.94
C TYR B 64 18.96 1.47 43.83
N ASP B 65 19.23 0.74 44.91
CA ASP B 65 20.23 -0.31 44.87
C ASP B 65 19.76 -1.45 43.93
N ARG B 66 18.46 -1.57 43.73
CA ARG B 66 17.97 -2.54 42.73
C ARG B 66 18.50 -2.36 41.28
N ASP B 67 18.94 -1.15 40.92
CA ASP B 67 19.50 -0.88 39.59
C ASP B 67 20.79 -1.67 39.39
N PHE B 68 21.50 -1.98 40.50
CA PHE B 68 22.71 -2.81 40.42
C PHE B 68 22.51 -4.29 40.12
N SER B 69 21.29 -4.74 40.19
CA SER B 69 20.90 -6.11 39.88
C SER B 69 21.01 -6.48 38.39
N TYR B 70 21.00 -5.50 37.48
CA TYR B 70 20.97 -5.81 36.07
C TYR B 70 22.33 -6.22 35.59
N ASN B 71 22.43 -7.21 34.71
CA ASN B 71 23.74 -7.57 34.11
C ASN B 71 24.13 -6.51 33.08
N TYR B 72 25.34 -6.62 32.53
CA TYR B 72 25.91 -5.50 31.75
C TYR B 72 25.07 -5.20 30.51
N PHE B 73 24.84 -6.25 29.74
CA PHE B 73 24.10 -6.13 28.51
C PHE B 73 22.62 -5.88 28.72
N GLY B 74 22.03 -6.49 29.75
CA GLY B 74 20.64 -6.15 30.09
C GLY B 74 20.53 -4.67 30.39
N PHE B 75 21.47 -4.17 31.18
CA PHE B 75 21.40 -2.76 31.57
C PHE B 75 21.61 -1.84 30.36
N LYS B 76 22.54 -2.20 29.47
CA LYS B 76 22.79 -1.39 28.31
C LYS B 76 21.57 -1.40 27.42
N THR B 77 20.88 -2.56 27.35
CA THR B 77 19.61 -2.61 26.58
C THR B 77 18.60 -1.58 27.17
N LEU B 78 18.55 -1.49 28.47
CA LEU B 78 17.64 -0.57 29.16
C LEU B 78 17.93 0.86 28.80
N GLU B 79 19.22 1.19 28.78
CA GLU B 79 19.65 2.52 28.41
C GLU B 79 19.33 2.84 26.95
N ARG B 80 19.53 1.86 26.08
CA ARG B 80 19.35 2.04 24.68
C ARG B 80 17.89 2.31 24.37
N SER B 81 16.96 1.61 25.02
CA SER B 81 15.54 1.75 24.62
C SER B 81 14.47 2.00 25.68
N TYR B 82 14.76 1.72 26.95
CA TYR B 82 13.71 1.63 27.96
C TYR B 82 13.68 2.76 28.98
N LEU B 83 14.63 3.67 28.93
CA LEU B 83 14.68 4.79 29.85
C LEU B 83 14.53 6.13 29.11
N LEU B 84 13.49 6.88 29.47
CA LEU B 84 13.22 8.09 28.74
C LEU B 84 14.42 9.02 28.82
N LYS B 85 14.67 9.69 27.70
CA LYS B 85 15.74 10.67 27.57
C LYS B 85 15.18 12.08 27.41
N ILE B 86 15.94 13.04 27.94
CA ILE B 86 15.74 14.46 27.68
C ILE B 86 16.94 14.91 26.85
N ASN B 87 16.65 15.32 25.61
CA ASN B 87 17.67 15.84 24.66
C ASN B 87 18.84 14.90 24.50
N GLY B 88 18.54 13.62 24.31
CA GLY B 88 19.56 12.61 24.06
C GLY B 88 20.22 12.01 25.30
N LYS B 89 19.97 12.58 26.47
CA LYS B 89 20.61 12.10 27.71
C LYS B 89 19.58 11.42 28.61
N VAL B 90 19.92 10.25 29.14
CA VAL B 90 18.94 9.49 29.88
C VAL B 90 18.48 10.26 31.10
N ALA B 91 17.18 10.39 31.29
CA ALA B 91 16.66 11.00 32.51
C ALA B 91 16.20 9.98 33.57
N GLU B 92 15.66 8.83 33.18
CA GLU B 92 15.14 7.86 34.17
C GLU B 92 16.15 6.80 34.49
N ARG B 93 16.30 6.55 35.79
CA ARG B 93 16.89 5.32 36.24
C ARG B 93 15.89 4.17 35.99
N PRO B 94 16.38 2.92 35.85
CA PRO B 94 15.46 1.80 35.78
C PRO B 94 14.38 1.79 36.83
N GLN B 95 14.64 2.15 38.08
CA GLN B 95 13.57 2.20 39.11
C GLN B 95 12.54 3.24 38.82
N HIS B 96 12.96 4.37 38.22
CA HIS B 96 12.02 5.39 37.78
C HIS B 96 11.05 4.89 36.71
N MET B 97 11.61 4.26 35.66
CA MET B 97 10.83 3.64 34.62
C MET B 97 9.86 2.61 35.26
N LEU B 98 10.33 1.78 36.22
CA LEU B 98 9.47 0.76 36.81
C LEU B 98 8.30 1.36 37.63
N MET B 99 8.55 2.43 38.36
CA MET B 99 7.50 3.18 39.07
C MET B 99 6.57 3.95 38.12
N ARG B 100 7.12 4.59 37.10
CA ARG B 100 6.26 5.19 36.11
C ARG B 100 5.26 4.12 35.55
N VAL B 101 5.78 2.96 35.17
CA VAL B 101 4.93 1.89 34.70
C VAL B 101 3.88 1.50 35.76
N SER B 102 4.29 1.38 37.01
CA SER B 102 3.38 0.94 38.04
C SER B 102 2.24 1.89 38.24
N VAL B 103 2.55 3.18 38.28
CA VAL B 103 1.51 4.21 38.48
C VAL B 103 0.73 4.36 37.21
N GLY B 104 1.41 4.23 36.10
CA GLY B 104 0.77 4.25 34.80
C GLY B 104 -0.30 3.17 34.62
N ILE B 105 -0.12 2.00 35.23
CA ILE B 105 -1.15 0.93 35.28
C ILE B 105 -2.20 1.16 36.34
N HIS B 106 -1.78 1.47 37.55
CA HIS B 106 -2.69 1.52 38.70
C HIS B 106 -3.28 2.87 39.08
N LYS B 107 -2.80 3.98 38.48
CA LYS B 107 -3.34 5.30 38.76
C LYS B 107 -3.40 5.62 40.28
N GLU B 108 -4.62 5.84 40.80
CA GLU B 108 -4.84 6.35 42.13
C GLU B 108 -4.68 5.26 43.15
N ASP B 109 -4.61 4.00 42.73
CA ASP B 109 -4.37 2.93 43.71
C ASP B 109 -2.89 2.81 43.98
N ILE B 110 -2.43 3.60 44.96
CA ILE B 110 -1.05 3.63 45.35
C ILE B 110 -0.60 2.32 45.94
N ASP B 111 -1.42 1.71 46.79
CA ASP B 111 -1.09 0.36 47.28
C ASP B 111 -0.78 -0.63 46.11
N ALA B 112 -1.59 -0.58 45.07
CA ALA B 112 -1.42 -1.50 43.96
C ALA B 112 -0.16 -1.17 43.15
N ALA B 113 0.12 0.12 43.01
CA ALA B 113 1.29 0.60 42.31
C ALA B 113 2.52 0.15 43.04
N ILE B 114 2.53 0.30 44.35
CA ILE B 114 3.72 -0.10 45.10
C ILE B 114 3.93 -1.62 45.07
N GLU B 115 2.86 -2.38 45.20
CA GLU B 115 3.00 -3.84 45.05
C GLU B 115 3.63 -4.27 43.67
N THR B 116 3.14 -3.64 42.61
CA THR B 116 3.64 -3.87 41.28
C THR B 116 5.05 -3.44 41.17
N TYR B 117 5.38 -2.26 41.73
CA TYR B 117 6.79 -1.80 41.70
C TYR B 117 7.73 -2.81 42.27
N ASN B 118 7.40 -3.28 43.46
CA ASN B 118 8.28 -4.20 44.15
C ASN B 118 8.46 -5.54 43.40
N LEU B 119 7.36 -6.12 42.94
CA LEU B 119 7.46 -7.31 42.02
C LEU B 119 8.30 -7.15 40.80
N LEU B 120 8.13 -6.03 40.10
CA LEU B 120 8.91 -5.73 38.92
C LEU B 120 10.36 -5.46 39.24
N SER B 121 10.62 -4.61 40.24
CA SER B 121 12.01 -4.18 40.53
C SER B 121 12.81 -5.35 41.14
N GLU B 122 12.16 -6.20 41.91
CA GLU B 122 12.81 -7.48 42.27
C GLU B 122 12.80 -8.59 41.19
N ARG B 123 12.17 -8.35 40.02
CA ARG B 123 12.26 -9.23 38.86
C ARG B 123 11.53 -10.58 38.98
N TRP B 124 10.39 -10.57 39.64
CA TRP B 124 9.52 -11.72 39.74
C TRP B 124 8.76 -11.95 38.41
N PHE B 125 8.54 -10.87 37.70
CA PHE B 125 7.87 -10.86 36.42
C PHE B 125 8.21 -9.58 35.71
N THR B 126 7.76 -9.44 34.48
CA THR B 126 7.95 -8.18 33.78
C THR B 126 6.85 -7.95 32.81
N HIS B 127 6.40 -6.70 32.69
CA HIS B 127 5.48 -6.32 31.59
C HIS B 127 6.20 -6.37 30.25
N ALA B 128 5.40 -6.41 29.16
CA ALA B 128 5.95 -6.44 27.85
C ALA B 128 6.56 -5.10 27.53
N SER B 129 7.46 -5.09 26.55
CA SER B 129 8.13 -3.90 26.16
C SER B 129 7.25 -2.68 25.87
N PRO B 130 6.24 -2.79 24.99
CA PRO B 130 5.40 -1.60 24.76
C PRO B 130 4.81 -1.04 26.01
N THR B 131 4.49 -1.89 26.96
CA THR B 131 3.96 -1.43 28.27
C THR B 131 5.06 -0.63 29.04
N LEU B 132 6.28 -1.17 29.02
CA LEU B 132 7.42 -0.54 29.64
C LEU B 132 7.72 0.80 28.99
N PHE B 133 7.58 0.86 27.66
CA PHE B 133 7.80 2.08 26.92
C PHE B 133 6.75 3.15 27.25
N ASN B 134 5.51 2.75 27.21
CA ASN B 134 4.36 3.67 27.07
C ASN B 134 3.49 3.85 28.28
N ALA B 135 3.67 3.03 29.30
CA ALA B 135 2.91 3.24 30.52
C ALA B 135 3.21 4.64 31.11
N GLY B 136 2.14 5.33 31.52
CA GLY B 136 2.23 6.68 32.06
C GLY B 136 2.49 7.79 31.06
N THR B 137 2.53 7.50 29.76
CA THR B 137 2.71 8.51 28.74
C THR B 137 1.38 8.85 28.08
N ASN B 138 1.37 9.90 27.25
CA ASN B 138 0.17 10.32 26.54
C ASN B 138 -0.16 9.23 25.49
N ARG B 139 -1.45 9.03 25.30
CA ARG B 139 -1.95 8.03 24.29
C ARG B 139 -1.16 6.68 24.40
N PRO B 140 -1.21 6.02 25.58
CA PRO B 140 -0.38 4.87 25.90
C PRO B 140 -0.70 3.52 25.18
N GLN B 141 0.15 3.09 24.25
CA GLN B 141 -0.07 1.82 23.55
C GLN B 141 0.73 0.72 24.24
N LEU B 142 0.04 0.08 25.17
CA LEU B 142 0.61 -0.85 26.12
C LEU B 142 0.52 -2.32 25.66
N SER B 143 -0.29 -2.60 24.62
CA SER B 143 -0.50 -3.94 24.11
C SER B 143 0.57 -4.32 23.09
N SER B 144 0.87 -5.61 22.99
CA SER B 144 2.05 -6.04 22.19
C SER B 144 1.74 -6.31 20.71
N CYS B 145 0.58 -6.87 20.45
CA CYS B 145 0.34 -7.34 19.12
C CYS B 145 -1.14 -7.55 18.79
N PHE B 146 -1.40 -7.66 17.51
CA PHE B 146 -2.73 -7.63 16.98
C PHE B 146 -2.95 -8.76 15.96
N LEU B 147 -4.16 -9.23 15.89
CA LEU B 147 -4.59 -10.18 14.86
C LEU B 147 -5.71 -9.60 14.05
N LEU B 148 -5.64 -9.84 12.74
CA LEU B 148 -6.65 -9.26 11.81
C LEU B 148 -7.11 -10.31 10.83
N SER B 149 -8.37 -10.25 10.43
CA SER B 149 -8.88 -10.93 9.23
C SER B 149 -9.23 -9.85 8.14
N MET B 150 -8.89 -10.14 6.91
CA MET B 150 -9.22 -9.28 5.77
C MET B 150 -10.63 -8.81 5.87
N LYS B 151 -10.86 -7.52 5.60
CA LYS B 151 -12.21 -6.97 5.79
C LYS B 151 -13.19 -7.61 4.78
N ASP B 152 -12.73 -7.93 3.58
CA ASP B 152 -13.59 -8.34 2.45
C ASP B 152 -12.74 -8.69 1.23
N ASP B 153 -13.27 -9.50 0.33
CA ASP B 153 -12.50 -9.90 -0.86
C ASP B 153 -12.77 -8.88 -1.95
N SER B 154 -12.21 -7.67 -1.78
CA SER B 154 -12.42 -6.54 -2.72
C SER B 154 -11.28 -5.55 -2.58
N ILE B 155 -11.06 -4.71 -3.60
CA ILE B 155 -10.00 -3.71 -3.55
C ILE B 155 -10.27 -2.85 -2.33
N GLU B 156 -11.52 -2.49 -2.12
CA GLU B 156 -11.91 -1.67 -0.98
C GLU B 156 -11.51 -2.33 0.37
N GLY B 157 -11.80 -3.61 0.46
CA GLY B 157 -11.52 -4.37 1.68
C GLY B 157 -10.04 -4.54 1.91
N ILE B 158 -9.33 -4.83 0.83
CA ILE B 158 -7.91 -5.08 0.93
C ILE B 158 -7.25 -3.79 1.42
N TYR B 159 -7.62 -2.66 0.85
CA TYR B 159 -7.01 -1.37 1.24
C TYR B 159 -7.48 -0.82 2.58
N ASP B 160 -8.72 -1.11 3.02
CA ASP B 160 -9.11 -0.74 4.40
C ASP B 160 -8.28 -1.56 5.40
N THR B 161 -8.10 -2.85 5.11
CA THR B 161 -7.32 -3.70 5.96
C THR B 161 -5.87 -3.24 5.96
N LEU B 162 -5.34 -2.89 4.79
CA LEU B 162 -4.00 -2.33 4.72
C LEU B 162 -3.81 -1.08 5.62
N LYS B 163 -4.73 -0.10 5.53
CA LYS B 163 -4.66 1.11 6.36
C LYS B 163 -4.69 0.65 7.83
N GLN B 164 -5.54 -0.32 8.17
CA GLN B 164 -5.52 -0.80 9.56
C GLN B 164 -4.12 -1.27 10.00
N CYS B 165 -3.42 -2.03 9.15
CA CYS B 165 -2.12 -2.54 9.47
C CYS B 165 -1.11 -1.41 9.61
N ALA B 166 -1.17 -0.42 8.69
CA ALA B 166 -0.34 0.81 8.79
C ALA B 166 -0.49 1.52 10.11
N LEU B 167 -1.71 1.85 10.51
CA LEU B 167 -1.98 2.46 11.77
C LEU B 167 -1.53 1.65 13.00
N ILE B 168 -1.85 0.35 13.01
CA ILE B 168 -1.40 -0.53 14.06
C ILE B 168 0.12 -0.53 14.18
N SER B 169 0.79 -0.71 13.07
CA SER B 169 2.23 -0.80 13.06
C SER B 169 2.90 0.51 13.52
N LYS B 170 2.33 1.65 13.17
CA LYS B 170 2.80 2.94 13.69
C LYS B 170 2.73 2.97 15.22
N SER B 171 1.61 2.49 15.76
CA SER B 171 1.40 2.43 17.22
C SER B 171 2.26 1.35 17.89
N ALA B 172 3.22 0.77 17.16
CA ALA B 172 4.17 -0.27 17.60
C ALA B 172 3.61 -1.69 17.96
N GLY B 173 2.57 -2.14 17.25
CA GLY B 173 2.11 -3.54 17.33
C GLY B 173 2.56 -4.40 16.17
N GLY B 174 2.97 -5.64 16.47
CA GLY B 174 3.16 -6.73 15.48
C GLY B 174 1.79 -7.27 15.10
N ILE B 175 1.71 -7.88 13.95
CA ILE B 175 0.43 -8.22 13.36
C ILE B 175 0.48 -9.65 12.80
N GLY B 176 -0.64 -10.34 12.92
CA GLY B 176 -0.91 -11.57 12.23
C GLY B 176 -2.14 -11.34 11.37
N VAL B 177 -2.04 -11.63 10.09
CA VAL B 177 -3.20 -11.40 9.16
C VAL B 177 -3.63 -12.65 8.40
N ALA B 178 -4.92 -12.92 8.42
CA ALA B 178 -5.51 -14.06 7.73
C ALA B 178 -5.94 -13.56 6.34
N VAL B 179 -5.38 -14.18 5.30
CA VAL B 179 -5.67 -13.76 3.91
C VAL B 179 -6.36 -14.80 3.00
N SER B 180 -6.76 -15.94 3.56
CA SER B 180 -7.36 -17.02 2.75
C SER B 180 -8.64 -16.66 2.00
N CYS B 181 -9.40 -15.66 2.45
CA CYS B 181 -10.63 -15.30 1.81
C CYS B 181 -10.42 -14.46 0.55
N ILE B 182 -9.16 -14.11 0.23
CA ILE B 182 -8.84 -13.32 -0.94
C ILE B 182 -8.71 -14.20 -2.17
N ARG B 183 -9.38 -13.84 -3.26
CA ARG B 183 -9.42 -14.78 -4.38
C ARG B 183 -8.05 -14.98 -5.05
N ALA B 184 -7.89 -16.17 -5.59
CA ALA B 184 -6.62 -16.62 -6.16
C ALA B 184 -6.30 -16.17 -7.60
N THR B 185 -5.05 -16.36 -8.01
CA THR B 185 -4.65 -16.12 -9.38
C THR B 185 -5.61 -16.76 -10.40
N GLY B 186 -6.00 -16.00 -11.42
CA GLY B 186 -6.86 -16.53 -12.47
C GLY B 186 -8.35 -16.29 -12.20
N SER B 187 -8.77 -16.11 -10.94
CA SER B 187 -10.21 -15.99 -10.62
C SER B 187 -10.87 -14.77 -11.25
N TYR B 188 -12.14 -14.94 -11.56
CA TYR B 188 -12.90 -14.02 -12.37
C TYR B 188 -13.28 -12.84 -11.49
N ILE B 189 -13.11 -11.64 -12.01
CA ILE B 189 -13.66 -10.41 -11.39
C ILE B 189 -14.80 -9.90 -12.28
N ALA B 190 -16.03 -9.87 -11.75
CA ALA B 190 -17.20 -9.41 -12.48
C ALA B 190 -17.13 -7.94 -12.78
N GLY B 191 -16.81 -7.13 -11.77
CA GLY B 191 -16.86 -5.66 -11.88
C GLY B 191 -15.90 -5.04 -12.89
N THR B 192 -14.81 -5.73 -13.24
CA THR B 192 -13.88 -5.25 -14.25
C THR B 192 -13.86 -6.11 -15.51
N ASN B 193 -14.65 -7.19 -15.54
CA ASN B 193 -14.57 -8.25 -16.57
C ASN B 193 -13.16 -8.85 -16.81
N GLY B 194 -12.33 -8.83 -15.77
CA GLY B 194 -10.94 -9.28 -15.86
C GLY B 194 -10.68 -10.45 -14.93
N ASN B 195 -9.39 -10.73 -14.70
CA ASN B 195 -8.92 -11.80 -13.81
C ASN B 195 -7.95 -11.31 -12.70
N SER B 196 -8.11 -11.88 -11.49
CA SER B 196 -7.23 -11.57 -10.33
C SER B 196 -5.83 -12.00 -10.61
N ASN B 197 -4.83 -11.25 -10.13
CA ASN B 197 -3.45 -11.74 -10.16
C ASN B 197 -3.18 -12.54 -8.86
N GLY B 198 -4.14 -12.60 -7.95
CA GLY B 198 -4.00 -13.42 -6.71
C GLY B 198 -3.24 -12.75 -5.59
N LEU B 199 -2.69 -13.58 -4.68
CA LEU B 199 -2.13 -13.11 -3.42
C LEU B 199 -0.80 -12.44 -3.53
N VAL B 200 0.08 -12.94 -4.38
CA VAL B 200 1.43 -12.45 -4.41
C VAL B 200 1.53 -10.93 -4.60
N PRO B 201 1.00 -10.38 -5.70
CA PRO B 201 1.17 -8.89 -5.86
C PRO B 201 0.44 -8.11 -4.79
N MET B 202 -0.63 -8.68 -4.23
CA MET B 202 -1.31 -8.04 -3.10
C MET B 202 -0.40 -8.04 -1.88
N LEU B 203 0.26 -9.17 -1.60
CA LEU B 203 1.15 -9.25 -0.45
C LEU B 203 2.36 -8.30 -0.64
N ARG B 204 2.72 -8.05 -1.88
CA ARG B 204 3.83 -7.14 -2.15
C ARG B 204 3.45 -5.73 -1.70
N VAL B 205 2.17 -5.37 -1.79
CA VAL B 205 1.75 -4.11 -1.22
C VAL B 205 2.00 -4.14 0.29
N TYR B 206 1.57 -5.22 0.92
CA TYR B 206 1.72 -5.38 2.39
C TYR B 206 3.19 -5.33 2.81
N ASN B 207 4.03 -5.94 1.99
CA ASN B 207 5.45 -5.96 2.24
C ASN B 207 6.02 -4.55 2.30
N ASN B 208 5.72 -3.74 1.29
CA ASN B 208 6.22 -2.38 1.30
C ASN B 208 5.61 -1.54 2.38
N THR B 209 4.38 -1.86 2.78
CA THR B 209 3.82 -1.17 3.88
C THR B 209 4.57 -1.49 5.22
N ALA B 210 4.92 -2.76 5.43
CA ALA B 210 5.79 -3.13 6.58
C ALA B 210 7.16 -2.41 6.51
N ARG B 211 7.72 -2.30 5.31
CA ARG B 211 9.01 -1.59 5.14
C ARG B 211 8.86 -0.10 5.45
N TYR B 212 7.74 0.47 5.07
CA TYR B 212 7.51 1.90 5.22
C TYR B 212 7.20 2.32 6.65
N VAL B 213 6.29 1.62 7.32
CA VAL B 213 5.76 2.10 8.59
C VAL B 213 6.45 1.36 9.73
N ASP B 214 7.46 2.01 10.28
CA ASP B 214 8.16 1.61 11.51
C ASP B 214 7.27 1.38 12.74
N GLN B 215 7.74 0.45 13.57
CA GLN B 215 6.98 -0.06 14.69
C GLN B 215 7.30 0.74 15.97
N GLY B 216 6.92 2.03 15.99
CA GLY B 216 7.22 2.94 17.11
C GLY B 216 8.44 3.81 16.80
N PRO B 221 11.23 -1.90 11.21
CA PRO B 221 10.14 -2.08 10.26
C PRO B 221 8.93 -2.78 10.90
N GLY B 222 7.80 -2.62 10.25
CA GLY B 222 6.57 -3.26 10.67
C GLY B 222 6.74 -4.77 10.59
N ALA B 223 6.05 -5.48 11.47
CA ALA B 223 6.22 -6.94 11.48
C ALA B 223 4.88 -7.60 11.26
N PHE B 224 4.66 -8.12 10.04
CA PHE B 224 3.35 -8.70 9.64
C PHE B 224 3.54 -10.19 9.33
N ALA B 225 2.80 -11.03 10.06
CA ALA B 225 2.79 -12.47 9.76
C ALA B 225 1.55 -12.72 9.00
N ILE B 226 1.74 -13.32 7.85
CA ILE B 226 0.60 -13.65 6.97
C ILE B 226 0.22 -15.12 7.11
N TYR B 227 -1.02 -15.37 7.46
CA TYR B 227 -1.57 -16.72 7.59
C TYR B 227 -2.42 -17.23 6.41
N LEU B 228 -1.97 -18.33 5.82
CA LEU B 228 -2.67 -18.97 4.71
C LEU B 228 -3.02 -20.41 5.04
N GLU B 229 -4.25 -20.78 4.73
CA GLU B 229 -4.71 -22.21 4.76
C GLU B 229 -4.29 -22.91 3.48
N PRO B 230 -3.73 -24.11 3.63
CA PRO B 230 -3.06 -24.74 2.49
C PRO B 230 -3.98 -25.28 1.39
N TRP B 231 -5.31 -25.17 1.53
CA TRP B 231 -6.22 -25.42 0.44
C TRP B 231 -6.24 -24.32 -0.62
N HIS B 232 -5.63 -23.16 -0.30
CA HIS B 232 -5.71 -22.03 -1.15
C HIS B 232 -4.90 -22.24 -2.43
N LEU B 233 -5.50 -21.90 -3.57
CA LEU B 233 -4.83 -22.14 -4.86
C LEU B 233 -3.45 -21.52 -5.01
N ASP B 234 -3.21 -20.36 -4.38
CA ASP B 234 -1.92 -19.75 -4.39
C ASP B 234 -0.95 -20.19 -3.30
N ILE B 235 -1.06 -21.41 -2.81
CA ILE B 235 -0.21 -21.87 -1.71
C ILE B 235 1.23 -22.15 -2.20
N PHE B 236 1.44 -22.74 -3.37
CA PHE B 236 2.84 -23.00 -3.74
C PHE B 236 3.62 -21.72 -3.89
N GLU B 237 3.00 -20.68 -4.43
CA GLU B 237 3.67 -19.37 -4.61
C GLU B 237 3.92 -18.66 -3.24
N PHE B 238 2.92 -18.72 -2.37
CA PHE B 238 3.03 -18.26 -0.98
C PHE B 238 4.29 -18.84 -0.34
N LEU B 239 4.54 -20.14 -0.54
CA LEU B 239 5.70 -20.79 0.03
C LEU B 239 7.04 -20.32 -0.53
N ASP B 240 7.05 -19.57 -1.63
CA ASP B 240 8.29 -19.02 -2.18
C ASP B 240 8.53 -17.56 -1.74
N LEU B 241 7.53 -16.89 -1.15
CA LEU B 241 7.59 -15.44 -0.98
C LEU B 241 8.80 -14.93 -0.21
N LYS B 242 9.26 -15.71 0.77
CA LYS B 242 10.34 -15.32 1.60
C LYS B 242 11.71 -15.77 1.07
N LYS B 243 11.78 -16.50 -0.01
CA LYS B 243 13.12 -16.96 -0.48
C LYS B 243 14.03 -15.83 -0.98
N ASN B 244 15.35 -15.98 -0.78
CA ASN B 244 16.34 -15.01 -1.28
C ASN B 244 16.61 -14.95 -2.78
N THR B 245 16.52 -16.09 -3.45
CA THR B 245 16.53 -16.10 -4.90
C THR B 245 15.20 -15.63 -5.42
N GLY B 246 15.19 -15.35 -6.70
CA GLY B 246 13.97 -15.31 -7.46
C GLY B 246 13.81 -13.93 -7.95
N LYS B 247 12.79 -13.76 -8.76
CA LYS B 247 12.43 -12.47 -9.27
C LYS B 247 11.73 -11.65 -8.15
N GLU B 248 12.09 -10.36 -8.04
CA GLU B 248 11.48 -9.39 -7.08
C GLU B 248 9.94 -9.33 -7.05
N GLU B 249 9.29 -9.50 -8.20
CA GLU B 249 7.82 -9.57 -8.30
C GLU B 249 7.21 -10.83 -7.70
N GLN B 250 8.03 -11.85 -7.46
CA GLN B 250 7.53 -13.11 -6.92
C GLN B 250 7.87 -13.24 -5.42
N ARG B 251 8.43 -12.17 -4.86
CA ARG B 251 8.96 -12.20 -3.51
C ARG B 251 8.31 -11.12 -2.68
N ALA B 252 8.15 -11.43 -1.39
CA ALA B 252 7.81 -10.45 -0.35
C ALA B 252 8.62 -10.77 0.91
N ARG B 253 9.91 -10.50 0.86
CA ARG B 253 10.84 -11.01 1.85
C ARG B 253 10.84 -10.33 3.24
N ASP B 254 10.18 -9.22 3.42
CA ASP B 254 10.12 -8.55 4.69
C ASP B 254 8.90 -8.91 5.50
N LEU B 255 7.96 -9.64 4.94
CA LEU B 255 6.87 -10.28 5.74
C LEU B 255 7.31 -11.58 6.39
N PHE B 256 6.43 -12.09 7.24
CA PHE B 256 6.61 -13.41 7.85
C PHE B 256 5.42 -14.29 7.46
N PHE B 257 5.63 -15.60 7.46
CA PHE B 257 4.72 -16.54 6.85
C PHE B 257 4.32 -17.71 7.77
N ALA B 258 3.01 -17.99 7.84
CA ALA B 258 2.51 -19.06 8.65
C ALA B 258 1.42 -19.84 7.92
N LEU B 259 1.23 -21.09 8.30
CA LEU B 259 0.17 -21.87 7.75
C LEU B 259 -0.87 -22.14 8.81
N TRP B 260 -2.15 -22.09 8.47
CA TRP B 260 -3.25 -22.38 9.37
C TRP B 260 -3.78 -23.73 8.82
N ILE B 261 -3.35 -24.84 9.43
CA ILE B 261 -3.46 -26.15 8.85
C ILE B 261 -4.55 -27.00 9.40
N PRO B 262 -5.51 -27.41 8.53
CA PRO B 262 -6.58 -28.27 8.93
C PRO B 262 -6.08 -29.69 9.10
N ASP B 263 -6.67 -30.42 10.04
CA ASP B 263 -6.31 -31.86 10.22
C ASP B 263 -6.40 -32.63 8.90
N LEU B 264 -7.40 -32.30 8.08
CA LEU B 264 -7.61 -33.05 6.80
C LEU B 264 -6.37 -33.00 5.97
N PHE B 265 -5.65 -31.91 5.95
CA PHE B 265 -4.39 -31.86 5.17
C PHE B 265 -3.39 -32.86 5.66
N MET B 266 -3.15 -32.84 6.98
CA MET B 266 -2.18 -33.75 7.54
C MET B 266 -2.61 -35.19 7.31
N LYS B 267 -3.90 -35.50 7.48
CA LYS B 267 -4.36 -36.87 7.26
C LYS B 267 -4.08 -37.34 5.80
N ARG B 268 -4.34 -36.45 4.85
CA ARG B 268 -4.15 -36.75 3.44
C ARG B 268 -2.69 -36.85 3.07
N VAL B 269 -1.81 -36.13 3.75
CA VAL B 269 -0.37 -36.22 3.52
C VAL B 269 0.17 -37.58 3.94
N GLU B 270 -0.31 -38.04 5.08
CA GLU B 270 0.19 -39.22 5.76
C GLU B 270 -0.16 -40.50 4.98
N THR B 271 -1.38 -40.49 4.45
CA THR B 271 -1.96 -41.54 3.62
C THR B 271 -1.75 -41.32 2.09
N ASN B 272 -0.84 -40.43 1.72
CA ASN B 272 -0.50 -40.12 0.35
C ASN B 272 -1.69 -39.92 -0.63
N GLN B 273 -2.76 -39.30 -0.15
CA GLN B 273 -3.94 -38.99 -0.96
C GLN B 273 -3.78 -37.69 -1.75
N ASP B 274 -4.76 -37.41 -2.60
CA ASP B 274 -4.78 -36.20 -3.37
C ASP B 274 -5.31 -35.02 -2.54
N TRP B 275 -4.93 -33.81 -2.95
CA TRP B 275 -5.28 -32.62 -2.21
C TRP B 275 -5.78 -31.64 -3.26
N SER B 276 -6.98 -31.12 -3.03
CA SER B 276 -7.59 -30.17 -3.92
C SER B 276 -7.28 -28.69 -3.54
N LEU B 277 -6.80 -27.94 -4.52
CA LEU B 277 -6.61 -26.49 -4.37
C LEU B 277 -7.88 -25.76 -4.82
N MET B 278 -8.30 -24.80 -4.02
CA MET B 278 -9.58 -24.13 -4.27
C MET B 278 -9.42 -22.62 -4.20
N CYS B 279 -10.38 -21.95 -4.81
CA CYS B 279 -10.43 -20.53 -4.96
C CYS B 279 -11.57 -20.14 -4.04
N PRO B 280 -11.32 -19.27 -3.04
CA PRO B 280 -12.29 -18.98 -2.02
C PRO B 280 -13.53 -18.29 -2.51
N ASN B 281 -13.45 -17.58 -3.64
CA ASN B 281 -14.64 -16.97 -4.25
C ASN B 281 -15.57 -18.10 -4.80
N GLU B 282 -14.98 -19.06 -5.47
CA GLU B 282 -15.69 -20.29 -5.90
C GLU B 282 -16.16 -21.17 -4.71
N CYS B 283 -15.36 -21.17 -3.62
CA CYS B 283 -15.52 -22.07 -2.50
C CYS B 283 -15.55 -21.31 -1.22
N PRO B 284 -16.66 -20.59 -0.96
CA PRO B 284 -16.76 -19.74 0.21
C PRO B 284 -16.83 -20.52 1.55
N GLY B 285 -16.36 -19.88 2.63
CA GLY B 285 -16.67 -20.39 3.92
C GLY B 285 -15.71 -21.38 4.50
N LEU B 286 -14.65 -21.79 3.77
CA LEU B 286 -13.72 -22.76 4.30
C LEU B 286 -12.93 -22.28 5.52
N ASP B 287 -12.64 -20.97 5.58
CA ASP B 287 -12.00 -20.39 6.74
C ASP B 287 -12.99 -20.08 7.87
N GLU B 288 -14.28 -20.30 7.68
CA GLU B 288 -15.28 -20.01 8.71
C GLU B 288 -15.84 -21.23 9.39
N VAL B 289 -15.22 -22.37 9.09
CA VAL B 289 -15.50 -23.63 9.75
C VAL B 289 -14.22 -24.37 10.04
N TRP B 290 -14.30 -25.26 11.02
CA TRP B 290 -13.16 -26.05 11.42
C TRP B 290 -13.60 -27.48 11.74
N GLY B 291 -12.64 -28.38 11.75
CA GLY B 291 -12.84 -29.78 12.13
C GLY B 291 -13.81 -30.48 11.16
N GLU B 292 -14.79 -31.14 11.73
CA GLU B 292 -15.74 -31.92 10.97
C GLU B 292 -16.53 -31.06 10.01
N GLU B 293 -16.90 -29.86 10.44
CA GLU B 293 -17.65 -28.97 9.62
C GLU B 293 -16.85 -28.58 8.40
N PHE B 294 -15.61 -28.22 8.60
CA PHE B 294 -14.67 -28.05 7.51
C PHE B 294 -14.57 -29.23 6.56
N GLU B 295 -14.27 -30.40 7.11
CA GLU B 295 -14.06 -31.60 6.24
C GLU B 295 -15.28 -31.97 5.41
N LYS B 296 -16.49 -31.77 5.95
CA LYS B 296 -17.72 -31.90 5.16
C LYS B 296 -17.82 -30.90 4.02
N LEU B 297 -17.64 -29.62 4.33
CA LEU B 297 -17.75 -28.63 3.30
C LEU B 297 -16.69 -28.82 2.19
N TYR B 298 -15.44 -28.99 2.57
CA TYR B 298 -14.37 -29.19 1.61
C TYR B 298 -14.63 -30.40 0.72
N ALA B 299 -14.95 -31.53 1.34
CA ALA B 299 -15.27 -32.78 0.56
C ALA B 299 -16.45 -32.60 -0.36
N SER B 300 -17.45 -31.83 0.08
CA SER B 300 -18.58 -31.51 -0.72
C SER B 300 -18.19 -30.66 -1.92
N TYR B 301 -17.29 -29.68 -1.73
CA TYR B 301 -16.80 -28.86 -2.85
C TYR B 301 -16.02 -29.73 -3.88
N GLU B 302 -15.23 -30.66 -3.38
CA GLU B 302 -14.53 -31.61 -4.25
C GLU B 302 -15.55 -32.41 -5.06
N LYS B 303 -16.57 -32.92 -4.38
CA LYS B 303 -17.59 -33.77 -5.08
C LYS B 303 -18.40 -32.95 -6.09
N GLN B 304 -18.58 -31.65 -5.79
CA GLN B 304 -19.22 -30.72 -6.69
C GLN B 304 -18.31 -30.26 -7.80
N GLY B 305 -17.07 -30.71 -7.85
CA GLY B 305 -16.06 -30.22 -8.83
C GLY B 305 -15.69 -28.72 -8.72
N ARG B 306 -15.92 -28.12 -7.53
CA ARG B 306 -15.52 -26.75 -7.27
C ARG B 306 -14.07 -26.72 -6.80
N VAL B 307 -13.18 -26.96 -7.74
CA VAL B 307 -11.81 -27.20 -7.46
C VAL B 307 -11.05 -26.68 -8.67
N ARG B 308 -9.92 -26.04 -8.45
CA ARG B 308 -9.17 -25.46 -9.54
C ARG B 308 -8.01 -26.30 -9.92
N LYS B 309 -7.44 -27.02 -8.98
CA LYS B 309 -6.29 -27.89 -9.30
C LYS B 309 -6.19 -28.99 -8.26
N VAL B 310 -5.73 -30.17 -8.69
CA VAL B 310 -5.59 -31.33 -7.81
C VAL B 310 -4.12 -31.66 -7.84
N VAL B 311 -3.53 -31.74 -6.66
CA VAL B 311 -2.17 -32.15 -6.51
C VAL B 311 -2.14 -33.34 -5.55
N LYS B 312 -0.97 -33.95 -5.43
CA LYS B 312 -0.73 -34.95 -4.36
C LYS B 312 -0.49 -34.19 -3.06
N ALA B 313 -1.13 -34.59 -1.97
CA ALA B 313 -0.85 -33.95 -0.66
C ALA B 313 0.62 -33.85 -0.39
N GLN B 314 1.34 -34.93 -0.71
CA GLN B 314 2.79 -35.00 -0.57
C GLN B 314 3.62 -34.03 -1.35
N GLN B 315 3.15 -33.66 -2.53
CA GLN B 315 3.91 -32.65 -3.35
C GLN B 315 3.84 -31.27 -2.61
N LEU B 316 2.67 -30.94 -2.06
CA LEU B 316 2.52 -29.75 -1.28
C LEU B 316 3.40 -29.89 0.01
N TRP B 317 3.37 -31.04 0.66
CA TRP B 317 4.19 -31.24 1.85
C TRP B 317 5.64 -30.99 1.59
N TYR B 318 6.15 -31.51 0.48
CA TYR B 318 7.52 -31.28 0.08
C TYR B 318 7.83 -29.78 -0.09
N ALA B 319 6.89 -29.06 -0.65
CA ALA B 319 7.08 -27.63 -0.81
C ALA B 319 7.23 -26.93 0.56
N ILE B 320 6.41 -27.36 1.53
CA ILE B 320 6.46 -26.78 2.90
C ILE B 320 7.81 -27.04 3.55
N ILE B 321 8.21 -28.30 3.51
CA ILE B 321 9.50 -28.73 4.06
C ILE B 321 10.67 -28.00 3.40
N GLU B 322 10.62 -27.85 2.08
CA GLU B 322 11.64 -27.18 1.31
C GLU B 322 11.65 -25.68 1.66
N SER B 323 10.48 -25.08 1.85
CA SER B 323 10.43 -23.70 2.33
C SER B 323 11.12 -23.58 3.71
N GLN B 324 10.82 -24.52 4.60
CA GLN B 324 11.40 -24.49 5.94
C GLN B 324 12.91 -24.73 5.93
N THR B 325 13.37 -25.73 5.19
CA THR B 325 14.83 -25.90 4.99
C THR B 325 15.54 -24.63 4.50
N GLU B 326 14.95 -23.91 3.54
CA GLU B 326 15.56 -22.68 2.99
C GLU B 326 15.46 -21.44 3.87
N THR B 327 14.32 -21.22 4.53
CA THR B 327 14.03 -19.97 5.21
C THR B 327 13.74 -20.09 6.69
N GLY B 328 13.61 -21.32 7.22
CA GLY B 328 13.10 -21.52 8.60
C GLY B 328 11.57 -21.34 8.80
N THR B 329 10.85 -21.05 7.72
CA THR B 329 9.43 -20.76 7.72
C THR B 329 8.76 -21.47 6.51
N PRO B 330 7.44 -21.55 6.49
CA PRO B 330 6.58 -20.87 7.44
C PRO B 330 6.34 -21.55 8.79
N TYR B 331 5.73 -20.79 9.69
CA TYR B 331 5.39 -21.27 10.99
C TYR B 331 4.27 -22.29 10.78
N MET B 332 4.13 -23.26 11.67
CA MET B 332 3.06 -24.28 11.61
C MET B 332 2.07 -24.21 12.75
N LEU B 333 0.85 -23.87 12.38
CA LEU B 333 -0.28 -23.89 13.27
C LEU B 333 -1.35 -24.89 12.82
N TYR B 334 -1.88 -25.63 13.78
CA TYR B 334 -2.97 -26.60 13.57
C TYR B 334 -4.30 -26.00 13.90
N LYS B 335 -4.97 -25.58 12.85
CA LYS B 335 -6.22 -24.81 12.92
C LYS B 335 -7.27 -25.48 13.72
N ASP B 336 -7.41 -26.82 13.53
CA ASP B 336 -8.47 -27.53 14.28
C ASP B 336 -8.14 -27.74 15.77
N SER B 337 -6.88 -27.99 16.08
CA SER B 337 -6.42 -28.01 17.50
C SER B 337 -6.63 -26.62 18.18
N CYS B 338 -6.34 -25.51 17.48
CA CYS B 338 -6.57 -24.16 17.97
C CYS B 338 -8.06 -23.90 18.26
N ASN B 339 -8.91 -24.35 17.35
CA ASN B 339 -10.34 -24.09 17.45
C ASN B 339 -11.01 -25.00 18.41
N ARG B 340 -10.68 -26.30 18.32
CA ARG B 340 -11.30 -27.28 19.17
C ARG B 340 -11.04 -26.95 20.65
N LYS B 341 -9.84 -26.47 20.95
CA LYS B 341 -9.39 -26.24 22.34
C LYS B 341 -9.36 -24.74 22.78
N SER B 342 -10.21 -23.88 22.21
CA SER B 342 -10.24 -22.47 22.53
C SER B 342 -11.57 -22.15 23.26
N ASN B 343 -11.47 -21.46 24.39
CA ASN B 343 -12.60 -20.90 25.11
C ASN B 343 -13.29 -19.84 24.31
N GLN B 344 -12.65 -19.31 23.24
CA GLN B 344 -13.33 -18.38 22.38
C GLN B 344 -14.19 -19.05 21.26
N GLN B 345 -14.27 -20.38 21.21
CA GLN B 345 -14.97 -21.07 20.10
C GLN B 345 -16.44 -20.71 19.95
N ASN B 346 -17.09 -20.24 21.01
CA ASN B 346 -18.47 -19.74 20.88
C ASN B 346 -18.59 -18.52 19.94
N LEU B 347 -17.49 -17.80 19.66
CA LEU B 347 -17.54 -16.62 18.86
C LEU B 347 -17.67 -16.93 17.40
N GLY B 348 -17.20 -18.12 17.00
CA GLY B 348 -17.17 -18.51 15.60
C GLY B 348 -15.74 -19.00 15.40
N THR B 349 -15.43 -19.34 14.17
CA THR B 349 -14.12 -19.92 13.79
C THR B 349 -13.00 -18.91 13.96
N ILE B 350 -11.90 -19.36 14.57
CA ILE B 350 -10.69 -18.59 14.74
C ILE B 350 -9.83 -18.74 13.51
N LYS B 351 -9.50 -17.60 12.86
CA LYS B 351 -8.94 -17.66 11.51
C LYS B 351 -7.43 -17.61 11.41
N CYS B 352 -6.78 -17.18 12.48
CA CYS B 352 -5.32 -17.07 12.49
C CYS B 352 -4.82 -16.92 13.95
N SER B 353 -3.54 -17.12 14.08
CA SER B 353 -2.77 -16.69 15.22
C SER B 353 -2.13 -15.28 14.98
N ASN B 354 -1.07 -14.96 15.72
CA ASN B 354 -0.42 -13.66 15.63
C ASN B 354 0.98 -13.76 15.13
N LEU B 355 1.73 -12.68 15.29
CA LEU B 355 3.11 -12.62 14.78
C LEU B 355 4.02 -13.68 15.37
N CYS B 356 3.86 -13.98 16.67
CA CYS B 356 4.74 -14.85 17.40
C CYS B 356 4.17 -16.28 17.68
N THR B 357 2.97 -16.55 17.19
CA THR B 357 2.32 -17.85 17.21
C THR B 357 1.84 -18.40 18.55
N GLU B 358 1.74 -17.54 19.56
CA GLU B 358 1.28 -17.96 20.88
C GLU B 358 -0.15 -17.50 21.16
N ILE B 359 -0.69 -16.57 20.38
CA ILE B 359 -2.07 -16.02 20.60
C ILE B 359 -3.05 -16.66 19.63
N VAL B 360 -4.12 -17.21 20.17
CA VAL B 360 -5.20 -17.80 19.43
C VAL B 360 -6.53 -17.07 19.82
N GLU B 361 -6.90 -16.10 19.02
CA GLU B 361 -8.07 -15.20 19.35
C GLU B 361 -8.88 -14.93 18.15
N TYR B 362 -10.18 -14.72 18.36
CA TYR B 362 -11.12 -14.58 17.28
C TYR B 362 -10.94 -13.25 16.54
N THR B 363 -11.08 -13.26 15.22
CA THR B 363 -11.16 -12.03 14.43
C THR B 363 -12.32 -12.01 13.47
N SER B 364 -12.77 -10.80 13.12
CA SER B 364 -13.82 -10.66 12.15
C SER B 364 -13.59 -9.34 11.52
N LYS B 365 -14.46 -9.01 10.58
CA LYS B 365 -14.39 -7.71 9.98
C LYS B 365 -14.64 -6.60 11.03
N ASP B 366 -15.50 -6.83 12.02
CA ASP B 366 -15.65 -5.90 13.14
C ASP B 366 -14.63 -6.01 14.30
N GLU B 367 -13.73 -7.03 14.31
CA GLU B 367 -12.88 -7.26 15.51
C GLU B 367 -11.46 -7.55 15.13
N VAL B 368 -10.56 -6.73 15.67
CA VAL B 368 -9.12 -6.93 15.56
C VAL B 368 -8.75 -7.39 16.96
N ALA B 369 -8.28 -8.64 17.07
CA ALA B 369 -7.88 -9.16 18.33
C ALA B 369 -6.56 -8.48 18.83
N VAL B 370 -6.40 -8.49 20.15
CA VAL B 370 -5.31 -7.81 20.79
C VAL B 370 -4.65 -8.71 21.82
N CYS B 371 -3.33 -8.65 21.82
CA CYS B 371 -2.46 -9.38 22.76
C CYS B 371 -1.92 -8.49 23.89
N ASN B 372 -2.33 -8.78 25.11
CA ASN B 372 -1.95 -8.04 26.32
C ASN B 372 -1.05 -8.98 27.11
N LEU B 373 0.25 -8.70 27.16
CA LEU B 373 1.26 -9.70 27.48
C LEU B 373 2.15 -9.37 28.72
N ALA B 374 2.50 -10.40 29.47
CA ALA B 374 3.47 -10.29 30.56
C ALA B 374 4.19 -11.63 30.83
N SER B 375 5.42 -11.63 31.34
CA SER B 375 6.06 -12.92 31.62
C SER B 375 6.55 -13.06 33.04
N LEU B 376 6.40 -14.27 33.57
CA LEU B 376 6.85 -14.66 34.90
C LEU B 376 8.25 -15.20 34.84
N ALA B 377 9.11 -14.72 35.76
CA ALA B 377 10.52 -15.17 35.77
C ALA B 377 10.65 -16.44 36.66
N LEU B 378 10.49 -17.60 36.01
CA LEU B 378 10.33 -18.87 36.69
C LEU B 378 11.49 -19.28 37.64
N ASN B 379 12.67 -18.79 37.32
CA ASN B 379 13.81 -18.91 38.17
C ASN B 379 13.63 -18.29 39.54
N MET B 380 12.84 -17.23 39.68
CA MET B 380 12.77 -16.57 41.02
C MET B 380 12.11 -17.46 42.05
N TYR B 381 11.37 -18.50 41.63
CA TYR B 381 10.47 -19.27 42.51
C TYR B 381 11.14 -20.51 43.14
N VAL B 382 12.39 -20.77 42.78
CA VAL B 382 13.11 -21.90 43.27
C VAL B 382 13.74 -21.48 44.59
N THR B 383 13.55 -22.27 45.64
CA THR B 383 14.09 -21.94 46.97
C THR B 383 15.54 -22.45 47.07
N SER B 384 16.20 -22.05 48.14
CA SER B 384 17.55 -22.59 48.48
C SER B 384 17.58 -24.11 48.74
N GLU B 385 16.45 -24.58 49.20
CA GLU B 385 16.16 -25.98 49.38
C GLU B 385 16.04 -26.79 48.08
N HIS B 386 16.03 -26.16 46.91
CA HIS B 386 15.67 -26.85 45.69
C HIS B 386 14.24 -27.37 45.77
N THR B 387 13.33 -26.61 46.39
CA THR B 387 11.91 -26.87 46.23
C THR B 387 11.40 -25.77 45.33
N TYR B 388 10.26 -25.97 44.70
CA TYR B 388 9.68 -24.96 43.88
C TYR B 388 8.51 -24.34 44.66
N ASP B 389 8.48 -23.01 44.71
CA ASP B 389 7.48 -22.31 45.53
C ASP B 389 6.25 -22.05 44.68
N PHE B 390 5.46 -23.10 44.48
CA PHE B 390 4.24 -22.99 43.67
C PHE B 390 3.25 -21.94 44.22
N LYS B 391 3.26 -21.77 45.51
CA LYS B 391 2.30 -20.89 46.11
C LYS B 391 2.59 -19.42 45.83
N LYS B 392 3.87 -19.04 45.88
CA LYS B 392 4.33 -17.71 45.52
C LYS B 392 4.06 -17.42 44.01
N LEU B 393 4.40 -18.37 43.16
CA LEU B 393 4.12 -18.28 41.73
C LEU B 393 2.63 -18.01 41.45
N ALA B 394 1.75 -18.75 42.10
CA ALA B 394 0.30 -18.49 41.94
C ALA B 394 -0.07 -17.08 42.38
N GLU B 395 0.44 -16.67 43.54
CA GLU B 395 0.27 -15.31 44.07
C GLU B 395 0.72 -14.21 43.11
N VAL B 396 1.88 -14.37 42.47
CA VAL B 396 2.38 -13.31 41.60
C VAL B 396 1.57 -13.30 40.34
N THR B 397 1.24 -14.51 39.86
CA THR B 397 0.35 -14.65 38.70
C THR B 397 -0.93 -13.87 38.90
N LYS B 398 -1.49 -13.94 40.08
CA LYS B 398 -2.76 -13.19 40.34
C LYS B 398 -2.56 -11.67 40.19
N VAL B 399 -1.43 -11.15 40.68
CA VAL B 399 -1.07 -9.74 40.40
C VAL B 399 -1.01 -9.45 38.88
N VAL B 400 -0.35 -10.32 38.11
CA VAL B 400 -0.23 -10.06 36.70
C VAL B 400 -1.62 -10.02 36.02
N VAL B 401 -2.52 -10.88 36.42
CA VAL B 401 -3.86 -10.94 35.84
C VAL B 401 -4.50 -9.59 36.06
N ARG B 402 -4.47 -9.13 37.28
CA ARG B 402 -5.08 -7.84 37.62
C ARG B 402 -4.42 -6.70 36.85
N ASN B 403 -3.09 -6.75 36.66
CA ASN B 403 -2.41 -5.67 35.91
C ASN B 403 -2.86 -5.68 34.43
N LEU B 404 -2.84 -6.84 33.77
CA LEU B 404 -3.22 -6.95 32.34
C LEU B 404 -4.69 -6.62 32.13
N ASN B 405 -5.50 -6.95 33.14
CA ASN B 405 -6.92 -6.52 33.15
C ASN B 405 -7.05 -5.04 33.10
N LYS B 406 -6.31 -4.29 33.94
CA LYS B 406 -6.41 -2.84 33.92
C LYS B 406 -5.90 -2.28 32.59
N ILE B 407 -4.84 -2.89 32.04
CA ILE B 407 -4.27 -2.44 30.82
C ILE B 407 -5.28 -2.42 29.68
N ILE B 408 -6.12 -3.45 29.64
CA ILE B 408 -7.18 -3.50 28.65
C ILE B 408 -8.03 -2.18 28.62
N ASP B 409 -8.31 -1.65 29.79
CA ASP B 409 -9.23 -0.46 29.93
C ASP B 409 -8.53 0.88 29.68
N ILE B 410 -7.22 0.93 29.88
CA ILE B 410 -6.46 2.21 29.68
C ILE B 410 -5.70 2.30 28.36
N ASN B 411 -5.57 1.16 27.67
CA ASN B 411 -4.82 1.11 26.43
C ASN B 411 -5.42 2.10 25.42
N TYR B 412 -4.54 2.71 24.64
CA TYR B 412 -4.88 3.57 23.57
C TYR B 412 -4.89 2.70 22.33
N TYR B 413 -6.08 2.41 21.82
CA TYR B 413 -6.25 1.44 20.72
C TYR B 413 -6.07 2.13 19.39
N PRO B 414 -5.21 1.61 18.51
CA PRO B 414 -4.98 2.25 17.24
C PRO B 414 -6.06 2.12 16.21
N VAL B 415 -7.04 1.22 16.38
CA VAL B 415 -8.24 1.16 15.53
C VAL B 415 -9.42 0.79 16.38
N PRO B 416 -10.61 1.28 16.03
CA PRO B 416 -11.76 1.03 16.91
C PRO B 416 -12.12 -0.46 16.95
N GLU B 417 -11.76 -1.23 15.92
CA GLU B 417 -12.07 -2.68 15.96
C GLU B 417 -11.31 -3.43 17.06
N ALA B 418 -10.17 -2.90 17.43
CA ALA B 418 -9.32 -3.49 18.52
C ALA B 418 -9.87 -3.21 19.86
N CYS B 419 -10.30 -1.98 20.05
CA CYS B 419 -11.02 -1.61 21.28
C CYS B 419 -12.23 -2.51 21.51
N LEU B 420 -13.05 -2.64 20.49
CA LEU B 420 -14.27 -3.46 20.56
C LEU B 420 -14.01 -4.92 20.95
N SER B 421 -13.00 -5.52 20.31
CA SER B 421 -12.60 -6.89 20.59
C SER B 421 -12.17 -7.06 22.01
N ASN B 422 -11.22 -6.21 22.43
CA ASN B 422 -10.67 -6.36 23.75
C ASN B 422 -11.73 -6.19 24.80
N LYS B 423 -12.62 -5.22 24.61
CA LYS B 423 -13.67 -4.96 25.56
C LYS B 423 -14.71 -6.05 25.66
N ARG B 424 -15.01 -6.75 24.56
CA ARG B 424 -16.00 -7.83 24.60
C ARG B 424 -15.52 -9.07 25.26
N HIS B 425 -14.27 -9.45 24.99
CA HIS B 425 -13.80 -10.76 25.44
C HIS B 425 -12.66 -10.73 26.46
N ARG B 426 -11.98 -9.60 26.61
CA ARG B 426 -10.97 -9.40 27.59
C ARG B 426 -9.87 -10.47 27.69
N PRO B 427 -9.36 -10.93 26.53
CA PRO B 427 -8.29 -11.96 26.63
C PRO B 427 -7.03 -11.35 27.20
N ILE B 428 -6.29 -12.11 28.01
CA ILE B 428 -4.88 -11.75 28.27
C ILE B 428 -3.94 -12.95 28.01
N GLY B 429 -2.65 -12.64 28.01
CA GLY B 429 -1.56 -13.57 27.68
C GLY B 429 -0.40 -13.51 28.65
N ILE B 430 -0.50 -14.29 29.69
CA ILE B 430 0.54 -14.44 30.68
C ILE B 430 1.50 -15.51 30.22
N GLY B 431 2.79 -15.17 30.12
CA GLY B 431 3.82 -16.15 29.74
C GLY B 431 4.92 -16.29 30.76
N VAL B 432 6.11 -16.75 30.31
CA VAL B 432 7.17 -17.10 31.19
C VAL B 432 8.53 -16.88 30.49
N GLN B 433 9.55 -16.79 31.31
CA GLN B 433 10.99 -16.88 30.92
C GLN B 433 11.71 -17.58 32.01
N GLY B 434 12.95 -17.95 31.73
CA GLY B 434 13.75 -18.70 32.68
C GLY B 434 13.27 -20.07 33.08
N LEU B 435 12.52 -20.74 32.21
CA LEU B 435 12.15 -22.14 32.42
C LEU B 435 13.44 -22.96 32.53
N ALA B 436 14.41 -22.72 31.65
CA ALA B 436 15.67 -23.54 31.68
C ALA B 436 16.42 -23.28 32.97
N ASP B 437 16.32 -22.03 33.46
CA ASP B 437 16.94 -21.59 34.69
C ASP B 437 16.32 -22.26 35.90
N ALA B 438 14.98 -22.36 35.93
CA ALA B 438 14.32 -22.99 36.99
C ALA B 438 14.82 -24.46 37.14
N PHE B 439 14.86 -25.14 36.03
CA PHE B 439 15.38 -26.51 35.95
C PHE B 439 16.80 -26.60 36.45
N ILE B 440 17.64 -25.68 36.02
CA ILE B 440 19.02 -25.67 36.50
C ILE B 440 19.11 -25.43 38.02
N LEU B 441 18.35 -24.45 38.52
CA LEU B 441 18.47 -24.16 39.93
C LEU B 441 17.94 -25.33 40.75
N MET B 442 16.98 -26.09 40.21
CA MET B 442 16.37 -27.23 40.90
C MET B 442 17.24 -28.45 40.80
N ARG B 443 18.29 -28.34 39.99
CA ARG B 443 19.23 -29.44 39.72
C ARG B 443 18.63 -30.53 38.79
N TYR B 444 17.69 -30.15 37.94
CA TYR B 444 16.96 -31.11 37.10
C TYR B 444 17.42 -30.92 35.64
N PRO B 445 17.97 -31.96 34.99
CA PRO B 445 18.22 -31.85 33.54
C PRO B 445 16.91 -31.62 32.78
N PHE B 446 16.98 -30.92 31.63
CA PHE B 446 15.77 -30.46 30.91
C PHE B 446 14.82 -31.63 30.58
N GLU B 447 15.42 -32.75 30.18
CA GLU B 447 14.71 -33.98 29.78
C GLU B 447 14.33 -34.93 30.87
N SER B 448 14.68 -34.64 32.13
CA SER B 448 14.48 -35.62 33.19
C SER B 448 13.02 -35.66 33.59
N ALA B 449 12.65 -36.75 34.19
CA ALA B 449 11.29 -36.93 34.67
C ALA B 449 10.94 -35.93 35.77
N GLU B 450 11.95 -35.51 36.55
CA GLU B 450 11.82 -34.41 37.50
C GLU B 450 11.43 -33.08 36.81
N ALA B 451 12.13 -32.73 35.76
CA ALA B 451 11.76 -31.51 34.97
C ALA B 451 10.38 -31.68 34.34
N GLN B 452 10.04 -32.89 33.93
CA GLN B 452 8.81 -33.13 33.25
C GLN B 452 7.60 -32.91 34.17
N LEU B 453 7.69 -33.41 35.42
CA LEU B 453 6.67 -33.12 36.44
C LEU B 453 6.67 -31.63 36.79
N LEU B 454 7.85 -31.05 36.97
CA LEU B 454 7.94 -29.64 37.31
C LEU B 454 7.31 -28.73 36.23
N ASN B 455 7.54 -29.12 35.00
CA ASN B 455 6.94 -28.44 33.82
C ASN B 455 5.44 -28.46 33.91
N LYS B 456 4.84 -29.61 34.13
CA LYS B 456 3.38 -29.67 34.26
C LYS B 456 2.91 -28.81 35.41
N GLN B 457 3.54 -29.00 36.58
CA GLN B 457 3.15 -28.29 37.78
C GLN B 457 3.27 -26.77 37.74
N ILE B 458 4.30 -26.24 37.12
CA ILE B 458 4.46 -24.81 36.94
C ILE B 458 3.30 -24.25 36.19
N PHE B 459 2.95 -24.89 35.06
CA PHE B 459 1.84 -24.40 34.25
C PHE B 459 0.46 -24.71 34.83
N GLU B 460 0.35 -25.81 35.57
CA GLU B 460 -0.90 -26.01 36.40
C GLU B 460 -1.09 -24.83 37.36
N THR B 461 0.00 -24.49 38.04
CA THR B 461 0.01 -23.40 38.97
C THR B 461 -0.35 -22.04 38.38
N ILE B 462 0.34 -21.70 37.28
CA ILE B 462 0.01 -20.46 36.58
C ILE B 462 -1.47 -20.38 36.17
N TYR B 463 -1.99 -21.48 35.66
CA TYR B 463 -3.35 -21.49 35.14
C TYR B 463 -4.33 -21.40 36.31
N TYR B 464 -4.02 -22.12 37.40
CA TYR B 464 -4.84 -22.10 38.63
C TYR B 464 -4.96 -20.71 39.21
N GLY B 465 -3.81 -20.11 39.43
CA GLY B 465 -3.76 -18.73 39.93
C GLY B 465 -4.39 -17.71 39.06
N ALA B 466 -4.13 -17.80 37.75
CA ALA B 466 -4.79 -16.89 36.84
C ALA B 466 -6.30 -16.97 36.86
N LEU B 467 -6.82 -18.19 36.84
CA LEU B 467 -8.27 -18.40 36.88
C LEU B 467 -8.85 -17.87 38.16
N GLU B 468 -8.15 -18.10 39.28
CA GLU B 468 -8.57 -17.55 40.56
C GLU B 468 -8.73 -16.05 40.53
N ALA B 469 -7.70 -15.36 40.05
CA ALA B 469 -7.73 -13.90 39.91
C ALA B 469 -8.79 -13.43 38.93
N SER B 470 -8.90 -14.13 37.79
CA SER B 470 -9.95 -13.79 36.80
C SER B 470 -11.40 -13.97 37.41
N CYS B 471 -11.58 -15.05 38.14
CA CYS B 471 -12.85 -15.33 38.87
C CYS B 471 -13.16 -14.26 39.95
N ASP B 472 -12.16 -13.97 40.77
CA ASP B 472 -12.27 -12.83 41.71
C ASP B 472 -12.70 -11.55 41.00
N LEU B 473 -12.10 -11.26 39.85
CA LEU B 473 -12.51 -10.07 39.09
C LEU B 473 -13.94 -10.12 38.61
N ALA B 474 -14.40 -11.31 38.24
CA ALA B 474 -15.79 -11.52 37.79
C ALA B 474 -16.80 -11.28 38.92
N LYS B 475 -16.46 -11.75 40.10
CA LYS B 475 -17.20 -11.42 41.32
C LYS B 475 -17.35 -9.90 41.51
N GLU B 476 -16.28 -9.16 41.27
CA GLU B 476 -16.20 -7.71 41.48
C GLU B 476 -16.82 -6.91 40.32
N GLN B 477 -16.59 -7.32 39.09
CA GLN B 477 -16.99 -6.49 37.99
C GLN B 477 -17.98 -7.14 37.03
N GLY B 478 -18.37 -8.39 37.31
CA GLY B 478 -19.11 -9.18 36.31
C GLY B 478 -18.21 -9.92 35.31
N PRO B 479 -18.67 -11.08 34.81
CA PRO B 479 -17.95 -11.78 33.75
C PRO B 479 -17.86 -10.94 32.53
N TYR B 480 -16.91 -11.27 31.65
CA TYR B 480 -16.82 -10.64 30.35
C TYR B 480 -18.09 -10.88 29.56
N GLU B 481 -18.28 -10.02 28.57
CA GLU B 481 -19.52 -9.94 27.82
C GLU B 481 -19.97 -11.22 27.06
N THR B 482 -19.00 -11.90 26.44
CA THR B 482 -19.34 -13.10 25.73
C THR B 482 -19.06 -14.35 26.53
N TYR B 483 -18.99 -14.27 27.87
CA TYR B 483 -18.72 -15.43 28.68
C TYR B 483 -19.74 -16.57 28.56
N GLU B 484 -21.01 -16.21 28.62
CA GLU B 484 -22.05 -17.21 28.60
C GLU B 484 -22.10 -18.00 27.28
N GLY B 485 -22.03 -19.32 27.34
CA GLY B 485 -22.01 -20.11 26.12
C GLY B 485 -20.59 -20.60 25.82
N SER B 486 -19.60 -20.06 26.55
CA SER B 486 -18.25 -20.49 26.41
C SER B 486 -18.05 -21.83 27.09
N PRO B 487 -17.00 -22.54 26.71
CA PRO B 487 -16.65 -23.74 27.40
C PRO B 487 -16.41 -23.61 28.90
N VAL B 488 -15.76 -22.51 29.34
CA VAL B 488 -15.55 -22.32 30.76
C VAL B 488 -16.94 -22.12 31.47
N SER B 489 -17.89 -21.52 30.79
CA SER B 489 -19.28 -21.31 31.37
C SER B 489 -20.00 -22.66 31.61
N LYS B 490 -19.53 -23.71 30.92
CA LYS B 490 -20.05 -25.05 31.10
C LYS B 490 -19.19 -25.94 31.98
N GLY B 491 -18.24 -25.37 32.73
CA GLY B 491 -17.32 -26.15 33.57
C GLY B 491 -16.23 -26.89 32.78
N ILE B 492 -15.94 -26.46 31.56
CA ILE B 492 -14.86 -27.05 30.78
C ILE B 492 -13.62 -26.09 30.79
N LEU B 493 -12.60 -26.49 31.50
CA LEU B 493 -11.35 -25.74 31.53
C LEU B 493 -10.41 -26.35 30.48
N GLN B 494 -9.27 -25.70 30.24
CA GLN B 494 -8.39 -26.10 29.14
C GLN B 494 -8.00 -27.54 29.21
N TYR B 495 -7.58 -28.01 30.39
CA TYR B 495 -7.14 -29.37 30.52
C TYR B 495 -8.21 -30.41 30.17
N ASP B 496 -9.50 -30.08 30.43
CA ASP B 496 -10.59 -30.95 30.04
C ASP B 496 -10.64 -31.11 28.50
N MET B 497 -10.27 -30.07 27.75
CA MET B 497 -10.32 -30.13 26.32
C MET B 497 -9.15 -30.96 25.79
N TRP B 498 -8.12 -31.20 26.61
CA TRP B 498 -7.02 -32.08 26.20
C TRP B 498 -7.22 -33.49 26.74
N ASN B 499 -8.32 -33.72 27.45
CA ASN B 499 -8.54 -34.98 28.16
C ASN B 499 -7.44 -35.33 29.15
N VAL B 500 -7.01 -34.36 29.93
CA VAL B 500 -5.91 -34.50 30.87
C VAL B 500 -6.51 -34.28 32.24
N THR B 501 -6.12 -35.10 33.20
CA THR B 501 -6.41 -34.87 34.63
C THR B 501 -5.17 -34.27 35.31
N PRO B 502 -5.34 -33.12 36.02
CA PRO B 502 -4.18 -32.48 36.64
C PRO B 502 -3.67 -33.31 37.75
N THR B 503 -2.42 -33.06 38.15
CA THR B 503 -1.89 -33.63 39.36
C THR B 503 -2.70 -33.16 40.57
N ASP B 504 -2.43 -33.72 41.73
CA ASP B 504 -3.10 -33.28 42.99
C ASP B 504 -2.56 -31.98 43.58
N LEU B 505 -1.57 -31.37 42.92
CA LEU B 505 -1.02 -30.14 43.43
C LEU B 505 -2.10 -29.11 43.87
N TRP B 506 -3.07 -28.79 42.98
CA TRP B 506 -4.11 -27.81 43.29
C TRP B 506 -5.51 -28.42 43.30
N ASP B 507 -6.40 -27.77 44.01
CA ASP B 507 -7.79 -28.27 44.14
C ASP B 507 -8.66 -27.59 43.10
N TRP B 508 -8.73 -28.24 41.95
CA TRP B 508 -9.51 -27.78 40.82
C TRP B 508 -10.99 -27.87 41.09
N LYS B 509 -11.39 -28.77 41.96
CA LYS B 509 -12.83 -28.91 42.27
C LYS B 509 -13.42 -27.67 42.87
N VAL B 510 -12.72 -27.09 43.83
CA VAL B 510 -13.13 -25.86 44.50
C VAL B 510 -13.11 -24.67 43.55
N LEU B 511 -12.08 -24.63 42.72
CA LEU B 511 -11.96 -23.52 41.78
C LEU B 511 -13.10 -23.58 40.77
N LYS B 512 -13.38 -24.77 40.26
CA LYS B 512 -14.54 -24.92 39.34
C LYS B 512 -15.89 -24.49 40.00
N GLU B 513 -16.03 -24.76 41.30
CA GLU B 513 -17.22 -24.30 42.08
C GLU B 513 -17.26 -22.78 42.15
N LYS B 514 -16.11 -22.13 42.37
CA LYS B 514 -16.09 -20.64 42.37
C LYS B 514 -16.52 -20.09 41.03
N ILE B 515 -16.03 -20.72 39.97
CA ILE B 515 -16.25 -20.22 38.60
C ILE B 515 -17.69 -20.46 38.17
N ALA B 516 -18.20 -21.64 38.51
CA ALA B 516 -19.64 -21.95 38.37
C ALA B 516 -20.51 -20.85 38.95
N LYS B 517 -20.10 -20.32 40.08
CA LYS B 517 -20.88 -19.30 40.79
C LYS B 517 -20.65 -17.89 40.26
N TYR B 518 -19.39 -17.53 40.01
CA TYR B 518 -19.09 -16.16 39.64
C TYR B 518 -18.72 -15.89 38.21
N GLY B 519 -18.38 -16.92 37.45
CA GLY B 519 -17.82 -16.73 36.13
C GLY B 519 -16.37 -16.25 36.23
N ILE B 520 -15.84 -15.81 35.09
CA ILE B 520 -14.51 -15.18 34.98
C ILE B 520 -14.55 -13.91 34.13
N ARG B 521 -13.55 -13.04 34.35
CA ARG B 521 -13.42 -11.79 33.64
C ARG B 521 -12.74 -11.84 32.31
N ASN B 522 -11.90 -12.85 32.07
CA ASN B 522 -11.12 -12.90 30.88
C ASN B 522 -11.37 -14.21 30.11
N SER B 523 -11.60 -14.08 28.82
CA SER B 523 -11.88 -15.25 27.97
C SER B 523 -10.66 -16.18 27.88
N LEU B 524 -9.46 -15.62 27.94
CA LEU B 524 -8.18 -16.37 27.78
C LEU B 524 -7.15 -15.74 28.68
N LEU B 525 -6.22 -16.53 29.22
CA LEU B 525 -5.25 -16.00 30.17
C LEU B 525 -3.82 -16.43 30.13
N ILE B 526 -3.42 -17.37 29.26
CA ILE B 526 -2.04 -17.93 29.34
C ILE B 526 -1.56 -18.09 27.91
N ALA B 527 -0.39 -17.53 27.62
CA ALA B 527 0.28 -17.61 26.32
C ALA B 527 1.78 -17.33 26.37
N PRO B 528 2.58 -18.41 26.45
CA PRO B 528 4.01 -18.24 26.43
C PRO B 528 4.55 -17.60 25.17
N MET B 529 4.96 -16.33 25.30
CA MET B 529 5.53 -15.52 24.21
C MET B 529 7.09 -15.65 24.14
N PRO B 530 7.74 -15.07 23.12
CA PRO B 530 9.20 -15.28 22.95
C PRO B 530 10.13 -14.69 24.04
N THR B 531 9.78 -13.54 24.59
CA THR B 531 10.58 -12.86 25.62
C THR B 531 12.00 -12.53 25.18
N ALA B 532 12.18 -12.24 23.91
CA ALA B 532 13.52 -12.02 23.34
C ALA B 532 14.29 -10.84 23.97
N SER B 533 13.62 -9.74 24.31
CA SER B 533 14.31 -8.61 24.94
C SER B 533 14.31 -8.65 26.44
N THR B 534 13.12 -8.83 27.03
CA THR B 534 13.01 -8.84 28.45
C THR B 534 13.82 -9.94 29.10
N ALA B 535 13.91 -11.11 28.50
CA ALA B 535 14.80 -12.15 29.08
C ALA B 535 16.27 -11.74 29.14
N GLN B 536 16.69 -11.00 28.14
CA GLN B 536 18.06 -10.44 28.08
C GLN B 536 18.21 -9.37 29.21
N ILE B 537 17.17 -8.55 29.39
CA ILE B 537 17.19 -7.55 30.46
C ILE B 537 17.26 -8.22 31.83
N LEU B 538 16.38 -9.19 32.11
CA LEU B 538 16.36 -9.84 33.38
C LEU B 538 17.47 -10.84 33.60
N GLY B 539 18.20 -11.19 32.53
CA GLY B 539 19.27 -12.20 32.61
C GLY B 539 18.84 -13.67 32.67
N ASN B 540 17.74 -14.00 32.02
CA ASN B 540 17.20 -15.38 32.04
C ASN B 540 17.22 -15.93 30.64
N ASN B 541 17.36 -17.24 30.50
CA ASN B 541 17.03 -17.93 29.25
C ASN B 541 15.57 -17.60 28.80
N GLU B 542 15.38 -17.50 27.49
CA GLU B 542 14.13 -17.10 26.88
C GLU B 542 12.98 -18.11 27.13
N SER B 543 11.81 -17.59 27.50
CA SER B 543 10.57 -18.31 27.59
C SER B 543 10.71 -19.75 28.06
N ILE B 544 10.27 -20.70 27.25
CA ILE B 544 10.22 -22.09 27.57
C ILE B 544 11.38 -22.84 26.88
N GLU B 545 12.37 -22.10 26.44
CA GLU B 545 13.40 -22.70 25.56
C GLU B 545 14.34 -23.48 26.41
N PRO B 546 14.91 -24.57 25.88
CA PRO B 546 16.09 -25.09 26.56
C PRO B 546 17.28 -24.14 26.52
N TYR B 547 18.16 -24.43 27.44
CA TYR B 547 19.39 -23.77 27.64
C TYR B 547 20.19 -23.65 26.33
N THR B 548 20.45 -22.41 25.99
CA THR B 548 20.94 -22.07 24.67
C THR B 548 22.42 -22.43 24.49
N SER B 549 23.22 -22.04 25.47
CA SER B 549 24.64 -22.25 25.39
C SER B 549 25.31 -22.06 26.72
N ASN B 550 26.48 -22.64 26.89
CA ASN B 550 27.23 -22.35 28.13
C ASN B 550 28.01 -21.02 28.22
N ILE B 551 28.19 -20.32 27.10
CA ILE B 551 28.87 -18.99 27.03
C ILE B 551 28.01 -18.05 26.21
N TYR B 552 28.06 -16.77 26.60
CA TYR B 552 27.55 -15.66 25.79
C TYR B 552 28.74 -14.81 25.31
N THR B 553 28.77 -14.40 24.05
CA THR B 553 29.97 -13.74 23.45
C THR B 553 29.70 -12.32 22.93
N PHE B 561 34.20 -9.48 25.48
CA PHE B 561 33.31 -10.13 26.46
C PHE B 561 32.88 -11.57 26.07
N GLN B 562 33.33 -12.55 26.86
CA GLN B 562 32.85 -13.95 26.73
C GLN B 562 32.39 -14.42 28.10
N ILE B 563 31.08 -14.37 28.29
CA ILE B 563 30.45 -14.49 29.61
C ILE B 563 29.98 -15.95 29.75
N VAL B 564 30.68 -16.73 30.57
CA VAL B 564 30.27 -18.08 30.87
C VAL B 564 28.97 -17.97 31.68
N ASN B 565 28.06 -18.89 31.41
CA ASN B 565 26.75 -18.90 32.06
C ASN B 565 26.91 -18.83 33.59
N PRO B 566 26.29 -17.82 34.24
CA PRO B 566 26.46 -17.66 35.68
C PRO B 566 26.19 -18.93 36.55
N HIS B 567 25.21 -19.75 36.19
CA HIS B 567 24.89 -20.95 36.99
C HIS B 567 26.05 -21.93 36.92
N LEU B 568 26.51 -22.19 35.72
CA LEU B 568 27.62 -23.11 35.51
C LEU B 568 28.87 -22.62 36.20
N LEU B 569 29.22 -21.36 35.95
CA LEU B 569 30.39 -20.76 36.59
C LEU B 569 30.34 -21.02 38.09
N LYS B 570 29.18 -20.72 38.66
CA LYS B 570 28.97 -20.91 40.08
C LYS B 570 29.15 -22.35 40.54
N ASP B 571 28.55 -23.28 39.81
CA ASP B 571 28.64 -24.67 40.17
C ASP B 571 30.09 -25.14 40.07
N LEU B 572 30.78 -24.72 39.02
CA LEU B 572 32.16 -25.20 38.83
C LEU B 572 33.11 -24.62 39.86
N THR B 573 32.96 -23.32 40.15
CA THR B 573 33.83 -22.66 41.14
C THR B 573 33.62 -23.33 42.49
N GLU B 574 32.37 -23.41 42.97
CA GLU B 574 32.07 -24.10 44.24
C GLU B 574 32.64 -25.50 44.38
N ARG B 575 32.59 -26.31 43.32
CA ARG B 575 33.11 -27.71 43.44
C ARG B 575 34.63 -27.75 43.16
N GLY B 576 35.25 -26.55 43.04
CA GLY B 576 36.69 -26.41 42.90
C GLY B 576 37.25 -26.71 41.53
N LEU B 577 36.40 -26.75 40.50
CA LEU B 577 36.83 -27.13 39.15
C LEU B 577 37.02 -25.99 38.19
N TRP B 578 36.75 -24.75 38.59
CA TRP B 578 36.90 -23.66 37.66
C TRP B 578 38.37 -23.22 37.47
N HIS B 579 38.75 -23.01 36.21
CA HIS B 579 40.05 -22.47 35.79
C HIS B 579 39.84 -21.74 34.48
N GLU B 580 40.48 -20.58 34.31
CA GLU B 580 40.39 -19.80 33.07
C GLU B 580 40.51 -20.66 31.81
N GLU B 581 41.34 -21.72 31.84
CA GLU B 581 41.44 -22.75 30.76
C GLU B 581 40.12 -23.36 30.27
N MET B 582 39.18 -23.51 31.20
CA MET B 582 37.88 -24.11 30.91
C MET B 582 37.03 -23.20 30.04
N LYS B 583 37.10 -21.90 30.29
CA LYS B 583 36.39 -20.91 29.46
C LYS B 583 36.76 -21.04 27.96
N ASN B 584 38.07 -21.17 27.73
CA ASN B 584 38.62 -21.44 26.38
C ASN B 584 38.20 -22.78 25.78
N GLN B 585 38.19 -23.85 26.57
CA GLN B 585 37.63 -25.11 26.08
C GLN B 585 36.16 -25.01 25.71
N ILE B 586 35.39 -24.27 26.52
CA ILE B 586 33.93 -24.12 26.29
C ILE B 586 33.71 -23.37 24.98
N ILE B 587 34.37 -22.21 24.82
CA ILE B 587 34.36 -21.46 23.55
C ILE B 587 34.76 -22.37 22.39
N ALA B 588 35.86 -23.10 22.57
CA ALA B 588 36.37 -23.99 21.49
C ALA B 588 35.31 -25.01 21.07
N CYS B 589 34.58 -25.53 22.05
CA CYS B 589 33.51 -26.50 21.83
C CYS B 589 32.15 -25.80 21.53
N ASN B 590 32.20 -24.51 21.15
CA ASN B 590 31.04 -23.62 20.92
C ASN B 590 29.77 -23.83 21.78
N GLY B 591 29.96 -23.58 23.06
CA GLY B 591 28.86 -23.55 24.01
C GLY B 591 28.55 -24.85 24.71
N SER B 592 29.13 -25.94 24.26
CA SER B 592 28.93 -27.24 24.87
C SER B 592 30.00 -27.53 25.91
N ILE B 593 29.60 -28.26 26.97
CA ILE B 593 30.57 -28.79 27.95
C ILE B 593 30.72 -30.32 27.92
N GLN B 594 30.02 -30.99 26.99
CA GLN B 594 29.89 -32.43 27.01
C GLN B 594 31.22 -33.18 26.80
N SER B 595 32.18 -32.57 26.12
CA SER B 595 33.48 -33.23 25.93
C SER B 595 34.63 -32.59 26.73
N ILE B 596 34.33 -31.91 27.83
CA ILE B 596 35.34 -31.53 28.80
C ILE B 596 35.48 -32.67 29.82
N PRO B 597 36.60 -33.43 29.76
CA PRO B 597 36.89 -34.52 30.71
C PRO B 597 36.71 -34.17 32.18
N GLU B 598 37.12 -32.97 32.58
CA GLU B 598 37.16 -32.50 33.96
C GLU B 598 35.80 -32.16 34.55
N ILE B 599 34.73 -32.18 33.77
CA ILE B 599 33.42 -31.84 34.33
C ILE B 599 32.68 -33.12 34.62
N PRO B 600 32.15 -33.25 35.85
CA PRO B 600 31.43 -34.49 36.20
C PRO B 600 30.15 -34.64 35.42
N ASP B 601 29.67 -35.86 35.34
CA ASP B 601 28.56 -36.19 34.49
C ASP B 601 27.24 -35.52 34.89
N ASP B 602 27.04 -35.28 36.18
CA ASP B 602 25.77 -34.73 36.65
C ASP B 602 25.68 -33.28 36.15
N LEU B 603 26.81 -32.54 36.13
CA LEU B 603 26.83 -31.21 35.54
C LEU B 603 26.61 -31.23 34.03
N LYS B 604 27.29 -32.14 33.35
CA LYS B 604 27.15 -32.25 31.91
C LYS B 604 25.69 -32.44 31.54
N GLN B 605 25.02 -33.34 32.22
CA GLN B 605 23.59 -33.56 31.98
C GLN B 605 22.76 -32.28 32.23
N LEU B 606 23.10 -31.56 33.28
CA LEU B 606 22.32 -30.38 33.68
C LEU B 606 22.43 -29.24 32.65
N TYR B 607 23.61 -29.17 32.02
CA TYR B 607 23.99 -28.08 31.15
C TYR B 607 24.12 -28.46 29.68
N LYS B 608 23.42 -29.52 29.27
CA LYS B 608 23.29 -29.84 27.88
C LYS B 608 22.63 -28.64 27.21
N THR B 609 23.03 -28.34 25.98
CA THR B 609 22.42 -27.24 25.24
C THR B 609 21.23 -27.74 24.44
N VAL B 610 20.59 -26.78 23.81
CA VAL B 610 19.46 -27.04 22.95
C VAL B 610 19.76 -28.01 21.79
N TRP B 611 20.99 -27.94 21.29
CA TRP B 611 21.49 -28.82 20.23
C TRP B 611 21.71 -30.25 20.72
N GLU B 612 21.81 -30.44 22.04
CA GLU B 612 22.02 -31.74 22.66
C GLU B 612 20.77 -32.35 23.29
N ILE B 613 19.61 -31.68 23.18
CA ILE B 613 18.37 -32.13 23.78
C ILE B 613 17.41 -32.63 22.69
N SER B 614 16.77 -33.74 22.95
CA SER B 614 15.70 -34.26 22.11
C SER B 614 14.54 -33.30 21.80
N GLN B 615 14.30 -33.07 20.48
CA GLN B 615 13.21 -32.20 20.07
C GLN B 615 11.87 -32.88 20.25
N LYS B 616 11.88 -34.21 20.14
CA LYS B 616 10.75 -35.02 20.51
C LYS B 616 10.34 -34.75 21.94
N THR B 617 11.29 -34.82 22.86
CA THR B 617 10.98 -34.45 24.25
C THR B 617 10.47 -33.00 24.39
N VAL B 618 11.11 -32.06 23.72
CA VAL B 618 10.62 -30.65 23.68
C VAL B 618 9.17 -30.56 23.32
N LEU B 619 8.79 -31.31 22.29
CA LEU B 619 7.42 -31.29 21.82
C LEU B 619 6.46 -31.93 22.79
N LYS B 620 6.91 -33.02 23.39
CA LYS B 620 6.10 -33.66 24.44
C LYS B 620 5.88 -32.78 25.69
N MET B 621 6.94 -32.16 26.15
CA MET B 621 6.84 -31.19 27.26
C MET B 621 5.98 -29.97 26.92
N ALA B 622 6.03 -29.55 25.65
CA ALA B 622 5.13 -28.51 25.18
C ALA B 622 3.66 -28.95 25.26
N ALA B 623 3.38 -30.17 24.82
CA ALA B 623 2.04 -30.68 24.86
C ALA B 623 1.53 -30.85 26.27
N GLU B 624 2.41 -31.35 27.13
CA GLU B 624 2.07 -31.54 28.54
C GLU B 624 1.75 -30.22 29.27
N ARG B 625 2.61 -29.23 29.10
CA ARG B 625 2.30 -27.87 29.64
C ARG B 625 1.15 -27.24 28.89
N GLY B 626 0.94 -27.73 27.65
CA GLY B 626 -0.02 -27.22 26.71
C GLY B 626 -1.49 -27.37 27.21
N ALA B 627 -1.76 -28.38 28.02
CA ALA B 627 -3.09 -28.61 28.56
C ALA B 627 -3.54 -27.61 29.59
N PHE B 628 -2.63 -26.79 30.08
CA PHE B 628 -2.92 -25.74 31.00
C PHE B 628 -2.67 -24.40 30.40
N ILE B 629 -2.69 -24.31 29.07
CA ILE B 629 -2.43 -23.05 28.39
C ILE B 629 -3.53 -22.85 27.41
N ASP B 630 -4.38 -21.82 27.64
CA ASP B 630 -5.61 -21.70 26.95
C ASP B 630 -5.43 -21.10 25.57
N GLN B 631 -4.36 -20.35 25.39
CA GLN B 631 -3.89 -19.97 24.07
C GLN B 631 -2.88 -20.98 23.57
N SER B 632 -1.71 -20.54 23.11
CA SER B 632 -0.67 -21.44 22.60
C SER B 632 0.69 -20.99 23.10
N GLN B 633 1.78 -21.40 22.43
CA GLN B 633 3.13 -21.23 22.83
C GLN B 633 4.09 -20.93 21.62
N SER B 634 4.91 -19.92 21.75
CA SER B 634 5.94 -19.57 20.74
C SER B 634 7.08 -20.60 20.75
N LEU B 635 6.82 -21.77 20.19
CA LEU B 635 7.66 -22.91 20.36
C LEU B 635 8.61 -23.06 19.22
N ASN B 636 9.84 -22.65 19.42
CA ASN B 636 10.85 -22.90 18.43
C ASN B 636 11.37 -24.31 18.44
N ILE B 637 11.93 -24.70 17.32
CA ILE B 637 12.45 -26.06 17.12
C ILE B 637 13.89 -25.94 16.62
N HIS B 638 14.77 -26.62 17.29
CA HIS B 638 16.22 -26.55 17.07
C HIS B 638 16.68 -27.90 16.49
N ILE B 639 17.06 -27.91 15.21
CA ILE B 639 17.52 -29.10 14.50
C ILE B 639 18.77 -28.67 13.71
N ALA B 640 19.92 -29.18 14.12
CA ALA B 640 21.22 -28.73 13.55
C ALA B 640 21.30 -28.88 12.02
N GLU B 641 20.91 -30.07 11.56
CA GLU B 641 20.94 -30.37 10.12
C GLU B 641 19.67 -31.09 9.76
N PRO B 642 18.71 -30.29 9.26
CA PRO B 642 17.43 -30.89 8.94
C PRO B 642 17.55 -31.58 7.61
N ASN B 643 16.71 -32.58 7.41
CA ASN B 643 16.39 -33.13 6.12
C ASN B 643 14.88 -33.40 6.17
N TYR B 644 14.36 -33.99 5.09
CA TYR B 644 12.92 -34.21 4.90
C TYR B 644 12.30 -35.14 5.95
N GLY B 645 13.08 -36.17 6.27
CA GLY B 645 12.64 -37.23 7.19
C GLY B 645 12.56 -36.72 8.61
N LYS B 646 13.58 -35.97 9.01
CA LYS B 646 13.57 -35.24 10.27
C LYS B 646 12.42 -34.23 10.42
N LEU B 647 12.27 -33.33 9.47
CA LEU B 647 11.23 -32.29 9.62
C LEU B 647 9.88 -32.93 9.57
N THR B 648 9.73 -33.99 8.77
CA THR B 648 8.46 -34.66 8.64
C THR B 648 8.06 -35.35 9.96
N SER B 649 9.00 -36.08 10.55
CA SER B 649 8.78 -36.73 11.85
C SER B 649 8.27 -35.72 12.91
N MET B 650 9.04 -34.66 13.00
CA MET B 650 8.88 -33.61 13.97
C MET B 650 7.50 -32.98 13.86
N HIS B 651 7.11 -32.58 12.64
CA HIS B 651 5.85 -31.91 12.41
C HIS B 651 4.73 -32.83 12.75
N PHE B 652 4.84 -34.09 12.30
CA PHE B 652 3.77 -35.02 12.53
C PHE B 652 3.65 -35.41 14.00
N TYR B 653 4.78 -35.49 14.67
CA TYR B 653 4.76 -35.78 16.12
C TYR B 653 4.06 -34.63 16.83
N GLY B 654 4.47 -33.42 16.51
CA GLY B 654 3.82 -32.23 17.09
C GLY B 654 2.33 -32.19 16.88
N TRP B 655 1.91 -32.45 15.64
CA TRP B 655 0.51 -32.42 15.28
C TRP B 655 -0.24 -33.45 16.09
N LYS B 656 0.29 -34.67 16.08
CA LYS B 656 -0.32 -35.74 16.86
C LYS B 656 -0.31 -35.57 18.39
N GLN B 657 0.62 -34.83 18.94
CA GLN B 657 0.55 -34.50 20.38
C GLN B 657 -0.61 -33.55 20.68
N GLY B 658 -1.21 -32.99 19.62
CA GLY B 658 -2.34 -32.09 19.81
C GLY B 658 -1.87 -30.65 19.93
N LEU B 659 -0.64 -30.33 19.56
CA LEU B 659 -0.16 -28.94 19.63
C LEU B 659 -0.94 -27.96 18.76
N LYS B 660 -1.15 -26.76 19.31
CA LYS B 660 -1.78 -25.70 18.58
C LYS B 660 -0.79 -25.05 17.66
N THR B 661 0.45 -24.93 18.13
CA THR B 661 1.52 -24.37 17.41
C THR B 661 2.65 -25.44 17.31
N GLY B 662 2.74 -26.06 16.16
CA GLY B 662 3.69 -27.16 15.95
C GLY B 662 5.10 -26.68 15.85
N MET B 663 5.27 -25.48 15.31
CA MET B 663 6.54 -24.89 15.16
C MET B 663 6.45 -23.40 14.91
N TYR B 664 7.24 -22.64 15.67
CA TYR B 664 7.47 -21.22 15.44
C TYR B 664 8.68 -21.18 14.45
N TYR B 665 9.85 -20.79 14.85
CA TYR B 665 11.00 -20.94 13.97
C TYR B 665 11.67 -22.30 14.03
N LEU B 666 12.07 -22.74 12.85
CA LEU B 666 13.10 -23.76 12.73
C LEU B 666 14.47 -23.09 12.77
N ARG B 667 15.24 -23.39 13.83
CA ARG B 667 16.62 -22.92 13.97
C ARG B 667 17.57 -24.08 13.73
N THR B 668 18.67 -23.75 13.05
CA THR B 668 19.64 -24.73 12.69
C THR B 668 21.02 -24.15 13.00
N ARG B 669 22.01 -25.02 12.78
CA ARG B 669 23.43 -24.69 12.82
C ARG B 669 24.06 -24.96 11.47
PA TTP C . 1.51 11.00 11.37
O1A TTP C . 0.77 9.69 11.14
O2A TTP C . 0.90 12.35 11.23
O3A TTP C . 2.21 10.99 12.83
PB TTP C . 1.66 11.80 14.15
O1B TTP C . 1.82 10.70 15.17
O2B TTP C . 0.32 12.50 13.99
O3B TTP C . 2.81 12.92 14.62
PG TTP C . 2.85 14.50 14.16
O1G TTP C . 1.93 15.22 15.13
O2G TTP C . 4.34 14.84 14.19
O3G TTP C . 2.18 14.40 12.78
O5' TTP C . 2.79 10.84 10.37
C5' TTP C . 3.56 12.02 10.20
C4' TTP C . 4.52 11.84 9.04
O4' TTP C . 5.49 10.85 9.42
C3' TTP C . 3.84 11.36 7.73
O3' TTP C . 4.50 11.87 6.54
C2' TTP C . 4.04 9.86 7.85
C1' TTP C . 5.40 9.78 8.48
N1 TTP C . 5.69 8.50 9.12
C2 TTP C . 6.66 7.60 8.54
O2 TTP C . 7.31 7.90 7.45
N3 TTP C . 6.90 6.43 9.11
C4 TTP C . 6.29 6.08 10.26
O4 TTP C . 6.59 4.95 10.75
C5 TTP C . 5.31 7.06 10.84
C5M TTP C . 4.55 6.93 12.05
C6 TTP C . 5.04 8.23 10.22
MG MG D . -0.08 13.93 12.48
C7 E4X E . 14.76 25.50 -27.99
C6 E4X E . 16.01 26.04 -28.23
C8 E4X E . 14.49 24.13 -28.15
C14 E4X E . 18.00 21.63 -28.18
C12 E4X E . 17.35 21.84 -30.57
C11 E4X E . 17.76 22.62 -29.30
C10 E4X E . 16.77 23.66 -28.86
C15 E4X E . 16.94 22.79 -31.64
C17 E4X E . 17.22 24.55 -32.84
C22 E4X E . 17.73 19.76 -33.24
C23 E4X E . 18.26 20.84 -33.97
C24 E4X E . 17.77 21.10 -35.22
C25 E4X E . 16.77 20.26 -35.73
O29 E4X E . 19.63 18.94 -31.97
S21 E4X E . 18.32 19.54 -31.77
O28 E4X E . 17.42 18.68 -31.04
C27 E4X E . 16.72 18.92 -33.77
C26 E4X E . 16.23 19.17 -35.03
BR3 E4X E . 16.16 20.70 -37.43
N13 E4X E . 18.47 20.97 -31.00
N19 E4X E . 15.88 22.79 -32.49
N18 E4X E . 16.10 23.96 -33.26
O16 E4X E . 17.81 23.87 -31.82
O20 E4X E . 17.69 25.62 -33.34
C5 E4X E . 17.12 25.13 -28.69
C4 E4X E . 18.38 25.73 -28.95
C3 E4X E . 18.58 27.10 -28.77
C2 E4X E . 17.53 27.93 -28.31
C1 E4X E . 16.25 27.41 -28.07
C9 E4X E . 15.46 23.23 -28.58
C ACT F . -8.41 10.59 -27.36
O ACT F . -8.60 10.63 -28.59
OXT ACT F . -7.62 9.79 -26.82
CH3 ACT F . -9.19 11.52 -26.51
C ACT G . -5.17 37.92 -39.60
O ACT G . -6.44 37.88 -39.60
OXT ACT G . -4.38 37.01 -40.10
CH3 ACT G . -4.65 39.13 -38.84
MG MG H . -16.60 -7.45 -5.24
C7 E4X I . 9.89 -35.66 16.91
C6 E4X I . 10.35 -36.87 16.41
C8 E4X I . 10.63 -34.48 16.84
C14 E4X I . 13.73 -34.57 13.83
C12 E4X I . 14.90 -34.98 16.11
C11 E4X I . 13.83 -35.46 15.08
C10 E4X I . 12.46 -35.58 15.70
C15 E4X I . 14.78 -35.72 17.42
C17 E4X I . 14.48 -37.52 18.62
C22 E4X I . 18.06 -34.51 17.27
C23 E4X I . 18.17 -35.85 17.69
C24 E4X I . 18.64 -36.12 18.96
C25 E4X I . 19.01 -35.05 19.80
O29 E4X I . 18.60 -34.54 14.86
S21 E4X I . 17.52 -34.20 15.78
O28 E4X I . 17.11 -32.80 15.68
C27 E4X I . 18.43 -33.45 18.11
C26 E4X I . 18.92 -33.73 19.38
BR3 E4X I . 19.66 -35.39 21.54
N13 E4X I . 16.24 -35.14 15.50
N19 E4X I . 14.82 -35.32 18.73
N18 E4X I . 14.62 -36.50 19.47
O16 E4X I . 14.56 -37.10 17.33
O20 E4X I . 14.27 -38.76 18.98
C5 E4X I . 11.69 -36.90 15.75
C4 E4X I . 12.15 -38.14 15.26
C3 E4X I . 11.33 -39.30 15.35
C2 E4X I . 10.07 -39.24 15.96
C1 E4X I . 9.59 -38.04 16.50
C9 E4X I . 11.89 -34.42 16.25
PA TTP J . -13.44 -6.28 -6.14
O1A TTP J . -12.79 -4.92 -5.92
O2A TTP J . -14.60 -6.83 -5.33
O3A TTP J . -14.01 -6.30 -7.71
PB TTP J . -15.58 -6.32 -8.09
O1B TTP J . -15.59 -5.25 -9.15
O2B TTP J . -16.49 -6.08 -6.89
O3B TTP J . -15.96 -7.76 -8.82
PG TTP J . -16.64 -9.08 -8.02
O1G TTP J . -18.11 -8.88 -8.04
O2G TTP J . -16.11 -10.21 -8.89
O3G TTP J . -16.02 -8.92 -6.59
O5' TTP J . -12.18 -7.25 -6.37
C5' TTP J . -12.40 -8.63 -6.38
C4' TTP J . -11.03 -9.29 -6.25
O4' TTP J . -10.30 -9.03 -7.42
C3' TTP J . -10.19 -8.75 -5.08
O3' TTP J . -9.52 -9.81 -4.41
C2' TTP J . -9.15 -7.80 -5.70
C1' TTP J . -9.04 -8.41 -7.09
N1 TTP J . -8.59 -7.39 -8.06
C2 TTP J . -7.22 -7.50 -8.51
O2 TTP J . -6.42 -8.47 -8.13
N3 TTP J . -6.76 -6.62 -9.38
C4 TTP J . -7.53 -5.65 -9.85
O4 TTP J . -6.99 -4.86 -10.65
C5 TTP J . -8.93 -5.55 -9.36
C5M TTP J . -9.89 -4.50 -9.75
C6 TTP J . -9.43 -6.45 -8.47
C ACT K . 7.74 -10.20 27.61
O ACT K . 8.36 -9.94 26.54
OXT ACT K . 8.35 -10.41 28.65
CH3 ACT K . 6.23 -10.24 27.62
S SO4 L . 10.45 -7.40 22.43
O1 SO4 L . 9.76 -7.24 23.74
O2 SO4 L . 11.42 -6.27 22.23
O3 SO4 L . 9.40 -7.31 21.37
O4 SO4 L . 11.22 -8.73 22.33
#